data_8AXO
# 
_entry.id   8AXO 
# 
_audit_conform.dict_name       mmcif_pdbx.dic 
_audit_conform.dict_version    5.396 
_audit_conform.dict_location   http://mmcif.pdb.org/dictionaries/ascii/mmcif_pdbx.dic 
# 
loop_
_database_2.database_id 
_database_2.database_code 
_database_2.pdbx_database_accession 
_database_2.pdbx_DOI 
PDB   8AXO         pdb_00008axo 10.2210/pdb8axo/pdb 
WWPDB D_1292125329 ?            ?                   
# 
loop_
_pdbx_audit_revision_history.ordinal 
_pdbx_audit_revision_history.data_content_type 
_pdbx_audit_revision_history.major_revision 
_pdbx_audit_revision_history.minor_revision 
_pdbx_audit_revision_history.revision_date 
1 'Structure model' 1 0 2023-09-13 
2 'Structure model' 1 1 2023-09-27 
3 'Structure model' 1 2 2024-09-25 
# 
_pdbx_audit_revision_details.ordinal             1 
_pdbx_audit_revision_details.revision_ordinal    1 
_pdbx_audit_revision_details.data_content_type   'Structure model' 
_pdbx_audit_revision_details.provider            repository 
_pdbx_audit_revision_details.type                'Initial release' 
_pdbx_audit_revision_details.description         ? 
_pdbx_audit_revision_details.details             ? 
# 
loop_
_pdbx_audit_revision_group.ordinal 
_pdbx_audit_revision_group.revision_ordinal 
_pdbx_audit_revision_group.data_content_type 
_pdbx_audit_revision_group.group 
1 2 'Structure model' 'Data collection'     
2 3 'Structure model' 'Database references' 
# 
loop_
_pdbx_audit_revision_category.ordinal 
_pdbx_audit_revision_category.revision_ordinal 
_pdbx_audit_revision_category.data_content_type 
_pdbx_audit_revision_category.category 
1 2 'Structure model' diffrn          
2 3 'Structure model' citation        
3 3 'Structure model' citation_author 
# 
loop_
_pdbx_audit_revision_item.ordinal 
_pdbx_audit_revision_item.revision_ordinal 
_pdbx_audit_revision_item.data_content_type 
_pdbx_audit_revision_item.item 
1  2 'Structure model' '_diffrn.ambient_temp'              
2  3 'Structure model' '_citation.country'                 
3  3 'Structure model' '_citation.journal_abbrev'          
4  3 'Structure model' '_citation.journal_id_CSD'          
5  3 'Structure model' '_citation.journal_id_ISSN'         
6  3 'Structure model' '_citation.journal_volume'          
7  3 'Structure model' '_citation.page_first'              
8  3 'Structure model' '_citation.page_last'               
9  3 'Structure model' '_citation.pdbx_database_id_DOI'    
10 3 'Structure model' '_citation.pdbx_database_id_PubMed' 
11 3 'Structure model' '_citation.title'                   
12 3 'Structure model' '_citation.year'                    
# 
_pdbx_database_status.status_code                     REL 
_pdbx_database_status.status_code_sf                  REL 
_pdbx_database_status.status_code_mr                  ? 
_pdbx_database_status.entry_id                        8AXO 
_pdbx_database_status.recvd_initial_deposition_date   2022-08-31 
_pdbx_database_status.SG_entry                        N 
_pdbx_database_status.deposit_site                    PDBE 
_pdbx_database_status.process_site                    PDBE 
_pdbx_database_status.status_code_cs                  ? 
_pdbx_database_status.status_code_nmr_data            ? 
_pdbx_database_status.methods_development_category    ? 
_pdbx_database_status.pdb_format_compatible           Y 
# 
_pdbx_database_related.db_name        PDB 
_pdbx_database_related.details        'Different domains of the same protein' 
_pdbx_database_related.db_id          8AXJ 
_pdbx_database_related.content_type   unspecified 
# 
_pdbx_contact_author.id                 2 
_pdbx_contact_author.email              gang.dong@meduniwien.ac.at 
_pdbx_contact_author.name_first         Gang 
_pdbx_contact_author.name_last          Dong 
_pdbx_contact_author.name_mi            ? 
_pdbx_contact_author.role               'principal investigator/group leader' 
_pdbx_contact_author.identifier_ORCID   0000-0001-9745-8103 
# 
loop_
_audit_author.name 
_audit_author.pdbx_ordinal 
_audit_author.identifier_ORCID 
'Dong, G.'    1 0000-0001-9745-8103 
'Stadler, A.' 2 ?                   
# 
_citation.abstract                  ? 
_citation.abstract_id_CAS           ? 
_citation.book_id_ISBN              ? 
_citation.book_publisher            ? 
_citation.book_publisher_city       ? 
_citation.book_title                ? 
_citation.coordinate_linkage        ? 
_citation.country                   UK 
_citation.database_id_Medline       ? 
_citation.details                   ? 
_citation.id                        primary 
_citation.journal_abbrev            'Open Biology' 
_citation.journal_id_ASTM           ? 
_citation.journal_id_CSD            ? 
_citation.journal_id_ISSN           2046-2441 
_citation.journal_full              ? 
_citation.journal_issue             ? 
_citation.journal_volume            14 
_citation.language                  ? 
_citation.page_first                240128 
_citation.page_last                 240128 
_citation.title                     
'The C-terminus of CFAP410 forms a tetrameric helical bundle that is essential for its localization to the basal body.' 
_citation.year                      2024 
_citation.database_id_CSD           ? 
_citation.pdbx_database_id_DOI      10.1098/rsob.240128 
_citation.pdbx_database_id_PubMed   39255848 
_citation.pdbx_database_id_patent   ? 
_citation.unpublished_flag          ? 
# 
loop_
_citation_author.citation_id 
_citation_author.name 
_citation_author.ordinal 
_citation_author.identifier_ORCID 
primary 'Stadler, A.'    1  ?                   
primary 'De Liz, L.V.'   2  ?                   
primary 'Gabriel, H.B.'  3  ?                   
primary 'Alonso-Gil, S.' 4  ?                   
primary 'Crickley, R.'   5  ?                   
primary 'Korbula, K.'    6  ?                   
primary 'Zagrovic, B.'   7  ?                   
primary 'Vaughan, S.'    8  ?                   
primary 'Sunter, J.D.'   9  0000-0002-2836-9622 
primary 'Dong, G.'       10 0000-0001-9745-8103 
# 
loop_
_entity.id 
_entity.type 
_entity.src_method 
_entity.pdbx_description 
_entity.formula_weight 
_entity.pdbx_number_of_molecules 
_entity.pdbx_ec 
_entity.pdbx_mutation 
_entity.pdbx_fragment 
_entity.details 
1 polymer man TbCFAP410-CTD 3913.451 2  ? ? ? ? 
2 water   nat water         18.015   33 ? ? ? ? 
# 
_entity_poly.entity_id                      1 
_entity_poly.type                           'polypeptide(L)' 
_entity_poly.nstd_linkage                   no 
_entity_poly.nstd_monomer                   no 
_entity_poly.pdbx_seq_one_letter_code       QIGPTETGVVQAVKVLLSELSVEGLDEVRRFIDALQ 
_entity_poly.pdbx_seq_one_letter_code_can   QIGPTETGVVQAVKVLLSELSVEGLDEVRRFIDALQ 
_entity_poly.pdbx_strand_id                 A,B 
_entity_poly.pdbx_target_identifier         ? 
# 
_pdbx_entity_nonpoly.entity_id   2 
_pdbx_entity_nonpoly.name        water 
_pdbx_entity_nonpoly.comp_id     HOH 
# 
loop_
_entity_poly_seq.entity_id 
_entity_poly_seq.num 
_entity_poly_seq.mon_id 
_entity_poly_seq.hetero 
1 1  GLN n 
1 2  ILE n 
1 3  GLY n 
1 4  PRO n 
1 5  THR n 
1 6  GLU n 
1 7  THR n 
1 8  GLY n 
1 9  VAL n 
1 10 VAL n 
1 11 GLN n 
1 12 ALA n 
1 13 VAL n 
1 14 LYS n 
1 15 VAL n 
1 16 LEU n 
1 17 LEU n 
1 18 SER n 
1 19 GLU n 
1 20 LEU n 
1 21 SER n 
1 22 VAL n 
1 23 GLU n 
1 24 GLY n 
1 25 LEU n 
1 26 ASP n 
1 27 GLU n 
1 28 VAL n 
1 29 ARG n 
1 30 ARG n 
1 31 PHE n 
1 32 ILE n 
1 33 ASP n 
1 34 ALA n 
1 35 LEU n 
1 36 GLN n 
# 
_entity_src_gen.entity_id                          1 
_entity_src_gen.pdbx_src_id                        1 
_entity_src_gen.pdbx_alt_source_flag               sample 
_entity_src_gen.pdbx_seq_type                      'Biological sequence' 
_entity_src_gen.pdbx_beg_seq_num                   1 
_entity_src_gen.pdbx_end_seq_num                   36 
_entity_src_gen.gene_src_common_name               ? 
_entity_src_gen.gene_src_genus                     ? 
_entity_src_gen.pdbx_gene_src_gene                 Tb09.211.3240 
_entity_src_gen.gene_src_species                   ? 
_entity_src_gen.gene_src_strain                    '927/4 GUTat10.1' 
_entity_src_gen.gene_src_tissue                    ? 
_entity_src_gen.gene_src_tissue_fraction           ? 
_entity_src_gen.gene_src_details                   ? 
_entity_src_gen.pdbx_gene_src_fragment             ? 
_entity_src_gen.pdbx_gene_src_scientific_name      'Trypanosoma brucei brucei TREU927' 
_entity_src_gen.pdbx_gene_src_ncbi_taxonomy_id     185431 
_entity_src_gen.pdbx_gene_src_variant              ? 
_entity_src_gen.pdbx_gene_src_cell_line            ? 
_entity_src_gen.pdbx_gene_src_atcc                 ? 
_entity_src_gen.pdbx_gene_src_organ                ? 
_entity_src_gen.pdbx_gene_src_organelle            ? 
_entity_src_gen.pdbx_gene_src_cell                 ? 
_entity_src_gen.pdbx_gene_src_cellular_location    ? 
_entity_src_gen.host_org_common_name               ? 
_entity_src_gen.pdbx_host_org_scientific_name      'Escherichia coli BL21(DE3)' 
_entity_src_gen.pdbx_host_org_ncbi_taxonomy_id     469008 
_entity_src_gen.host_org_genus                     ? 
_entity_src_gen.pdbx_host_org_gene                 ? 
_entity_src_gen.pdbx_host_org_organ                ? 
_entity_src_gen.host_org_species                   ? 
_entity_src_gen.pdbx_host_org_tissue               ? 
_entity_src_gen.pdbx_host_org_tissue_fraction      ? 
_entity_src_gen.pdbx_host_org_strain               ? 
_entity_src_gen.pdbx_host_org_variant              ? 
_entity_src_gen.pdbx_host_org_cell_line            ? 
_entity_src_gen.pdbx_host_org_atcc                 ? 
_entity_src_gen.pdbx_host_org_culture_collection   ? 
_entity_src_gen.pdbx_host_org_cell                 ? 
_entity_src_gen.pdbx_host_org_organelle            ? 
_entity_src_gen.pdbx_host_org_cellular_location    ? 
_entity_src_gen.pdbx_host_org_vector_type          ? 
_entity_src_gen.pdbx_host_org_vector               ? 
_entity_src_gen.host_org_details                   ? 
_entity_src_gen.expression_system_id               ? 
_entity_src_gen.plasmid_name                       ? 
_entity_src_gen.plasmid_details                    ? 
_entity_src_gen.pdbx_description                   ? 
# 
loop_
_chem_comp.id 
_chem_comp.type 
_chem_comp.mon_nstd_flag 
_chem_comp.name 
_chem_comp.pdbx_synonyms 
_chem_comp.formula 
_chem_comp.formula_weight 
ALA 'L-peptide linking' y ALANINE         ? 'C3 H7 N O2'     89.093  
ARG 'L-peptide linking' y ARGININE        ? 'C6 H15 N4 O2 1' 175.209 
ASP 'L-peptide linking' y 'ASPARTIC ACID' ? 'C4 H7 N O4'     133.103 
GLN 'L-peptide linking' y GLUTAMINE       ? 'C5 H10 N2 O3'   146.144 
GLU 'L-peptide linking' y 'GLUTAMIC ACID' ? 'C5 H9 N O4'     147.129 
GLY 'peptide linking'   y GLYCINE         ? 'C2 H5 N O2'     75.067  
HOH non-polymer         . WATER           ? 'H2 O'           18.015  
ILE 'L-peptide linking' y ISOLEUCINE      ? 'C6 H13 N O2'    131.173 
LEU 'L-peptide linking' y LEUCINE         ? 'C6 H13 N O2'    131.173 
LYS 'L-peptide linking' y LYSINE          ? 'C6 H15 N2 O2 1' 147.195 
PHE 'L-peptide linking' y PHENYLALANINE   ? 'C9 H11 N O2'    165.189 
PRO 'L-peptide linking' y PROLINE         ? 'C5 H9 N O2'     115.130 
SER 'L-peptide linking' y SERINE          ? 'C3 H7 N O3'     105.093 
THR 'L-peptide linking' y THREONINE       ? 'C4 H9 N O3'     119.119 
VAL 'L-peptide linking' y VALINE          ? 'C5 H11 N O2'    117.146 
# 
loop_
_pdbx_poly_seq_scheme.asym_id 
_pdbx_poly_seq_scheme.entity_id 
_pdbx_poly_seq_scheme.seq_id 
_pdbx_poly_seq_scheme.mon_id 
_pdbx_poly_seq_scheme.ndb_seq_num 
_pdbx_poly_seq_scheme.pdb_seq_num 
_pdbx_poly_seq_scheme.auth_seq_num 
_pdbx_poly_seq_scheme.pdb_mon_id 
_pdbx_poly_seq_scheme.auth_mon_id 
_pdbx_poly_seq_scheme.pdb_strand_id 
_pdbx_poly_seq_scheme.pdb_ins_code 
_pdbx_poly_seq_scheme.hetero 
A 1 1  GLN 1  256 ?   ?   ?   A . n 
A 1 2  ILE 2  257 ?   ?   ?   A . n 
A 1 3  GLY 3  258 ?   ?   ?   A . n 
A 1 4  PRO 4  259 259 PRO PRO A . n 
A 1 5  THR 5  260 260 THR THR A . n 
A 1 6  GLU 6  261 261 GLU GLU A . n 
A 1 7  THR 7  262 262 THR THR A . n 
A 1 8  GLY 8  263 263 GLY GLY A . n 
A 1 9  VAL 9  264 264 VAL VAL A . n 
A 1 10 VAL 10 265 265 VAL VAL A . n 
A 1 11 GLN 11 266 266 GLN GLN A . n 
A 1 12 ALA 12 267 267 ALA ALA A . n 
A 1 13 VAL 13 268 268 VAL VAL A . n 
A 1 14 LYS 14 269 269 LYS LYS A . n 
A 1 15 VAL 15 270 270 VAL VAL A . n 
A 1 16 LEU 16 271 271 LEU LEU A . n 
A 1 17 LEU 17 272 272 LEU LEU A . n 
A 1 18 SER 18 273 273 SER SER A . n 
A 1 19 GLU 19 274 274 GLU GLU A . n 
A 1 20 LEU 20 275 275 LEU LEU A . n 
A 1 21 SER 21 276 276 SER SER A . n 
A 1 22 VAL 22 277 277 VAL VAL A . n 
A 1 23 GLU 23 278 278 GLU GLU A . n 
A 1 24 GLY 24 279 279 GLY GLY A . n 
A 1 25 LEU 25 280 280 LEU LEU A . n 
A 1 26 ASP 26 281 281 ASP ASP A . n 
A 1 27 GLU 27 282 282 GLU GLU A . n 
A 1 28 VAL 28 283 283 VAL VAL A . n 
A 1 29 ARG 29 284 284 ARG ARG A . n 
A 1 30 ARG 30 285 285 ARG ARG A . n 
A 1 31 PHE 31 286 286 PHE PHE A . n 
A 1 32 ILE 32 287 287 ILE ILE A . n 
A 1 33 ASP 33 288 288 ASP ASP A . n 
A 1 34 ALA 34 289 289 ALA ALA A . n 
A 1 35 LEU 35 290 290 LEU LEU A . n 
A 1 36 GLN 36 291 ?   ?   ?   A . n 
B 1 1  GLN 1  256 ?   ?   ?   B . n 
B 1 2  ILE 2  257 ?   ?   ?   B . n 
B 1 3  GLY 3  258 ?   ?   ?   B . n 
B 1 4  PRO 4  259 259 PRO PRO B . n 
B 1 5  THR 5  260 260 THR THR B . n 
B 1 6  GLU 6  261 261 GLU GLU B . n 
B 1 7  THR 7  262 262 THR THR B . n 
B 1 8  GLY 8  263 263 GLY GLY B . n 
B 1 9  VAL 9  264 264 VAL VAL B . n 
B 1 10 VAL 10 265 265 VAL VAL B . n 
B 1 11 GLN 11 266 266 GLN GLN B . n 
B 1 12 ALA 12 267 267 ALA ALA B . n 
B 1 13 VAL 13 268 268 VAL VAL B . n 
B 1 14 LYS 14 269 269 LYS LYS B . n 
B 1 15 VAL 15 270 270 VAL VAL B . n 
B 1 16 LEU 16 271 271 LEU LEU B . n 
B 1 17 LEU 17 272 272 LEU LEU B . n 
B 1 18 SER 18 273 273 SER SER B . n 
B 1 19 GLU 19 274 274 GLU GLU B . n 
B 1 20 LEU 20 275 275 LEU LEU B . n 
B 1 21 SER 21 276 276 SER SER B . n 
B 1 22 VAL 22 277 277 VAL VAL B . n 
B 1 23 GLU 23 278 278 GLU GLU B . n 
B 1 24 GLY 24 279 279 GLY GLY B . n 
B 1 25 LEU 25 280 280 LEU LEU B . n 
B 1 26 ASP 26 281 281 ASP ASP B . n 
B 1 27 GLU 27 282 282 GLU GLU B . n 
B 1 28 VAL 28 283 283 VAL VAL B . n 
B 1 29 ARG 29 284 284 ARG ARG B . n 
B 1 30 ARG 30 285 285 ARG ARG B . n 
B 1 31 PHE 31 286 286 PHE PHE B . n 
B 1 32 ILE 32 287 287 ILE ILE B . n 
B 1 33 ASP 33 288 288 ASP ASP B . n 
B 1 34 ALA 34 289 289 ALA ALA B . n 
B 1 35 LEU 35 290 290 LEU LEU B . n 
B 1 36 GLN 36 291 291 GLN GLN B . n 
# 
loop_
_pdbx_nonpoly_scheme.asym_id 
_pdbx_nonpoly_scheme.entity_id 
_pdbx_nonpoly_scheme.mon_id 
_pdbx_nonpoly_scheme.ndb_seq_num 
_pdbx_nonpoly_scheme.pdb_seq_num 
_pdbx_nonpoly_scheme.auth_seq_num 
_pdbx_nonpoly_scheme.pdb_mon_id 
_pdbx_nonpoly_scheme.auth_mon_id 
_pdbx_nonpoly_scheme.pdb_strand_id 
_pdbx_nonpoly_scheme.pdb_ins_code 
C 2 HOH 1  301 28 HOH HOH A . 
C 2 HOH 2  302 27 HOH HOH A . 
C 2 HOH 3  303 16 HOH HOH A . 
C 2 HOH 4  304 5  HOH HOH A . 
C 2 HOH 5  305 7  HOH HOH A . 
C 2 HOH 6  306 12 HOH HOH A . 
C 2 HOH 7  307 8  HOH HOH A . 
C 2 HOH 8  308 3  HOH HOH A . 
C 2 HOH 9  309 33 HOH HOH A . 
C 2 HOH 10 310 4  HOH HOH A . 
C 2 HOH 11 311 10 HOH HOH A . 
C 2 HOH 12 312 23 HOH HOH A . 
C 2 HOH 13 313 6  HOH HOH A . 
C 2 HOH 14 314 18 HOH HOH A . 
C 2 HOH 15 315 13 HOH HOH A . 
C 2 HOH 16 316 19 HOH HOH A . 
C 2 HOH 17 317 22 HOH HOH A . 
C 2 HOH 18 318 15 HOH HOH A . 
D 2 HOH 1  301 21 HOH HOH B . 
D 2 HOH 2  302 2  HOH HOH B . 
D 2 HOH 3  303 26 HOH HOH B . 
D 2 HOH 4  304 9  HOH HOH B . 
D 2 HOH 5  305 20 HOH HOH B . 
D 2 HOH 6  306 1  HOH HOH B . 
D 2 HOH 7  307 11 HOH HOH B . 
D 2 HOH 8  308 32 HOH HOH B . 
D 2 HOH 9  309 14 HOH HOH B . 
D 2 HOH 10 310 17 HOH HOH B . 
D 2 HOH 11 311 25 HOH HOH B . 
D 2 HOH 12 312 29 HOH HOH B . 
D 2 HOH 13 313 31 HOH HOH B . 
D 2 HOH 14 314 24 HOH HOH B . 
D 2 HOH 15 315 30 HOH HOH B . 
# 
loop_
_software.citation_id 
_software.classification 
_software.compiler_name 
_software.compiler_version 
_software.contact_author 
_software.contact_author_email 
_software.date 
_software.description 
_software.dependencies 
_software.hardware 
_software.language 
_software.location 
_software.mods 
_software.name 
_software.os 
_software.os_version 
_software.type 
_software.version 
_software.pdbx_ordinal 
? refinement       ? ? ? ? ? ? ? ? ? ? ? PHENIX ? ? ? 1.18_3845 1 
? refinement       ? ? ? ? ? ? ? ? ? ? ? PHENIX ? ? ? 1.18_3845 2 
? 'data reduction' ? ? ? ? ? ? ? ? ? ? ? xia2   ? ? ? .         3 
? 'data scaling'   ? ? ? ? ? ? ? ? ? ? ? xia2   ? ? ? .         4 
? phasing          ? ? ? ? ? ? ? ? ? ? ? PHASER ? ? ? .         5 
# 
_cell.angle_alpha                  90.000 
_cell.angle_alpha_esd              ? 
_cell.angle_beta                   90.000 
_cell.angle_beta_esd               ? 
_cell.angle_gamma                  120.000 
_cell.angle_gamma_esd              ? 
_cell.entry_id                     8AXO 
_cell.details                      ? 
_cell.formula_units_Z              ? 
_cell.length_a                     40.107 
_cell.length_a_esd                 ? 
_cell.length_b                     40.107 
_cell.length_b_esd                 ? 
_cell.length_c                     62.684 
_cell.length_c_esd                 ? 
_cell.volume                       87322.807 
_cell.volume_esd                   ? 
_cell.Z_PDB                        12 
_cell.reciprocal_angle_alpha       ? 
_cell.reciprocal_angle_beta        ? 
_cell.reciprocal_angle_gamma       ? 
_cell.reciprocal_angle_alpha_esd   ? 
_cell.reciprocal_angle_beta_esd    ? 
_cell.reciprocal_angle_gamma_esd   ? 
_cell.reciprocal_length_a          ? 
_cell.reciprocal_length_b          ? 
_cell.reciprocal_length_c          ? 
_cell.reciprocal_length_a_esd      ? 
_cell.reciprocal_length_b_esd      ? 
_cell.reciprocal_length_c_esd      ? 
_cell.pdbx_unique_axis             ? 
_cell.pdbx_esd_method              ? 
# 
_symmetry.entry_id                         8AXO 
_symmetry.cell_setting                     ? 
_symmetry.Int_Tables_number                154 
_symmetry.space_group_name_Hall            
;P 32 2"
;
_symmetry.space_group_name_H-M             'P 32 2 1' 
_symmetry.pdbx_full_space_group_name_H-M   ? 
# 
_exptl.absorpt_coefficient_mu     ? 
_exptl.absorpt_correction_T_max   ? 
_exptl.absorpt_correction_T_min   ? 
_exptl.absorpt_correction_type    ? 
_exptl.absorpt_process_details    ? 
_exptl.entry_id                   8AXO 
_exptl.crystals_number            1 
_exptl.details                    ? 
_exptl.method                     'X-RAY DIFFRACTION' 
_exptl.method_details             ? 
# 
_exptl_crystal.colour                       ? 
_exptl_crystal.density_diffrn               ? 
_exptl_crystal.density_Matthews             1.86 
_exptl_crystal.density_method               ? 
_exptl_crystal.density_percent_sol          33.85 
_exptl_crystal.description                  ? 
_exptl_crystal.F_000                        ? 
_exptl_crystal.id                           1 
_exptl_crystal.preparation                  ? 
_exptl_crystal.size_max                     ? 
_exptl_crystal.size_mid                     ? 
_exptl_crystal.size_min                     ? 
_exptl_crystal.size_rad                     ? 
_exptl_crystal.colour_lustre                ? 
_exptl_crystal.colour_modifier              ? 
_exptl_crystal.colour_primary               ? 
_exptl_crystal.density_meas                 ? 
_exptl_crystal.density_meas_esd             ? 
_exptl_crystal.density_meas_gt              ? 
_exptl_crystal.density_meas_lt              ? 
_exptl_crystal.density_meas_temp            ? 
_exptl_crystal.density_meas_temp_esd        ? 
_exptl_crystal.density_meas_temp_gt         ? 
_exptl_crystal.density_meas_temp_lt         ? 
_exptl_crystal.pdbx_crystal_image_url       ? 
_exptl_crystal.pdbx_crystal_image_format    ? 
_exptl_crystal.pdbx_mosaicity               ? 
_exptl_crystal.pdbx_mosaicity_esd           ? 
_exptl_crystal.pdbx_mosaic_method           ? 
_exptl_crystal.pdbx_mosaic_block_size       ? 
_exptl_crystal.pdbx_mosaic_block_size_esd   ? 
# 
_exptl_crystal_grow.apparatus       ? 
_exptl_crystal_grow.atmosphere      ? 
_exptl_crystal_grow.crystal_id      1 
_exptl_crystal_grow.details         ? 
_exptl_crystal_grow.method          EVAPORATION 
_exptl_crystal_grow.method_ref      ? 
_exptl_crystal_grow.pH              ? 
_exptl_crystal_grow.pressure        ? 
_exptl_crystal_grow.pressure_esd    ? 
_exptl_crystal_grow.seeding         ? 
_exptl_crystal_grow.seeding_ref     ? 
_exptl_crystal_grow.temp            277 
_exptl_crystal_grow.temp_details    ? 
_exptl_crystal_grow.temp_esd        ? 
_exptl_crystal_grow.time            ? 
_exptl_crystal_grow.pdbx_details    
;2.0 M ammonium sulfate,
5% (v/v) iso-propanol
;
_exptl_crystal_grow.pdbx_pH_range   7.0-7.5 
# 
_diffrn.ambient_environment              ? 
_diffrn.ambient_temp                     100 
_diffrn.ambient_temp_details             ? 
_diffrn.ambient_temp_esd                 ? 
_diffrn.crystal_id                       1 
_diffrn.crystal_support                  ? 
_diffrn.crystal_treatment                ? 
_diffrn.details                          ? 
_diffrn.id                               1 
_diffrn.ambient_pressure                 ? 
_diffrn.ambient_pressure_esd             ? 
_diffrn.ambient_pressure_gt              ? 
_diffrn.ambient_pressure_lt              ? 
_diffrn.ambient_temp_gt                  ? 
_diffrn.ambient_temp_lt                  ? 
_diffrn.pdbx_serial_crystal_experiment   N 
# 
_diffrn_detector.details                      ? 
_diffrn_detector.detector                     PIXEL 
_diffrn_detector.diffrn_id                    1 
_diffrn_detector.type                         'DECTRIS PILATUS 6M' 
_diffrn_detector.area_resol_mean              ? 
_diffrn_detector.dtime                        ? 
_diffrn_detector.pdbx_frames_total            ? 
_diffrn_detector.pdbx_collection_time_total   ? 
_diffrn_detector.pdbx_collection_date         2020-11-06 
_diffrn_detector.pdbx_frequency               ? 
# 
_diffrn_radiation.collimation                      ? 
_diffrn_radiation.diffrn_id                        1 
_diffrn_radiation.filter_edge                      ? 
_diffrn_radiation.inhomogeneity                    ? 
_diffrn_radiation.monochromator                    ? 
_diffrn_radiation.polarisn_norm                    ? 
_diffrn_radiation.polarisn_ratio                   ? 
_diffrn_radiation.probe                            ? 
_diffrn_radiation.type                             ? 
_diffrn_radiation.xray_symbol                      ? 
_diffrn_radiation.wavelength_id                    1 
_diffrn_radiation.pdbx_monochromatic_or_laue_m_l   M 
_diffrn_radiation.pdbx_wavelength_list             ? 
_diffrn_radiation.pdbx_wavelength                  ? 
_diffrn_radiation.pdbx_diffrn_protocol             'SINGLE WAVELENGTH' 
_diffrn_radiation.pdbx_analyzer                    ? 
_diffrn_radiation.pdbx_scattering_type             x-ray 
# 
_diffrn_radiation_wavelength.id           1 
_diffrn_radiation_wavelength.wavelength   0.97242 
_diffrn_radiation_wavelength.wt           1.0 
# 
_diffrn_source.current                     ? 
_diffrn_source.details                     ? 
_diffrn_source.diffrn_id                   1 
_diffrn_source.power                       ? 
_diffrn_source.size                        ? 
_diffrn_source.source                      SYNCHROTRON 
_diffrn_source.target                      ? 
_diffrn_source.type                        'ESRF BEAMLINE ID23-1' 
_diffrn_source.voltage                     ? 
_diffrn_source.take-off_angle              ? 
_diffrn_source.pdbx_wavelength_list        0.97242 
_diffrn_source.pdbx_wavelength             ? 
_diffrn_source.pdbx_synchrotron_beamline   ID23-1 
_diffrn_source.pdbx_synchrotron_site       ESRF 
# 
_reflns.B_iso_Wilson_estimate                          22.58 
_reflns.entry_id                                       8AXO 
_reflns.data_reduction_details                         ? 
_reflns.data_reduction_method                          ? 
_reflns.d_resolution_high                              1.29 
_reflns.d_resolution_low                               19.10 
_reflns.details                                        ? 
_reflns.limit_h_max                                    ? 
_reflns.limit_h_min                                    ? 
_reflns.limit_k_max                                    ? 
_reflns.limit_k_min                                    ? 
_reflns.limit_l_max                                    ? 
_reflns.limit_l_min                                    ? 
_reflns.number_all                                     ? 
_reflns.number_obs                                     15025 
_reflns.observed_criterion                             ? 
_reflns.observed_criterion_F_max                       ? 
_reflns.observed_criterion_F_min                       ? 
_reflns.observed_criterion_I_max                       ? 
_reflns.observed_criterion_I_min                       ? 
_reflns.observed_criterion_sigma_F                     ? 
_reflns.observed_criterion_sigma_I                     ? 
_reflns.percent_possible_obs                           99.65 
_reflns.R_free_details                                 ? 
_reflns.Rmerge_F_all                                   ? 
_reflns.Rmerge_F_obs                                   ? 
_reflns.Friedel_coverage                               ? 
_reflns.number_gt                                      ? 
_reflns.threshold_expression                           ? 
_reflns.pdbx_redundancy                                9.4 
_reflns.pdbx_Rmerge_I_obs                              0.132 
_reflns.pdbx_Rmerge_I_all                              ? 
_reflns.pdbx_Rsym_value                                ? 
_reflns.pdbx_netI_over_av_sigmaI                       ? 
_reflns.pdbx_netI_over_sigmaI                          8.16 
_reflns.pdbx_res_netI_over_av_sigmaI_2                 ? 
_reflns.pdbx_res_netI_over_sigmaI_2                    ? 
_reflns.pdbx_chi_squared                               ? 
_reflns.pdbx_scaling_rejects                           ? 
_reflns.pdbx_d_res_high_opt                            ? 
_reflns.pdbx_d_res_low_opt                             ? 
_reflns.pdbx_d_res_opt_method                          ? 
_reflns.phase_calculation_details                      ? 
_reflns.pdbx_Rrim_I_all                                0.140 
_reflns.pdbx_Rpim_I_all                                0.046 
_reflns.pdbx_d_opt                                     ? 
_reflns.pdbx_number_measured_all                       ? 
_reflns.pdbx_diffrn_id                                 1 
_reflns.pdbx_ordinal                                   1 
_reflns.pdbx_CC_half                                   0.991 
_reflns.pdbx_CC_star                                   0.998 
_reflns.pdbx_R_split                                   ? 
_reflns.pdbx_aniso_diffraction_limit_axis_1_ortho[1]   ? 
_reflns.pdbx_aniso_diffraction_limit_axis_1_ortho[2]   ? 
_reflns.pdbx_aniso_diffraction_limit_axis_1_ortho[3]   ? 
_reflns.pdbx_aniso_diffraction_limit_axis_2_ortho[1]   ? 
_reflns.pdbx_aniso_diffraction_limit_axis_2_ortho[2]   ? 
_reflns.pdbx_aniso_diffraction_limit_axis_2_ortho[3]   ? 
_reflns.pdbx_aniso_diffraction_limit_axis_3_ortho[1]   ? 
_reflns.pdbx_aniso_diffraction_limit_axis_3_ortho[2]   ? 
_reflns.pdbx_aniso_diffraction_limit_axis_3_ortho[3]   ? 
_reflns.pdbx_aniso_diffraction_limit_1                 ? 
_reflns.pdbx_aniso_diffraction_limit_2                 ? 
_reflns.pdbx_aniso_diffraction_limit_3                 ? 
_reflns.pdbx_aniso_B_tensor_eigenvector_1_ortho[1]     ? 
_reflns.pdbx_aniso_B_tensor_eigenvector_1_ortho[2]     ? 
_reflns.pdbx_aniso_B_tensor_eigenvector_1_ortho[3]     ? 
_reflns.pdbx_aniso_B_tensor_eigenvector_2_ortho[1]     ? 
_reflns.pdbx_aniso_B_tensor_eigenvector_2_ortho[2]     ? 
_reflns.pdbx_aniso_B_tensor_eigenvector_2_ortho[3]     ? 
_reflns.pdbx_aniso_B_tensor_eigenvector_3_ortho[1]     ? 
_reflns.pdbx_aniso_B_tensor_eigenvector_3_ortho[2]     ? 
_reflns.pdbx_aniso_B_tensor_eigenvector_3_ortho[3]     ? 
_reflns.pdbx_aniso_B_tensor_eigenvalue_1               ? 
_reflns.pdbx_aniso_B_tensor_eigenvalue_2               ? 
_reflns.pdbx_aniso_B_tensor_eigenvalue_3               ? 
_reflns.pdbx_orthogonalization_convention              ? 
_reflns.pdbx_percent_possible_ellipsoidal              ? 
_reflns.pdbx_percent_possible_spherical                ? 
_reflns.pdbx_percent_possible_ellipsoidal_anomalous    ? 
_reflns.pdbx_percent_possible_spherical_anomalous      ? 
_reflns.pdbx_redundancy_anomalous                      ? 
_reflns.pdbx_CC_half_anomalous                         ? 
_reflns.pdbx_absDiff_over_sigma_anomalous              ? 
_reflns.pdbx_percent_possible_anomalous                ? 
_reflns.pdbx_observed_signal_threshold                 ? 
_reflns.pdbx_signal_type                               ? 
_reflns.pdbx_signal_details                            ? 
_reflns.pdbx_signal_software_id                        ? 
_reflns.pdbx_CC_split_method                           ? 
# 
_reflns_shell.d_res_high                                    1.29 
_reflns_shell.d_res_low                                     1.34 
_reflns_shell.meanI_over_sigI_all                           ? 
_reflns_shell.meanI_over_sigI_obs                           ? 
_reflns_shell.number_measured_all                           ? 
_reflns_shell.number_measured_obs                           ? 
_reflns_shell.number_possible                               ? 
_reflns_shell.number_unique_all                             ? 
_reflns_shell.number_unique_obs                             1430 
_reflns_shell.percent_possible_all                          ? 
_reflns_shell.percent_possible_obs                          ? 
_reflns_shell.Rmerge_F_all                                  ? 
_reflns_shell.Rmerge_F_obs                                  ? 
_reflns_shell.Rmerge_I_all                                  ? 
_reflns_shell.Rmerge_I_obs                                  ? 
_reflns_shell.meanI_over_sigI_gt                            ? 
_reflns_shell.meanI_over_uI_all                             ? 
_reflns_shell.meanI_over_uI_gt                              ? 
_reflns_shell.number_measured_gt                            ? 
_reflns_shell.number_unique_gt                              ? 
_reflns_shell.percent_possible_gt                           ? 
_reflns_shell.Rmerge_F_gt                                   ? 
_reflns_shell.Rmerge_I_gt                                   ? 
_reflns_shell.pdbx_redundancy                               ? 
_reflns_shell.pdbx_Rsym_value                               ? 
_reflns_shell.pdbx_chi_squared                              ? 
_reflns_shell.pdbx_netI_over_sigmaI_all                     ? 
_reflns_shell.pdbx_netI_over_sigmaI_obs                     ? 
_reflns_shell.pdbx_Rrim_I_all                               ? 
_reflns_shell.pdbx_Rpim_I_all                               ? 
_reflns_shell.pdbx_rejects                                  ? 
_reflns_shell.pdbx_ordinal                                  1 
_reflns_shell.pdbx_diffrn_id                                1 
_reflns_shell.pdbx_CC_half                                  0.43 
_reflns_shell.pdbx_CC_star                                  0.775 
_reflns_shell.pdbx_R_split                                  ? 
_reflns_shell.pdbx_percent_possible_ellipsoidal             ? 
_reflns_shell.pdbx_percent_possible_spherical               ? 
_reflns_shell.pdbx_percent_possible_ellipsoidal_anomalous   ? 
_reflns_shell.pdbx_percent_possible_spherical_anomalous     ? 
_reflns_shell.pdbx_redundancy_anomalous                     ? 
_reflns_shell.pdbx_CC_half_anomalous                        ? 
_reflns_shell.pdbx_absDiff_over_sigma_anomalous             ? 
_reflns_shell.pdbx_percent_possible_anomalous               ? 
# 
_refine.aniso_B[1][1]                            ? 
_refine.aniso_B[1][2]                            ? 
_refine.aniso_B[1][3]                            ? 
_refine.aniso_B[2][2]                            ? 
_refine.aniso_B[2][3]                            ? 
_refine.aniso_B[3][3]                            ? 
_refine.B_iso_max                                ? 
_refine.B_iso_mean                               30.33 
_refine.B_iso_min                                ? 
_refine.correlation_coeff_Fo_to_Fc               ? 
_refine.correlation_coeff_Fo_to_Fc_free          ? 
_refine.details                                  ? 
_refine.diff_density_max                         ? 
_refine.diff_density_max_esd                     ? 
_refine.diff_density_min                         ? 
_refine.diff_density_min_esd                     ? 
_refine.diff_density_rms                         ? 
_refine.diff_density_rms_esd                     ? 
_refine.entry_id                                 8AXO 
_refine.pdbx_refine_id                           'X-RAY DIFFRACTION' 
_refine.ls_abs_structure_details                 ? 
_refine.ls_abs_structure_Flack                   ? 
_refine.ls_abs_structure_Flack_esd               ? 
_refine.ls_abs_structure_Rogers                  ? 
_refine.ls_abs_structure_Rogers_esd              ? 
_refine.ls_d_res_high                            1.29 
_refine.ls_d_res_low                             19.10 
_refine.ls_extinction_coef                       ? 
_refine.ls_extinction_coef_esd                   ? 
_refine.ls_extinction_expression                 ? 
_refine.ls_extinction_method                     ? 
_refine.ls_goodness_of_fit_all                   ? 
_refine.ls_goodness_of_fit_all_esd               ? 
_refine.ls_goodness_of_fit_obs                   ? 
_refine.ls_goodness_of_fit_obs_esd               ? 
_refine.ls_hydrogen_treatment                    ? 
_refine.ls_matrix_type                           ? 
_refine.ls_number_constraints                    ? 
_refine.ls_number_parameters                     ? 
_refine.ls_number_reflns_all                     ? 
_refine.ls_number_reflns_obs                     15021 
_refine.ls_number_reflns_R_free                  1516 
_refine.ls_number_reflns_R_work                  13505 
_refine.ls_number_restraints                     ? 
_refine.ls_percent_reflns_obs                    99.70 
_refine.ls_percent_reflns_R_free                 10.09 
_refine.ls_R_factor_all                          ? 
_refine.ls_R_factor_obs                          0.1882 
_refine.ls_R_factor_R_free                       0.2074 
_refine.ls_R_factor_R_free_error                 ? 
_refine.ls_R_factor_R_free_error_details         ? 
_refine.ls_R_factor_R_work                       0.1860 
_refine.ls_R_Fsqd_factor_obs                     ? 
_refine.ls_R_I_factor_obs                        ? 
_refine.ls_redundancy_reflns_all                 ? 
_refine.ls_redundancy_reflns_obs                 ? 
_refine.ls_restrained_S_all                      ? 
_refine.ls_restrained_S_obs                      ? 
_refine.ls_shift_over_esd_max                    ? 
_refine.ls_shift_over_esd_mean                   ? 
_refine.ls_structure_factor_coef                 ? 
_refine.ls_weighting_details                     ? 
_refine.ls_weighting_scheme                      ? 
_refine.ls_wR_factor_all                         ? 
_refine.ls_wR_factor_obs                         ? 
_refine.ls_wR_factor_R_free                      ? 
_refine.ls_wR_factor_R_work                      ? 
_refine.occupancy_max                            ? 
_refine.occupancy_min                            ? 
_refine.solvent_model_details                    'FLAT BULK SOLVENT MODEL' 
_refine.solvent_model_param_bsol                 ? 
_refine.solvent_model_param_ksol                 ? 
_refine.pdbx_R_complete                          ? 
_refine.ls_R_factor_gt                           ? 
_refine.ls_goodness_of_fit_gt                    ? 
_refine.ls_goodness_of_fit_ref                   ? 
_refine.ls_shift_over_su_max                     ? 
_refine.ls_shift_over_su_max_lt                  ? 
_refine.ls_shift_over_su_mean                    ? 
_refine.ls_shift_over_su_mean_lt                 ? 
_refine.pdbx_ls_sigma_I                          ? 
_refine.pdbx_ls_sigma_F                          1.38 
_refine.pdbx_ls_sigma_Fsqd                       ? 
_refine.pdbx_data_cutoff_high_absF               ? 
_refine.pdbx_data_cutoff_high_rms_absF           ? 
_refine.pdbx_data_cutoff_low_absF                ? 
_refine.pdbx_isotropic_thermal_model             ? 
_refine.pdbx_ls_cross_valid_method               'FREE R-VALUE' 
_refine.pdbx_method_to_determine_struct          'AB INITIO PHASING' 
_refine.pdbx_starting_model                      ? 
_refine.pdbx_stereochemistry_target_values       'GeoStd + Monomer Library + CDL v1.2' 
_refine.pdbx_R_Free_selection_details            ? 
_refine.pdbx_stereochem_target_val_spec_case     ? 
_refine.pdbx_overall_ESU_R                       ? 
_refine.pdbx_overall_ESU_R_Free                  ? 
_refine.pdbx_solvent_vdw_probe_radii             1.1100 
_refine.pdbx_solvent_ion_probe_radii             ? 
_refine.pdbx_solvent_shrinkage_radii             0.9000 
_refine.pdbx_real_space_R                        ? 
_refine.pdbx_density_correlation                 ? 
_refine.pdbx_pd_number_of_powder_patterns        ? 
_refine.pdbx_pd_number_of_points                 ? 
_refine.pdbx_pd_meas_number_of_points            ? 
_refine.pdbx_pd_proc_ls_prof_R_factor            ? 
_refine.pdbx_pd_proc_ls_prof_wR_factor           ? 
_refine.pdbx_pd_Marquardt_correlation_coeff      ? 
_refine.pdbx_pd_Fsqrd_R_factor                   ? 
_refine.pdbx_pd_ls_matrix_band_width             ? 
_refine.pdbx_overall_phase_error                 26.4872 
_refine.pdbx_overall_SU_R_free_Cruickshank_DPI   ? 
_refine.pdbx_overall_SU_R_free_Blow_DPI          ? 
_refine.pdbx_overall_SU_R_Blow_DPI               ? 
_refine.pdbx_TLS_residual_ADP_flag               ? 
_refine.pdbx_diffrn_id                           1 
_refine.overall_SU_B                             ? 
_refine.overall_SU_ML                            0.1764 
_refine.overall_SU_R_Cruickshank_DPI             ? 
_refine.overall_SU_R_free                        ? 
_refine.overall_FOM_free_R_set                   ? 
_refine.overall_FOM_work_R_set                   ? 
_refine.pdbx_average_fsc_overall                 ? 
_refine.pdbx_average_fsc_work                    ? 
_refine.pdbx_average_fsc_free                    ? 
# 
_refine_hist.pdbx_refine_id                   'X-RAY DIFFRACTION' 
_refine_hist.cycle_id                         LAST 
_refine_hist.details                          ? 
_refine_hist.d_res_high                       1.29 
_refine_hist.d_res_low                        19.10 
_refine_hist.number_atoms_solvent             33 
_refine_hist.number_atoms_total               531 
_refine_hist.number_reflns_all                ? 
_refine_hist.number_reflns_obs                ? 
_refine_hist.number_reflns_R_free             ? 
_refine_hist.number_reflns_R_work             ? 
_refine_hist.R_factor_all                     ? 
_refine_hist.R_factor_obs                     ? 
_refine_hist.R_factor_R_free                  ? 
_refine_hist.R_factor_R_work                  ? 
_refine_hist.pdbx_number_residues_total       ? 
_refine_hist.pdbx_B_iso_mean_ligand           ? 
_refine_hist.pdbx_B_iso_mean_solvent          ? 
_refine_hist.pdbx_number_atoms_protein        498 
_refine_hist.pdbx_number_atoms_nucleic_acid   0 
_refine_hist.pdbx_number_atoms_ligand         0 
_refine_hist.pdbx_number_atoms_lipid          ? 
_refine_hist.pdbx_number_atoms_carb           ? 
_refine_hist.pdbx_pseudo_atom_details         ? 
# 
loop_
_refine_ls_restr.pdbx_refine_id 
_refine_ls_restr.criterion 
_refine_ls_restr.dev_ideal 
_refine_ls_restr.dev_ideal_target 
_refine_ls_restr.number 
_refine_ls_restr.rejects 
_refine_ls_restr.type 
_refine_ls_restr.weight 
_refine_ls_restr.pdbx_restraint_function 
'X-RAY DIFFRACTION' ? 0.0047 ? 509 ? f_bond_d           ? ? 
'X-RAY DIFFRACTION' ? 0.6112 ? 692 ? f_angle_d          ? ? 
'X-RAY DIFFRACTION' ? 0.0408 ? 92  ? f_chiral_restr     ? ? 
'X-RAY DIFFRACTION' ? 0.0022 ? 87  ? f_plane_restr      ? ? 
'X-RAY DIFFRACTION' ? 3.1018 ? 72  ? f_dihedral_angle_d ? ? 
# 
_refine_ls_restr_ncs.pdbx_refine_id      'X-RAY DIFFRACTION' 
_refine_ls_restr_ncs.dom_id              d_2 
_refine_ls_restr_ncs.ncs_model_details   ? 
_refine_ls_restr_ncs.rms_dev_B_iso       ? 
_refine_ls_restr_ncs.rms_dev_position    0.602751331809 
_refine_ls_restr_ncs.weight_B_iso        ? 
_refine_ls_restr_ncs.weight_position     ? 
_refine_ls_restr_ncs.pdbx_ordinal        1 
_refine_ls_restr_ncs.pdbx_type           'Torsion NCS' 
_refine_ls_restr_ncs.pdbx_asym_id        ? 
_refine_ls_restr_ncs.pdbx_auth_asym_id   A 
_refine_ls_restr_ncs.pdbx_number         ? 
_refine_ls_restr_ncs.pdbx_rms            ? 
_refine_ls_restr_ncs.pdbx_weight         ? 
_refine_ls_restr_ncs.pdbx_ens_id         ens_1 
# 
loop_
_refine_ls_shell.pdbx_refine_id 
_refine_ls_shell.d_res_high 
_refine_ls_shell.d_res_low 
_refine_ls_shell.number_reflns_all 
_refine_ls_shell.number_reflns_obs 
_refine_ls_shell.number_reflns_R_free 
_refine_ls_shell.number_reflns_R_work 
_refine_ls_shell.percent_reflns_obs 
_refine_ls_shell.percent_reflns_R_free 
_refine_ls_shell.R_factor_all 
_refine_ls_shell.R_factor_obs 
_refine_ls_shell.R_factor_R_free 
_refine_ls_shell.R_factor_R_free_error 
_refine_ls_shell.R_factor_R_work 
_refine_ls_shell.redundancy_reflns_all 
_refine_ls_shell.redundancy_reflns_obs 
_refine_ls_shell.wR_factor_all 
_refine_ls_shell.wR_factor_obs 
_refine_ls_shell.wR_factor_R_free 
_refine_ls_shell.wR_factor_R_work 
_refine_ls_shell.pdbx_R_complete 
_refine_ls_shell.pdbx_total_number_of_bins_used 
_refine_ls_shell.pdbx_phase_error 
_refine_ls_shell.pdbx_fsc_work 
_refine_ls_shell.pdbx_fsc_free 
'X-RAY DIFFRACTION' 1.29 1.34  . . 127 1168 97.08  . . . 0.3698 . 0.3110 . . . . . . . . . . . 
'X-RAY DIFFRACTION' 1.34 1.38  . . 135 1212 99.93  . . . 0.2775 . 0.2401 . . . . . . . . . . . 
'X-RAY DIFFRACTION' 1.38 1.44  . . 130 1213 100.00 . . . 0.2433 . 0.2196 . . . . . . . . . . . 
'X-RAY DIFFRACTION' 1.44 1.50  . . 135 1182 99.92  . . . 0.2757 . 0.1853 . . . . . . . . . . . 
'X-RAY DIFFRACTION' 1.50 1.58  . . 137 1238 100.00 . . . 0.2199 . 0.1691 . . . . . . . . . . . 
'X-RAY DIFFRACTION' 1.58 1.68  . . 139 1215 100.00 . . . 0.1998 . 0.1689 . . . . . . . . . . . 
'X-RAY DIFFRACTION' 1.68 1.81  . . 139 1229 99.93  . . . 0.2349 . 0.1549 . . . . . . . . . . . 
'X-RAY DIFFRACTION' 1.81 1.99  . . 139 1235 100.00 . . . 0.2051 . 0.1788 . . . . . . . . . . . 
'X-RAY DIFFRACTION' 1.99 2.28  . . 140 1230 100.00 . . . 0.2018 . 0.1840 . . . . . . . . . . . 
'X-RAY DIFFRACTION' 2.28 2.87  . . 143 1263 100.00 . . . 0.1737 . 0.1722 . . . . . . . . . . . 
'X-RAY DIFFRACTION' 2.88 19.10 . . 152 1320 100.00 . . . 0.2121 . 0.1935 . . . . . . . . . . . 
# 
_struct_ncs_oper.id             1 
_struct_ncs_oper.code           given 
_struct_ncs_oper.matrix[1][1]   0.006537306147 
_struct_ncs_oper.matrix[1][2]   0.687979770234 
_struct_ncs_oper.matrix[1][3]   -0.725700419855 
_struct_ncs_oper.matrix[2][1]   0.683682922101 
_struct_ncs_oper.matrix[2][2]   -0.532677465497 
_struct_ncs_oper.matrix[2][3]   -0.498831013249 
_struct_ncs_oper.matrix[3][1]   -0.729749906239 
_struct_ncs_oper.matrix[3][2]   -0.492887972567 
_struct_ncs_oper.matrix[3][3]   -0.473842295330 
_struct_ncs_oper.vector[1]      -0.5498504681 
_struct_ncs_oper.vector[2]      0.4909956053 
_struct_ncs_oper.vector[3]      -0.360968152733 
_struct_ncs_oper.details        ? 
# 
loop_
_struct_ncs_dom.pdbx_ens_id 
_struct_ncs_dom.id 
_struct_ncs_dom.details 
ens_1 d_1 
;(chain "A" and ((resid 259 and (name N or name CA or name C or name O or name CB or name CG or name CD )) or (resid 260 and (name N or name CA or name C or name O or name CB or name OG1 or name CG2)) or (resid 261 and (name N or name CA or name C or name O or name CB or name CG or name CD or name OE1 or name OE2)) or (resid 262 and (name N or name CA or name C or name O or name CB or name OG1 or name CG2)) or (resid 263 and (name N or name CA or name C or name O )) or (resid 264 through 265 and (name N or name CA or name C or name O or name CB or name CG1 or name CG2)) or (resid 266 and (name N or name CA or name C or name O or name CB or name CG or name CD or name OE1 or name NE2)) or (resid 267 and (name N or name CA or name C or name O or name CB )) or (resid 268 and (name N or name CA or name C or name O or name CB or name CG1 or name CG2)) or (resid 269 and (name N or name CA or name C or name O or name CB or name CG or name CD or name CE or name NZ )) or (resid 270 and (name N or name CA or name C or name O or name CB or name CG1 or name CG2)) or (resid 271 through 272 and (name N or name CA or name C or name O or name CB or name CG or name CD1 or name CD2)) or (resid 274 and (name N or name CA or name C or name O or name CB or name CG or name CD or name OE1 or name OE2)) or (resid 275 and (name N or name CA or name C or name O or name CB or name CG or name CD1 or name CD2)) or (resid 276 and (name N or name CA or name C or name O or name CB or name OG )) or (resid 278 and (name N or name CA or name C or name O or name CB or name CG or name CD or name OE1 or name OE2)) or (resid 279 and (name N or name CA or name C or name O )) or (resid 280 and (name N or name CA or name C or name O or name CB or name CG or name CD1 or name CD2)) or (resid 281 and (name N or name CA or name C or name O or name CB or name CG or name OD1 or name OD2)) or (resid 282 and (name N or name CA or name C or name O or name CB or name CG or name CD or name OE1 or name OE2)) or (resid 283 and (name N or name CA or name C or name O or name CB or name CG1 or name CG2)) or (resid 284 through 285 and (name N or name CA or name C or name O or name CB or name CG or name CD or name NE or name CZ or name NH1 or name NH2)) or (resid 286 and (name N or name CA or name C or name O or name CB or name CG or name CD1 or name CD2 or name CE1 or name CE2 or name CZ )) or (resid 287 and (name N or name CA or name C or name O or name CB or name CG1 or name CG2 or name CD1)) or (resid 288 and (name N or name CA or name C or name O or name CB or name CG or name OD1 or name OD2)) or (resid 289 and (name N or name CA or name C or name O or name CB )) or (resid 290 and (name N or name CA or name C or name O or name CB or name CG or name CD1 or name CD2))))
;
ens_1 d_2 
;(chain "B" and ((resid 259 and (name N or name CA or name C or name O or name CB or name CG or name CD )) or (resid 260 and (name N or name CA or name C or name O or name CB or name OG1 or name CG2)) or (resid 261 and (name N or name CA or name C or name O or name CB or name CG or name CD or name OE1 or name OE2)) or (resid 262 and (name N or name CA or name C or name O or name CB or name OG1 or name CG2)) or (resid 263 and (name N or name CA or name C or name O )) or (resid 264 through 265 and (name N or name CA or name C or name O or name CB or name CG1 or name CG2)) or (resid 266 and (name N or name CA or name C or name O or name CB or name CG or name CD or name OE1 or name NE2)) or (resid 267 and (name N or name CA or name C or name O or name CB )) or (resid 268 and (name N or name CA or name C or name O or name CB or name CG1 or name CG2)) or (resid 269 and (name N or name CA or name C or name O or name CB or name CG or name CD or name CE or name NZ )) or (resid 270 and (name N or name CA or name C or name O or name CB or name CG1 or name CG2)) or (resid 271 through 272 and (name N or name CA or name C or name O or name CB or name CG or name CD1 or name CD2)) or (resid 274 and (name N or name CA or name C or name O or name CB or name CG or name CD or name OE1 or name OE2)) or (resid 275 and (name N or name CA or name C or name O or name CB or name CG or name CD1 or name CD2)) or (resid 276 and (name N or name CA or name C or name O or name CB or name OG )) or (resid 278 and (name N or name CA or name C or name O or name CB or name CG or name CD or name OE1 or name OE2)) or (resid 279 and (name N or name CA or name C or name O )) or (resid 280 and (name N or name CA or name C or name O or name CB or name CG or name CD1 or name CD2)) or (resid 281 and (name N or name CA or name C or name O or name CB or name CG or name OD1 or name OD2)) or (resid 282 and (name N or name CA or name C or name O or name CB or name CG or name CD or name OE1 or name OE2)) or (resid 283 and (name N or name CA or name C or name O or name CB or name CG1 or name CG2)) or (resid 284 through 285 and (name N or name CA or name C or name O or name CB or name CG or name CD or name NE or name CZ or name NH1 or name NH2)) or (resid 286 and (name N or name CA or name C or name O or name CB or name CG or name CD1 or name CD2 or name CE1 or name CE2 or name CZ )) or (resid 287 and (name N or name CA or name C or name O or name CB or name CG1 or name CG2 or name CD1)) or (resid 288 and (name N or name CA or name C or name O or name CB or name CG or name OD1 or name OD2)) or (resid 289 and (name N or name CA or name C or name O or name CB )) or (resid 290 and (name N or name CA or name C or name O or name CB or name CG or name CD1 or name CD2))))
;
# 
loop_
_struct_ncs_dom_lim.pdbx_ens_id 
_struct_ncs_dom_lim.dom_id 
_struct_ncs_dom_lim.pdbx_component_id 
_struct_ncs_dom_lim.beg_label_asym_id 
_struct_ncs_dom_lim.beg_label_comp_id 
_struct_ncs_dom_lim.beg_label_seq_id 
_struct_ncs_dom_lim.beg_label_alt_id 
_struct_ncs_dom_lim.end_label_asym_id 
_struct_ncs_dom_lim.end_label_comp_id 
_struct_ncs_dom_lim.end_label_seq_id 
_struct_ncs_dom_lim.end_label_alt_id 
_struct_ncs_dom_lim.beg_auth_asym_id 
_struct_ncs_dom_lim.beg_auth_comp_id 
_struct_ncs_dom_lim.beg_auth_seq_id 
_struct_ncs_dom_lim.end_auth_asym_id 
_struct_ncs_dom_lim.end_auth_comp_id 
_struct_ncs_dom_lim.end_auth_seq_id 
_struct_ncs_dom_lim.pdbx_refine_code 
_struct_ncs_dom_lim.selection_details 
ens_1 d_1 1 A PRO 4  . A LEU 17 . A PRO 259 A LEU 272 ? ? 
ens_1 d_1 2 A GLU 19 . A SER 21 . A GLU 274 A SER 276 ? ? 
ens_1 d_1 3 A GLU 27 . A LEU 35 . A GLU 282 A LEU 290 ? ? 
ens_1 d_2 1 B PRO 4  . B LEU 17 . B PRO 259 B LEU 272 ? ? 
ens_1 d_2 2 B GLU 19 . B SER 21 . B GLU 274 B SER 276 ? ? 
ens_1 d_2 3 B GLU 27 . B LEU 35 . B GLU 282 B LEU 290 ? ? 
# 
_struct_ncs_ens.id        ens_1 
_struct_ncs_ens.details   ? 
# 
_struct_ncs_ens_gen.ens_id     ens_1 
_struct_ncs_ens_gen.dom_id_1   d_2 
_struct_ncs_ens_gen.dom_id_2   d_1 
_struct_ncs_ens_gen.oper_id    1 
# 
_struct.entry_id                     8AXO 
_struct.title                        'Crystal structure of the C-terminal domain of Trypanosoma brucei CFAP410' 
_struct.pdbx_model_details           ? 
_struct.pdbx_formula_weight          ? 
_struct.pdbx_formula_weight_method   ? 
_struct.pdbx_model_type_details      ? 
_struct.pdbx_CASP_flag               N 
# 
_struct_keywords.entry_id        8AXO 
_struct_keywords.text            'Cilia, Flagella, Coiled-coil, STRUCTURAL PROTEIN' 
_struct_keywords.pdbx_keywords   'STRUCTURAL PROTEIN' 
# 
loop_
_struct_asym.id 
_struct_asym.pdbx_blank_PDB_chainid_flag 
_struct_asym.pdbx_modified 
_struct_asym.entity_id 
_struct_asym.details 
A N N 1 ? 
B N N 1 ? 
C N N 2 ? 
D N N 2 ? 
# 
_struct_ref.id                         1 
_struct_ref.db_name                    UNP 
_struct_ref.db_code                    Q38DI2_TRYB2 
_struct_ref.pdbx_db_accession          Q38DI2 
_struct_ref.pdbx_db_isoform            ? 
_struct_ref.entity_id                  1 
_struct_ref.pdbx_seq_one_letter_code   QIGPTETGVVQAVKVLLSELSVEGLDEVRRFIDALQ 
_struct_ref.pdbx_align_begin           256 
# 
loop_
_struct_ref_seq.align_id 
_struct_ref_seq.ref_id 
_struct_ref_seq.pdbx_PDB_id_code 
_struct_ref_seq.pdbx_strand_id 
_struct_ref_seq.seq_align_beg 
_struct_ref_seq.pdbx_seq_align_beg_ins_code 
_struct_ref_seq.seq_align_end 
_struct_ref_seq.pdbx_seq_align_end_ins_code 
_struct_ref_seq.pdbx_db_accession 
_struct_ref_seq.db_align_beg 
_struct_ref_seq.pdbx_db_align_beg_ins_code 
_struct_ref_seq.db_align_end 
_struct_ref_seq.pdbx_db_align_end_ins_code 
_struct_ref_seq.pdbx_auth_seq_align_beg 
_struct_ref_seq.pdbx_auth_seq_align_end 
1 1 8AXO A 1 ? 36 ? Q38DI2 256 ? 291 ? 256 291 
2 1 8AXO B 1 ? 36 ? Q38DI2 256 ? 291 ? 256 291 
# 
_pdbx_struct_assembly.id                   1 
_pdbx_struct_assembly.details              author_and_software_defined_assembly 
_pdbx_struct_assembly.method_details       PISA 
_pdbx_struct_assembly.oligomeric_details   tetrameric 
_pdbx_struct_assembly.oligomeric_count     4 
# 
loop_
_pdbx_struct_assembly_prop.biol_id 
_pdbx_struct_assembly_prop.type 
_pdbx_struct_assembly_prop.value 
_pdbx_struct_assembly_prop.details 
1 'ABSA (A^2)' 6600 ? 
1 MORE         -60  ? 
1 'SSA (A^2)'  6100 ? 
# 
_pdbx_struct_assembly_gen.assembly_id       1 
_pdbx_struct_assembly_gen.oper_expression   1,2 
_pdbx_struct_assembly_gen.asym_id_list      A,B,C,D 
# 
_pdbx_struct_assembly_auth_evidence.id                     1 
_pdbx_struct_assembly_auth_evidence.assembly_id            1 
_pdbx_struct_assembly_auth_evidence.experimental_support   'gel filtration' 
_pdbx_struct_assembly_auth_evidence.details                'Static light scattering coupled gel filtration' 
# 
loop_
_pdbx_struct_oper_list.id 
_pdbx_struct_oper_list.type 
_pdbx_struct_oper_list.name 
_pdbx_struct_oper_list.symmetry_operation 
_pdbx_struct_oper_list.matrix[1][1] 
_pdbx_struct_oper_list.matrix[1][2] 
_pdbx_struct_oper_list.matrix[1][3] 
_pdbx_struct_oper_list.vector[1] 
_pdbx_struct_oper_list.matrix[2][1] 
_pdbx_struct_oper_list.matrix[2][2] 
_pdbx_struct_oper_list.matrix[2][3] 
_pdbx_struct_oper_list.vector[2] 
_pdbx_struct_oper_list.matrix[3][1] 
_pdbx_struct_oper_list.matrix[3][2] 
_pdbx_struct_oper_list.matrix[3][3] 
_pdbx_struct_oper_list.vector[3] 
1 'identity operation'         1_555 x,y,z  1.0000000000  0.0000000000  0.0000000000  0.0000000000  0.0000000000  1.0000000000 0.0000000000 0.0000000000  0.0000000000  0.0000000000 1.0000000000  0.0000000000 
2 'crystal symmetry operation' 4_555 y,x,-z -0.3843299474 -0.9230163045 -0.0182042098 -1.2951481509 -0.9230163045 0.3837916830 0.0272918626 -0.8737071185 -0.0182042098 0.0272918626 -0.9994617356 0.4977961286 
# 
loop_
_struct_conf.conf_type_id 
_struct_conf.id 
_struct_conf.pdbx_PDB_helix_id 
_struct_conf.beg_label_comp_id 
_struct_conf.beg_label_asym_id 
_struct_conf.beg_label_seq_id 
_struct_conf.pdbx_beg_PDB_ins_code 
_struct_conf.end_label_comp_id 
_struct_conf.end_label_asym_id 
_struct_conf.end_label_seq_id 
_struct_conf.pdbx_end_PDB_ins_code 
_struct_conf.beg_auth_comp_id 
_struct_conf.beg_auth_asym_id 
_struct_conf.beg_auth_seq_id 
_struct_conf.end_auth_comp_id 
_struct_conf.end_auth_asym_id 
_struct_conf.end_auth_seq_id 
_struct_conf.pdbx_PDB_helix_class 
_struct_conf.details 
_struct_conf.pdbx_PDB_helix_length 
HELX_P HELX_P1 AA1 THR A 5  ? SER A 18 ? THR A 260 SER A 273 1 ? 14 
HELX_P HELX_P2 AA2 SER A 21 ? LEU A 35 ? SER A 276 LEU A 290 1 ? 15 
HELX_P HELX_P3 AA3 THR B 5  ? SER B 18 ? THR B 260 SER B 273 1 ? 14 
HELX_P HELX_P4 AA4 SER B 21 ? LEU B 35 ? SER B 276 LEU B 290 1 ? 15 
# 
_struct_conf_type.id          HELX_P 
_struct_conf_type.criteria    ? 
_struct_conf_type.reference   ? 
# 
loop_
_pdbx_validate_close_contact.id 
_pdbx_validate_close_contact.PDB_model_num 
_pdbx_validate_close_contact.auth_atom_id_1 
_pdbx_validate_close_contact.auth_asym_id_1 
_pdbx_validate_close_contact.auth_comp_id_1 
_pdbx_validate_close_contact.auth_seq_id_1 
_pdbx_validate_close_contact.PDB_ins_code_1 
_pdbx_validate_close_contact.label_alt_id_1 
_pdbx_validate_close_contact.auth_atom_id_2 
_pdbx_validate_close_contact.auth_asym_id_2 
_pdbx_validate_close_contact.auth_comp_id_2 
_pdbx_validate_close_contact.auth_seq_id_2 
_pdbx_validate_close_contact.PDB_ins_code_2 
_pdbx_validate_close_contact.label_alt_id_2 
_pdbx_validate_close_contact.dist 
1 1 O   B HOH 301 ? ? O B HOH 305 ? ? 1.70 
2 1 O   A HOH 314 ? ? O A HOH 316 ? ? 1.86 
3 1 OD1 A ASP 288 ? ? O A HOH 301 ? ? 1.96 
# 
loop_
_pdbx_validate_symm_contact.id 
_pdbx_validate_symm_contact.PDB_model_num 
_pdbx_validate_symm_contact.auth_atom_id_1 
_pdbx_validate_symm_contact.auth_asym_id_1 
_pdbx_validate_symm_contact.auth_comp_id_1 
_pdbx_validate_symm_contact.auth_seq_id_1 
_pdbx_validate_symm_contact.PDB_ins_code_1 
_pdbx_validate_symm_contact.label_alt_id_1 
_pdbx_validate_symm_contact.site_symmetry_1 
_pdbx_validate_symm_contact.auth_atom_id_2 
_pdbx_validate_symm_contact.auth_asym_id_2 
_pdbx_validate_symm_contact.auth_comp_id_2 
_pdbx_validate_symm_contact.auth_seq_id_2 
_pdbx_validate_symm_contact.PDB_ins_code_2 
_pdbx_validate_symm_contact.label_alt_id_2 
_pdbx_validate_symm_contact.site_symmetry_2 
_pdbx_validate_symm_contact.dist 
1 1 O   B HOH 308 ? ? 1_555 O  B HOH 308 ? ? 6_344 1.87 
2 1 OE2 A GLU 261 ? ? 1_555 OG A SER 276 ? ? 4_555 1.99 
3 1 O   B HOH 314 ? ? 1_555 O  B HOH 314 ? ? 6_344 2.09 
# 
loop_
_space_group_symop.id 
_space_group_symop.operation_xyz 
1 x,y,z          
2 -y,x-y,z+2/3   
3 -x+y,-x,z+1/3  
4 x-y,-y,-z+1/3  
5 -x,-x+y,-z+2/3 
6 y,x,-z         
# 
loop_
_pdbx_unobs_or_zero_occ_residues.id 
_pdbx_unobs_or_zero_occ_residues.PDB_model_num 
_pdbx_unobs_or_zero_occ_residues.polymer_flag 
_pdbx_unobs_or_zero_occ_residues.occupancy_flag 
_pdbx_unobs_or_zero_occ_residues.auth_asym_id 
_pdbx_unobs_or_zero_occ_residues.auth_comp_id 
_pdbx_unobs_or_zero_occ_residues.auth_seq_id 
_pdbx_unobs_or_zero_occ_residues.PDB_ins_code 
_pdbx_unobs_or_zero_occ_residues.label_asym_id 
_pdbx_unobs_or_zero_occ_residues.label_comp_id 
_pdbx_unobs_or_zero_occ_residues.label_seq_id 
1 1 Y 1 A GLN 256 ? A GLN 1  
2 1 Y 1 A ILE 257 ? A ILE 2  
3 1 Y 1 A GLY 258 ? A GLY 3  
4 1 Y 1 A GLN 291 ? A GLN 36 
5 1 Y 1 B GLN 256 ? B GLN 1  
6 1 Y 1 B ILE 257 ? B ILE 2  
7 1 Y 1 B GLY 258 ? B GLY 3  
# 
loop_
_chem_comp_atom.comp_id 
_chem_comp_atom.atom_id 
_chem_comp_atom.type_symbol 
_chem_comp_atom.pdbx_aromatic_flag 
_chem_comp_atom.pdbx_stereo_config 
_chem_comp_atom.pdbx_ordinal 
ALA N    N N N 1   
ALA CA   C N S 2   
ALA C    C N N 3   
ALA O    O N N 4   
ALA CB   C N N 5   
ALA OXT  O N N 6   
ALA H    H N N 7   
ALA H2   H N N 8   
ALA HA   H N N 9   
ALA HB1  H N N 10  
ALA HB2  H N N 11  
ALA HB3  H N N 12  
ALA HXT  H N N 13  
ARG N    N N N 14  
ARG CA   C N S 15  
ARG C    C N N 16  
ARG O    O N N 17  
ARG CB   C N N 18  
ARG CG   C N N 19  
ARG CD   C N N 20  
ARG NE   N N N 21  
ARG CZ   C N N 22  
ARG NH1  N N N 23  
ARG NH2  N N N 24  
ARG OXT  O N N 25  
ARG H    H N N 26  
ARG H2   H N N 27  
ARG HA   H N N 28  
ARG HB2  H N N 29  
ARG HB3  H N N 30  
ARG HG2  H N N 31  
ARG HG3  H N N 32  
ARG HD2  H N N 33  
ARG HD3  H N N 34  
ARG HE   H N N 35  
ARG HH11 H N N 36  
ARG HH12 H N N 37  
ARG HH21 H N N 38  
ARG HH22 H N N 39  
ARG HXT  H N N 40  
ASP N    N N N 41  
ASP CA   C N S 42  
ASP C    C N N 43  
ASP O    O N N 44  
ASP CB   C N N 45  
ASP CG   C N N 46  
ASP OD1  O N N 47  
ASP OD2  O N N 48  
ASP OXT  O N N 49  
ASP H    H N N 50  
ASP H2   H N N 51  
ASP HA   H N N 52  
ASP HB2  H N N 53  
ASP HB3  H N N 54  
ASP HD2  H N N 55  
ASP HXT  H N N 56  
GLN N    N N N 57  
GLN CA   C N S 58  
GLN C    C N N 59  
GLN O    O N N 60  
GLN CB   C N N 61  
GLN CG   C N N 62  
GLN CD   C N N 63  
GLN OE1  O N N 64  
GLN NE2  N N N 65  
GLN OXT  O N N 66  
GLN H    H N N 67  
GLN H2   H N N 68  
GLN HA   H N N 69  
GLN HB2  H N N 70  
GLN HB3  H N N 71  
GLN HG2  H N N 72  
GLN HG3  H N N 73  
GLN HE21 H N N 74  
GLN HE22 H N N 75  
GLN HXT  H N N 76  
GLU N    N N N 77  
GLU CA   C N S 78  
GLU C    C N N 79  
GLU O    O N N 80  
GLU CB   C N N 81  
GLU CG   C N N 82  
GLU CD   C N N 83  
GLU OE1  O N N 84  
GLU OE2  O N N 85  
GLU OXT  O N N 86  
GLU H    H N N 87  
GLU H2   H N N 88  
GLU HA   H N N 89  
GLU HB2  H N N 90  
GLU HB3  H N N 91  
GLU HG2  H N N 92  
GLU HG3  H N N 93  
GLU HE2  H N N 94  
GLU HXT  H N N 95  
GLY N    N N N 96  
GLY CA   C N N 97  
GLY C    C N N 98  
GLY O    O N N 99  
GLY OXT  O N N 100 
GLY H    H N N 101 
GLY H2   H N N 102 
GLY HA2  H N N 103 
GLY HA3  H N N 104 
GLY HXT  H N N 105 
HOH O    O N N 106 
HOH H1   H N N 107 
HOH H2   H N N 108 
ILE N    N N N 109 
ILE CA   C N S 110 
ILE C    C N N 111 
ILE O    O N N 112 
ILE CB   C N S 113 
ILE CG1  C N N 114 
ILE CG2  C N N 115 
ILE CD1  C N N 116 
ILE OXT  O N N 117 
ILE H    H N N 118 
ILE H2   H N N 119 
ILE HA   H N N 120 
ILE HB   H N N 121 
ILE HG12 H N N 122 
ILE HG13 H N N 123 
ILE HG21 H N N 124 
ILE HG22 H N N 125 
ILE HG23 H N N 126 
ILE HD11 H N N 127 
ILE HD12 H N N 128 
ILE HD13 H N N 129 
ILE HXT  H N N 130 
LEU N    N N N 131 
LEU CA   C N S 132 
LEU C    C N N 133 
LEU O    O N N 134 
LEU CB   C N N 135 
LEU CG   C N N 136 
LEU CD1  C N N 137 
LEU CD2  C N N 138 
LEU OXT  O N N 139 
LEU H    H N N 140 
LEU H2   H N N 141 
LEU HA   H N N 142 
LEU HB2  H N N 143 
LEU HB3  H N N 144 
LEU HG   H N N 145 
LEU HD11 H N N 146 
LEU HD12 H N N 147 
LEU HD13 H N N 148 
LEU HD21 H N N 149 
LEU HD22 H N N 150 
LEU HD23 H N N 151 
LEU HXT  H N N 152 
LYS N    N N N 153 
LYS CA   C N S 154 
LYS C    C N N 155 
LYS O    O N N 156 
LYS CB   C N N 157 
LYS CG   C N N 158 
LYS CD   C N N 159 
LYS CE   C N N 160 
LYS NZ   N N N 161 
LYS OXT  O N N 162 
LYS H    H N N 163 
LYS H2   H N N 164 
LYS HA   H N N 165 
LYS HB2  H N N 166 
LYS HB3  H N N 167 
LYS HG2  H N N 168 
LYS HG3  H N N 169 
LYS HD2  H N N 170 
LYS HD3  H N N 171 
LYS HE2  H N N 172 
LYS HE3  H N N 173 
LYS HZ1  H N N 174 
LYS HZ2  H N N 175 
LYS HZ3  H N N 176 
LYS HXT  H N N 177 
PHE N    N N N 178 
PHE CA   C N S 179 
PHE C    C N N 180 
PHE O    O N N 181 
PHE CB   C N N 182 
PHE CG   C Y N 183 
PHE CD1  C Y N 184 
PHE CD2  C Y N 185 
PHE CE1  C Y N 186 
PHE CE2  C Y N 187 
PHE CZ   C Y N 188 
PHE OXT  O N N 189 
PHE H    H N N 190 
PHE H2   H N N 191 
PHE HA   H N N 192 
PHE HB2  H N N 193 
PHE HB3  H N N 194 
PHE HD1  H N N 195 
PHE HD2  H N N 196 
PHE HE1  H N N 197 
PHE HE2  H N N 198 
PHE HZ   H N N 199 
PHE HXT  H N N 200 
PRO N    N N N 201 
PRO CA   C N S 202 
PRO C    C N N 203 
PRO O    O N N 204 
PRO CB   C N N 205 
PRO CG   C N N 206 
PRO CD   C N N 207 
PRO OXT  O N N 208 
PRO H    H N N 209 
PRO HA   H N N 210 
PRO HB2  H N N 211 
PRO HB3  H N N 212 
PRO HG2  H N N 213 
PRO HG3  H N N 214 
PRO HD2  H N N 215 
PRO HD3  H N N 216 
PRO HXT  H N N 217 
SER N    N N N 218 
SER CA   C N S 219 
SER C    C N N 220 
SER O    O N N 221 
SER CB   C N N 222 
SER OG   O N N 223 
SER OXT  O N N 224 
SER H    H N N 225 
SER H2   H N N 226 
SER HA   H N N 227 
SER HB2  H N N 228 
SER HB3  H N N 229 
SER HG   H N N 230 
SER HXT  H N N 231 
THR N    N N N 232 
THR CA   C N S 233 
THR C    C N N 234 
THR O    O N N 235 
THR CB   C N R 236 
THR OG1  O N N 237 
THR CG2  C N N 238 
THR OXT  O N N 239 
THR H    H N N 240 
THR H2   H N N 241 
THR HA   H N N 242 
THR HB   H N N 243 
THR HG1  H N N 244 
THR HG21 H N N 245 
THR HG22 H N N 246 
THR HG23 H N N 247 
THR HXT  H N N 248 
VAL N    N N N 249 
VAL CA   C N S 250 
VAL C    C N N 251 
VAL O    O N N 252 
VAL CB   C N N 253 
VAL CG1  C N N 254 
VAL CG2  C N N 255 
VAL OXT  O N N 256 
VAL H    H N N 257 
VAL H2   H N N 258 
VAL HA   H N N 259 
VAL HB   H N N 260 
VAL HG11 H N N 261 
VAL HG12 H N N 262 
VAL HG13 H N N 263 
VAL HG21 H N N 264 
VAL HG22 H N N 265 
VAL HG23 H N N 266 
VAL HXT  H N N 267 
# 
loop_
_chem_comp_bond.comp_id 
_chem_comp_bond.atom_id_1 
_chem_comp_bond.atom_id_2 
_chem_comp_bond.value_order 
_chem_comp_bond.pdbx_aromatic_flag 
_chem_comp_bond.pdbx_stereo_config 
_chem_comp_bond.pdbx_ordinal 
ALA N   CA   sing N N 1   
ALA N   H    sing N N 2   
ALA N   H2   sing N N 3   
ALA CA  C    sing N N 4   
ALA CA  CB   sing N N 5   
ALA CA  HA   sing N N 6   
ALA C   O    doub N N 7   
ALA C   OXT  sing N N 8   
ALA CB  HB1  sing N N 9   
ALA CB  HB2  sing N N 10  
ALA CB  HB3  sing N N 11  
ALA OXT HXT  sing N N 12  
ARG N   CA   sing N N 13  
ARG N   H    sing N N 14  
ARG N   H2   sing N N 15  
ARG CA  C    sing N N 16  
ARG CA  CB   sing N N 17  
ARG CA  HA   sing N N 18  
ARG C   O    doub N N 19  
ARG C   OXT  sing N N 20  
ARG CB  CG   sing N N 21  
ARG CB  HB2  sing N N 22  
ARG CB  HB3  sing N N 23  
ARG CG  CD   sing N N 24  
ARG CG  HG2  sing N N 25  
ARG CG  HG3  sing N N 26  
ARG CD  NE   sing N N 27  
ARG CD  HD2  sing N N 28  
ARG CD  HD3  sing N N 29  
ARG NE  CZ   sing N N 30  
ARG NE  HE   sing N N 31  
ARG CZ  NH1  sing N N 32  
ARG CZ  NH2  doub N N 33  
ARG NH1 HH11 sing N N 34  
ARG NH1 HH12 sing N N 35  
ARG NH2 HH21 sing N N 36  
ARG NH2 HH22 sing N N 37  
ARG OXT HXT  sing N N 38  
ASP N   CA   sing N N 39  
ASP N   H    sing N N 40  
ASP N   H2   sing N N 41  
ASP CA  C    sing N N 42  
ASP CA  CB   sing N N 43  
ASP CA  HA   sing N N 44  
ASP C   O    doub N N 45  
ASP C   OXT  sing N N 46  
ASP CB  CG   sing N N 47  
ASP CB  HB2  sing N N 48  
ASP CB  HB3  sing N N 49  
ASP CG  OD1  doub N N 50  
ASP CG  OD2  sing N N 51  
ASP OD2 HD2  sing N N 52  
ASP OXT HXT  sing N N 53  
GLN N   CA   sing N N 54  
GLN N   H    sing N N 55  
GLN N   H2   sing N N 56  
GLN CA  C    sing N N 57  
GLN CA  CB   sing N N 58  
GLN CA  HA   sing N N 59  
GLN C   O    doub N N 60  
GLN C   OXT  sing N N 61  
GLN CB  CG   sing N N 62  
GLN CB  HB2  sing N N 63  
GLN CB  HB3  sing N N 64  
GLN CG  CD   sing N N 65  
GLN CG  HG2  sing N N 66  
GLN CG  HG3  sing N N 67  
GLN CD  OE1  doub N N 68  
GLN CD  NE2  sing N N 69  
GLN NE2 HE21 sing N N 70  
GLN NE2 HE22 sing N N 71  
GLN OXT HXT  sing N N 72  
GLU N   CA   sing N N 73  
GLU N   H    sing N N 74  
GLU N   H2   sing N N 75  
GLU CA  C    sing N N 76  
GLU CA  CB   sing N N 77  
GLU CA  HA   sing N N 78  
GLU C   O    doub N N 79  
GLU C   OXT  sing N N 80  
GLU CB  CG   sing N N 81  
GLU CB  HB2  sing N N 82  
GLU CB  HB3  sing N N 83  
GLU CG  CD   sing N N 84  
GLU CG  HG2  sing N N 85  
GLU CG  HG3  sing N N 86  
GLU CD  OE1  doub N N 87  
GLU CD  OE2  sing N N 88  
GLU OE2 HE2  sing N N 89  
GLU OXT HXT  sing N N 90  
GLY N   CA   sing N N 91  
GLY N   H    sing N N 92  
GLY N   H2   sing N N 93  
GLY CA  C    sing N N 94  
GLY CA  HA2  sing N N 95  
GLY CA  HA3  sing N N 96  
GLY C   O    doub N N 97  
GLY C   OXT  sing N N 98  
GLY OXT HXT  sing N N 99  
HOH O   H1   sing N N 100 
HOH O   H2   sing N N 101 
ILE N   CA   sing N N 102 
ILE N   H    sing N N 103 
ILE N   H2   sing N N 104 
ILE CA  C    sing N N 105 
ILE CA  CB   sing N N 106 
ILE CA  HA   sing N N 107 
ILE C   O    doub N N 108 
ILE C   OXT  sing N N 109 
ILE CB  CG1  sing N N 110 
ILE CB  CG2  sing N N 111 
ILE CB  HB   sing N N 112 
ILE CG1 CD1  sing N N 113 
ILE CG1 HG12 sing N N 114 
ILE CG1 HG13 sing N N 115 
ILE CG2 HG21 sing N N 116 
ILE CG2 HG22 sing N N 117 
ILE CG2 HG23 sing N N 118 
ILE CD1 HD11 sing N N 119 
ILE CD1 HD12 sing N N 120 
ILE CD1 HD13 sing N N 121 
ILE OXT HXT  sing N N 122 
LEU N   CA   sing N N 123 
LEU N   H    sing N N 124 
LEU N   H2   sing N N 125 
LEU CA  C    sing N N 126 
LEU CA  CB   sing N N 127 
LEU CA  HA   sing N N 128 
LEU C   O    doub N N 129 
LEU C   OXT  sing N N 130 
LEU CB  CG   sing N N 131 
LEU CB  HB2  sing N N 132 
LEU CB  HB3  sing N N 133 
LEU CG  CD1  sing N N 134 
LEU CG  CD2  sing N N 135 
LEU CG  HG   sing N N 136 
LEU CD1 HD11 sing N N 137 
LEU CD1 HD12 sing N N 138 
LEU CD1 HD13 sing N N 139 
LEU CD2 HD21 sing N N 140 
LEU CD2 HD22 sing N N 141 
LEU CD2 HD23 sing N N 142 
LEU OXT HXT  sing N N 143 
LYS N   CA   sing N N 144 
LYS N   H    sing N N 145 
LYS N   H2   sing N N 146 
LYS CA  C    sing N N 147 
LYS CA  CB   sing N N 148 
LYS CA  HA   sing N N 149 
LYS C   O    doub N N 150 
LYS C   OXT  sing N N 151 
LYS CB  CG   sing N N 152 
LYS CB  HB2  sing N N 153 
LYS CB  HB3  sing N N 154 
LYS CG  CD   sing N N 155 
LYS CG  HG2  sing N N 156 
LYS CG  HG3  sing N N 157 
LYS CD  CE   sing N N 158 
LYS CD  HD2  sing N N 159 
LYS CD  HD3  sing N N 160 
LYS CE  NZ   sing N N 161 
LYS CE  HE2  sing N N 162 
LYS CE  HE3  sing N N 163 
LYS NZ  HZ1  sing N N 164 
LYS NZ  HZ2  sing N N 165 
LYS NZ  HZ3  sing N N 166 
LYS OXT HXT  sing N N 167 
PHE N   CA   sing N N 168 
PHE N   H    sing N N 169 
PHE N   H2   sing N N 170 
PHE CA  C    sing N N 171 
PHE CA  CB   sing N N 172 
PHE CA  HA   sing N N 173 
PHE C   O    doub N N 174 
PHE C   OXT  sing N N 175 
PHE CB  CG   sing N N 176 
PHE CB  HB2  sing N N 177 
PHE CB  HB3  sing N N 178 
PHE CG  CD1  doub Y N 179 
PHE CG  CD2  sing Y N 180 
PHE CD1 CE1  sing Y N 181 
PHE CD1 HD1  sing N N 182 
PHE CD2 CE2  doub Y N 183 
PHE CD2 HD2  sing N N 184 
PHE CE1 CZ   doub Y N 185 
PHE CE1 HE1  sing N N 186 
PHE CE2 CZ   sing Y N 187 
PHE CE2 HE2  sing N N 188 
PHE CZ  HZ   sing N N 189 
PHE OXT HXT  sing N N 190 
PRO N   CA   sing N N 191 
PRO N   CD   sing N N 192 
PRO N   H    sing N N 193 
PRO CA  C    sing N N 194 
PRO CA  CB   sing N N 195 
PRO CA  HA   sing N N 196 
PRO C   O    doub N N 197 
PRO C   OXT  sing N N 198 
PRO CB  CG   sing N N 199 
PRO CB  HB2  sing N N 200 
PRO CB  HB3  sing N N 201 
PRO CG  CD   sing N N 202 
PRO CG  HG2  sing N N 203 
PRO CG  HG3  sing N N 204 
PRO CD  HD2  sing N N 205 
PRO CD  HD3  sing N N 206 
PRO OXT HXT  sing N N 207 
SER N   CA   sing N N 208 
SER N   H    sing N N 209 
SER N   H2   sing N N 210 
SER CA  C    sing N N 211 
SER CA  CB   sing N N 212 
SER CA  HA   sing N N 213 
SER C   O    doub N N 214 
SER C   OXT  sing N N 215 
SER CB  OG   sing N N 216 
SER CB  HB2  sing N N 217 
SER CB  HB3  sing N N 218 
SER OG  HG   sing N N 219 
SER OXT HXT  sing N N 220 
THR N   CA   sing N N 221 
THR N   H    sing N N 222 
THR N   H2   sing N N 223 
THR CA  C    sing N N 224 
THR CA  CB   sing N N 225 
THR CA  HA   sing N N 226 
THR C   O    doub N N 227 
THR C   OXT  sing N N 228 
THR CB  OG1  sing N N 229 
THR CB  CG2  sing N N 230 
THR CB  HB   sing N N 231 
THR OG1 HG1  sing N N 232 
THR CG2 HG21 sing N N 233 
THR CG2 HG22 sing N N 234 
THR CG2 HG23 sing N N 235 
THR OXT HXT  sing N N 236 
VAL N   CA   sing N N 237 
VAL N   H    sing N N 238 
VAL N   H2   sing N N 239 
VAL CA  C    sing N N 240 
VAL CA  CB   sing N N 241 
VAL CA  HA   sing N N 242 
VAL C   O    doub N N 243 
VAL C   OXT  sing N N 244 
VAL CB  CG1  sing N N 245 
VAL CB  CG2  sing N N 246 
VAL CB  HB   sing N N 247 
VAL CG1 HG11 sing N N 248 
VAL CG1 HG12 sing N N 249 
VAL CG1 HG13 sing N N 250 
VAL CG2 HG21 sing N N 251 
VAL CG2 HG22 sing N N 252 
VAL CG2 HG23 sing N N 253 
VAL OXT HXT  sing N N 254 
# 
_pdbx_audit_support.funding_organization   'Austrian Science Fund' 
_pdbx_audit_support.country                Austria 
_pdbx_audit_support.grant_number           I5960-B2 
_pdbx_audit_support.ordinal                1 
# 
_space_group.name_H-M_alt     'P 32 2 1' 
_space_group.name_Hall        
;P 32 2"
;
_space_group.IT_number        154 
_space_group.crystal_system   trigonal 
_space_group.id               1 
# 
_atom_sites.entry_id                    8AXO 
_atom_sites.Cartn_transf_matrix[1][1]   ? 
_atom_sites.Cartn_transf_matrix[1][2]   ? 
_atom_sites.Cartn_transf_matrix[1][3]   ? 
_atom_sites.Cartn_transf_matrix[2][1]   ? 
_atom_sites.Cartn_transf_matrix[2][2]   ? 
_atom_sites.Cartn_transf_matrix[2][3]   ? 
_atom_sites.Cartn_transf_matrix[3][1]   ? 
_atom_sites.Cartn_transf_matrix[3][2]   ? 
_atom_sites.Cartn_transf_matrix[3][3]   ? 
_atom_sites.Cartn_transf_vector[1]      ? 
_atom_sites.Cartn_transf_vector[2]      ? 
_atom_sites.Cartn_transf_vector[3]      ? 
_atom_sites.fract_transf_matrix[1][1]   -0.02524170 
_atom_sites.fract_transf_matrix[1][2]   0.01304637 
_atom_sites.fract_transf_matrix[1][3]   0.00463886 
_atom_sites.fract_transf_matrix[2][1]   -0.00242537 
_atom_sites.fract_transf_matrix[2][2]   0.02843208 
_atom_sites.fract_transf_matrix[2][3]   -0.00382077 
_atom_sites.fract_transf_matrix[3][1]   -0.00403902 
_atom_sites.fract_transf_matrix[3][2]   -0.00239341 
_atom_sites.fract_transf_matrix[3][3]   -0.01524651 
_atom_sites.fract_transf_vector[1]      -0.534728 
_atom_sites.fract_transf_vector[2]      -0.511125 
_atom_sites.fract_transf_vector[3]      0.000134 
_atom_sites.solution_primary            ? 
_atom_sites.solution_secondary          ? 
_atom_sites.solution_hydrogens          ? 
_atom_sites.special_details             ? 
# 
loop_
_atom_type.symbol 
_atom_type.scat_dispersion_real 
_atom_type.scat_dispersion_imag 
_atom_type.scat_Cromer_Mann_a1 
_atom_type.scat_Cromer_Mann_a2 
_atom_type.scat_Cromer_Mann_a3 
_atom_type.scat_Cromer_Mann_a4 
_atom_type.scat_Cromer_Mann_b1 
_atom_type.scat_Cromer_Mann_b2 
_atom_type.scat_Cromer_Mann_b3 
_atom_type.scat_Cromer_Mann_b4 
_atom_type.scat_Cromer_Mann_c 
_atom_type.scat_source 
_atom_type.scat_dispersion_source 
C ? ? 3.54356 2.42580 ? ? 25.62398 1.50364 ? ? 0.0 
;2-Gaussian fit: Grosse-Kunstleve RW, Sauter NK, Adams PD: Newsletter of the IUCr Commission on Crystallographic Computing 2004, 3, 22-31.
;
? 
H ? ? 0.51345 0.48472 ? ? 24.73122 6.32584 ? ? 0.0 
;2-Gaussian fit: Grosse-Kunstleve RW, Sauter NK, Adams PD: Newsletter of the IUCr Commission on Crystallographic Computing 2004, 3, 22-31.
;
? 
N ? ? 4.01032 2.96436 ? ? 19.97189 1.75589 ? ? 0.0 
;2-Gaussian fit: Grosse-Kunstleve RW, Sauter NK, Adams PD: Newsletter of the IUCr Commission on Crystallographic Computing 2004, 3, 22-31.
;
? 
O ? ? 4.49882 3.47563 ? ? 15.80542 1.70748 ? ? 0.0 
;2-Gaussian fit: Grosse-Kunstleve RW, Sauter NK, Adams PD: Newsletter of the IUCr Commission on Crystallographic Computing 2004, 3, 22-31.
;
? 
# 
loop_
_atom_site.group_PDB 
_atom_site.id 
_atom_site.type_symbol 
_atom_site.label_atom_id 
_atom_site.label_alt_id 
_atom_site.label_comp_id 
_atom_site.label_asym_id 
_atom_site.label_entity_id 
_atom_site.label_seq_id 
_atom_site.pdbx_PDB_ins_code 
_atom_site.Cartn_x 
_atom_site.Cartn_y 
_atom_site.Cartn_z 
_atom_site.occupancy 
_atom_site.B_iso_or_equiv 
_atom_site.pdbx_formal_charge 
_atom_site.auth_seq_id 
_atom_site.auth_comp_id 
_atom_site.auth_asym_id 
_atom_site.auth_atom_id 
_atom_site.pdbx_PDB_model_num 
ATOM   1    N N    . PRO A 1 4  ? -7.40448  -8.30807  7.70716   1.000 53.42303 ? 259 PRO A N    1 
ATOM   2    C CA   . PRO A 1 4  ? -7.02601  -6.88581  7.78132   1.000 48.58983 ? 259 PRO A CA   1 
ATOM   3    C C    . PRO A 1 4  ? -7.93603  -6.05967  8.68827   1.000 41.94413 ? 259 PRO A C    1 
ATOM   4    O O    . PRO A 1 4  ? -9.14601  -6.27383  8.69069   1.000 41.41102 ? 259 PRO A O    1 
ATOM   5    C CB   . PRO A 1 4  ? -7.15679  -6.39613  6.33115   1.000 48.48672 ? 259 PRO A CB   1 
ATOM   6    C CG   . PRO A 1 4  ? -7.18781  -7.65972  5.49137   1.000 51.03277 ? 259 PRO A CG   1 
ATOM   7    C CD   . PRO A 1 4  ? -7.76333  -8.74458  6.34828   1.000 53.45982 ? 259 PRO A CD   1 
ATOM   8    H HA   . PRO A 1 4  ? -6.10688  -6.80853  8.08151   1.000 58.30780 ? 259 PRO A HA   1 
ATOM   9    H HB2  . PRO A 1 4  ? -7.97731  -5.88949  6.22647   1.000 58.18407 ? 259 PRO A HB2  1 
ATOM   10   H HB3  . PRO A 1 4  ? -6.39393  -5.84376  6.09913   1.000 58.18407 ? 259 PRO A HB3  1 
ATOM   11   H HG2  . PRO A 1 4  ? -7.74427  -7.51367  4.71039   1.000 61.23932 ? 259 PRO A HG2  1 
ATOM   12   H HG3  . PRO A 1 4  ? -6.28529  -7.88678  5.21790   1.000 61.23932 ? 259 PRO A HG3  1 
ATOM   13   H HD2  . PRO A 1 4  ? -8.72619  -8.79666  6.24293   1.000 64.15178 ? 259 PRO A HD2  1 
ATOM   14   H HD3  . PRO A 1 4  ? -7.36003  -9.60203  6.14086   1.000 64.15178 ? 259 PRO A HD3  1 
ATOM   15   N N    . THR A 1 5  ? -7.35668  -5.14796  9.46293   1.000 36.76902 ? 260 THR A N    1 
ATOM   16   C CA   . THR A 1 5  ? -8.11701  -4.22914  10.29708  1.000 34.23659 ? 260 THR A CA   1 
ATOM   17   C C    . THR A 1 5  ? -8.14585  -2.85861  9.62957   1.000 32.24390 ? 260 THR A C    1 
ATOM   18   O O    . THR A 1 5  ? -7.22618  -2.48239  8.89738   1.000 32.09327 ? 260 THR A O    1 
ATOM   19   C CB   . THR A 1 5  ? -7.50734  -4.09428  11.69729  1.000 34.17845 ? 260 THR A CB   1 
ATOM   20   O OG1  . THR A 1 5  ? -6.34930  -3.25054  11.62564  1.000 32.46552 ? 260 THR A OG1  1 
ATOM   21   C CG2  . THR A 1 5  ? -7.15238  -5.46442  12.26550  1.000 37.67310 ? 260 THR A CG2  1 
ATOM   22   H H    . THR A 1 5  ? -6.50539  -5.04133  9.52237   1.000 44.12283 ? 260 THR A H    1 
ATOM   23   H HA   . THR A 1 5  ? -9.02112  -4.56433  10.40258  1.000 41.08390 ? 260 THR A HA   1 
ATOM   24   H HB   . THR A 1 5  ? -8.14758  -3.69345  12.30583  1.000 41.01413 ? 260 THR A HB   1 
ATOM   25   H HG1  . THR A 1 5  ? -6.04046  -3.12054  12.39591  1.000 38.95862 ? 260 THR A HG1  1 
ATOM   26   H HG21 . THR A 1 5  ? -6.81045  -5.37068  13.16839  1.000 45.20772 ? 260 THR A HG21 1 
ATOM   27   H HG22 . THR A 1 5  ? -7.94020  -6.02999  12.28437  1.000 45.20772 ? 260 THR A HG22 1 
ATOM   28   H HG23 . THR A 1 5  ? -6.47484  -5.88667  11.71456  1.000 45.20772 ? 260 THR A HG23 1 
ATOM   29   N N    . GLU A 1 6  ? -9.21069  -2.10445  9.89600   1.000 32.88266 ? 261 GLU A N    1 
ATOM   30   C CA   . GLU A 1 6  ? -9.29302  -0.75360  9.35731   1.000 34.64213 ? 261 GLU A CA   1 
ATOM   31   C C    . GLU A 1 6  ? -8.12415  0.09851   9.83847   1.000 30.93509 ? 261 GLU A C    1 
ATOM   32   O O    . GLU A 1 6  ? -7.57718  0.90080   9.07499   1.000 28.61684 ? 261 GLU A O    1 
ATOM   33   C CB   . GLU A 1 6  ? -10.62000 -0.10997  9.75372   1.000 39.55192 ? 261 GLU A CB   1 
ATOM   34   C CG   . GLU A 1 6  ? -10.89753 1.20472   9.03747   1.000 45.61932 ? 261 GLU A CG   1 
ATOM   35   C CD   . GLU A 1 6  ? -12.27881 1.25476   8.41938   1.000 49.63382 ? 261 GLU A CD   1 
ATOM   36   O OE1  . GLU A 1 6  ? -12.57224 0.41173   7.54896   1.000 50.41056 ? 261 GLU A OE1  1 
ATOM   37   O OE2  . GLU A 1 6  ? -13.07384 2.13414   8.81033   1.000 51.32519 ? 261 GLU A OE2  1 
ATOM   38   H H    . GLU A 1 6  ? -9.88269  -2.34669  10.37490  1.000 39.45919 ? 261 GLU A H    1 
ATOM   39   H HA   . GLU A 1 6  ? -9.25882  -0.79946  8.38899   1.000 41.57056 ? 261 GLU A HA   1 
ATOM   40   H HB2  . GLU A 1 6  ? -11.34080 -0.72270  9.53940   1.000 47.46231 ? 261 GLU A HB2  1 
ATOM   41   H HB3  . GLU A 1 6  ? -10.60839 0.06810   10.70715  1.000 47.46231 ? 261 GLU A HB3  1 
ATOM   42   H HG2  . GLU A 1 6  ? -10.82752 1.93273   9.67466   1.000 54.74319 ? 261 GLU A HG2  1 
ATOM   43   H HG3  . GLU A 1 6  ? -10.24688 1.32143   8.32759   1.000 54.74319 ? 261 GLU A HG3  1 
ATOM   44   N N    . THR A 1 7  ? -7.73127  -0.05186  11.10488  1.000 28.70137 ? 262 THR A N    1 
ATOM   45   C CA   . THR A 1 7  ? -6.63947  0.75675   11.63960  1.000 28.53156 ? 262 THR A CA   1 
ATOM   46   C C    . THR A 1 7  ? -5.36109  0.54715   10.84082  1.000 25.77539 ? 262 THR A C    1 
ATOM   47   O O    . THR A 1 7  ? -4.68857  1.51270   10.46215  1.000 25.67667 ? 262 THR A O    1 
ATOM   48   C CB   . THR A 1 7  ? -6.42192  0.43832   13.11659  1.000 33.36383 ? 262 THR A CB   1 
ATOM   49   O OG1  . THR A 1 7  ? -7.62484  0.72286   13.83710  1.000 37.43120 ? 262 THR A OG1  1 
ATOM   50   C CG2  . THR A 1 7  ? -5.28826  1.27884   13.68043  1.000 34.31586 ? 262 THR A CG2  1 
ATOM   51   H H    . THR A 1 7  ? -8.07537  -0.60622  11.66513  1.000 34.44164 ? 262 THR A H    1 
ATOM   52   H HA   . THR A 1 7  ? -6.88220  1.69351   11.57285  1.000 34.23787 ? 262 THR A HA   1 
ATOM   53   H HB   . THR A 1 7  ? -6.18832  -0.49729  13.22126  1.000 40.03659 ? 262 THR A HB   1 
ATOM   54   H HG1  . THR A 1 7  ? -7.50578  0.59169   14.65821  1.000 44.91745 ? 262 THR A HG1  1 
ATOM   55   H HG21 . THR A 1 7  ? -5.29540  1.23823   14.64955  1.000 41.17903 ? 262 THR A HG21 1 
ATOM   56   H HG22 . THR A 1 7  ? -4.43623  0.94601   13.35768  1.000 41.17903 ? 262 THR A HG22 1 
ATOM   57   H HG23 . THR A 1 7  ? -5.39070  2.20275   13.40331  1.000 41.17903 ? 262 THR A HG23 1 
ATOM   58   N N    . GLY A 1 8  ? -5.00661  -0.71153  10.57964  1.000 25.66004 ? 263 GLY A N    1 
ATOM   59   C CA   . GLY A 1 8  ? -3.79083  -0.98854  9.82983   1.000 25.16037 ? 263 GLY A CA   1 
ATOM   60   C C    . GLY A 1 8  ? -3.85124  -0.49144  8.39808   1.000 22.70983 ? 263 GLY A C    1 
ATOM   61   O O    . GLY A 1 8  ? -2.88360  0.07507   7.88331   1.000 23.86695 ? 263 GLY A O    1 
ATOM   62   H H    . GLY A 1 8  ? -5.44671  -1.40944  10.82224  1.000 30.79205 ? 263 GLY A H    1 
ATOM   63   H HA2  . GLY A 1 8  ? -3.04069  -0.55788  10.26883  1.000 30.19244 ? 263 GLY A HA2  1 
ATOM   64   H HA3  . GLY A 1 8  ? -3.63882  -1.94640  9.81197   1.000 30.19244 ? 263 GLY A HA3  1 
ATOM   65   N N    . VAL A 1 9  ? -4.98632  -0.69049  7.73297   1.000 21.11940 ? 264 VAL A N    1 
ATOM   66   C CA   . VAL A 1 9  ? -5.10682  -0.23521  6.35390   1.000 21.35748 ? 264 VAL A CA   1 
ATOM   67   C C    . VAL A 1 9  ? -5.01815  1.28079   6.29163   1.000 20.51697 ? 264 VAL A C    1 
ATOM   68   O O    . VAL A 1 9  ? -4.32716  1.83825   5.42988   1.000 19.67931 ? 264 VAL A O    1 
ATOM   69   C CB   . VAL A 1 9  ? -6.39650  -0.77753  5.71067   1.000 22.41524 ? 264 VAL A CB   1 
ATOM   70   C CG1  . VAL A 1 9  ? -6.58126  -0.20116  4.32202   1.000 24.33602 ? 264 VAL A CG1  1 
ATOM   71   C CG2  . VAL A 1 9  ? -6.36039  -2.30138  5.66335   1.000 23.86453 ? 264 VAL A CG2  1 
ATOM   72   H H    . VAL A 1 9  ? -5.68538  -1.07785  8.05056   1.000 25.34329 ? 264 VAL A H    1 
ATOM   73   H HA   . VAL A 1 9  ? -4.36436  -0.59338  5.84266   1.000 25.62897 ? 264 VAL A HA   1 
ATOM   74   H HB   . VAL A 1 9  ? -7.15708  -0.50785  6.24889   1.000 26.89829 ? 264 VAL A HB   1 
ATOM   75   H HG11 . VAL A 1 9  ? -7.38225  -0.57966  3.92700   1.000 29.20323 ? 264 VAL A HG11 1 
ATOM   76   H HG12 . VAL A 1 9  ? -6.66918  0.76251   4.38920   1.000 29.20323 ? 264 VAL A HG12 1 
ATOM   77   H HG13 . VAL A 1 9  ? -5.80788  -0.42586  3.78137   1.000 29.20323 ? 264 VAL A HG13 1 
ATOM   78   H HG21 . VAL A 1 9  ? -7.17727  -2.62398  5.25160   1.000 28.63743 ? 264 VAL A HG21 1 
ATOM   79   H HG22 . VAL A 1 9  ? -5.59310  -2.58302  5.14102   1.000 28.63743 ? 264 VAL A HG22 1 
ATOM   80   H HG23 . VAL A 1 9  ? -6.28839  -2.64380  6.56804   1.000 28.63743 ? 264 VAL A HG23 1 
ATOM   81   N N    . VAL A 1 10 ? -5.70008  1.97429   7.21102   1.000 20.74649 ? 265 VAL A N    1 
ATOM   82   C CA   . VAL A 1 10 ? -5.62300  3.43262   7.24316   1.000 21.01127 ? 265 VAL A CA   1 
ATOM   83   C C    . VAL A 1 10 ? -4.18124  3.87800   7.44736   1.000 21.44910 ? 265 VAL A C    1 
ATOM   84   O O    . VAL A 1 10 ? -3.70304  4.81527   6.79584   1.000 20.01487 ? 265 VAL A O    1 
ATOM   85   C CB   . VAL A 1 10 ? -6.55775  3.99076   8.33281   1.000 22.60205 ? 265 VAL A CB   1 
ATOM   86   C CG1  . VAL A 1 10 ? -6.21655  5.44567   8.62495   1.000 23.71344 ? 265 VAL A CG1  1 
ATOM   87   C CG2  . VAL A 1 10 ? -8.01134  3.83828   7.90925   1.000 25.33959 ? 265 VAL A CG2  1 
ATOM   88   H H    . VAL A 1 10 ? -6.20468  1.62801   7.81524   1.000 24.89579 ? 265 VAL A H    1 
ATOM   89   H HA   . VAL A 1 10 ? -5.92344  3.78172   6.38949   1.000 25.21353 ? 265 VAL A HA   1 
ATOM   90   H HB   . VAL A 1 10 ? -6.43441  3.48729   9.15270   1.000 27.12246 ? 265 VAL A HB   1 
ATOM   91   H HG11 . VAL A 1 10 ? -6.96202  5.85784   9.08894   1.000 28.45613 ? 265 VAL A HG11 1 
ATOM   92   H HG12 . VAL A 1 10 ? -5.42221  5.47831   9.18070   1.000 28.45613 ? 265 VAL A HG12 1 
ATOM   93   H HG13 . VAL A 1 10 ? -6.05311  5.90612   7.78698   1.000 28.45613 ? 265 VAL A HG13 1 
ATOM   94   H HG21 . VAL A 1 10 ? -8.58359  4.16599   8.62062   1.000 30.40751 ? 265 VAL A HG21 1 
ATOM   95   H HG22 . VAL A 1 10 ? -8.16044  4.35339   7.10097   1.000 30.40751 ? 265 VAL A HG22 1 
ATOM   96   H HG23 . VAL A 1 10 ? -8.19498  2.90054   7.74248   1.000 30.40751 ? 265 VAL A HG23 1 
ATOM   97   N N    . GLN A 1 11 ? -3.46564  3.21507   8.35264   1.000 22.95124 ? 266 GLN A N    1 
ATOM   98   C CA   . GLN A 1 11 ? -2.07410  3.57038   8.59810   1.000 23.20736 ? 266 GLN A CA   1 
ATOM   99   C C    . GLN A 1 11 ? -1.23383  3.39925   7.34317   1.000 20.45266 ? 266 GLN A C    1 
ATOM   100  O O    . GLN A 1 11 ? -0.43447  4.27460   6.99470   1.000 20.16019 ? 266 GLN A O    1 
ATOM   101  C CB   . GLN A 1 11 ? -1.54019  2.68003   9.71529   1.000 30.26018 ? 266 GLN A CB   1 
ATOM   102  C CG   . GLN A 1 11 ? -0.26028  3.12942   10.34534  1.000 42.50962 ? 266 GLN A CG   1 
ATOM   103  C CD   . GLN A 1 11 ? 0.07645   2.31306   11.58477  1.000 53.72515 ? 266 GLN A CD   1 
ATOM   104  O OE1  . GLN A 1 11 ? 1.06646   1.58034   11.61008  1.000 57.56735 ? 266 GLN A OE1  1 
ATOM   105  N NE2  . GLN A 1 11 ? -0.75289  2.43162   12.61720  1.000 58.08560 ? 266 GLN A NE2  1 
ATOM   106  H H    . GLN A 1 11 ? -3.75913  2.56393   8.83169   1.000 27.54149 ? 266 GLN A H    1 
ATOM   107  H HA   . GLN A 1 11 ? -2.01730  4.50027   8.86823   1.000 27.84884 ? 266 GLN A HA   1 
ATOM   108  H HB2  . GLN A 1 11 ? -2.20812  2.63912   10.41749  1.000 36.31221 ? 266 GLN A HB2  1 
ATOM   109  H HB3  . GLN A 1 11 ? -1.38664  1.79407   9.35143   1.000 36.31221 ? 266 GLN A HB3  1 
ATOM   110  H HG2  . GLN A 1 11 ? 0.46342   3.02659   9.70770   1.000 51.01155 ? 266 GLN A HG2  1 
ATOM   111  H HG3  . GLN A 1 11 ? -0.34211  4.05984   10.60711  1.000 51.01155 ? 266 GLN A HG3  1 
ATOM   112  H HE21 . GLN A 1 11 ? -1.43714  2.94962   12.56182  1.000 69.70272 ? 266 GLN A HE21 1 
ATOM   113  H HE22 . GLN A 1 11 ? -0.60506  1.99030   13.34038  1.000 69.70272 ? 266 GLN A HE22 1 
ATOM   114  N N    . ALA A 1 12 ? -1.39230  2.26799   6.65887   1.000 20.04164 ? 267 ALA A N    1 
ATOM   115  C CA   . ALA A 1 12 ? -0.64381  2.03520   5.42882   1.000 19.56965 ? 267 ALA A CA   1 
ATOM   116  C C    . ALA A 1 12 ? -0.98337  3.07197   4.36332   1.000 17.87679 ? 267 ALA A C    1 
ATOM   117  O O    . ALA A 1 12 ? -0.09541  3.58044   3.67024   1.000 18.67629 ? 267 ALA A O    1 
ATOM   118  C CB   . ALA A 1 12 ? -0.95856  0.63297   4.91867   1.000 19.49281 ? 267 ALA A CB   1 
ATOM   119  H H    . ALA A 1 12 ? -1.92048  1.62724   6.88264   1.000 24.04997 ? 267 ALA A H    1 
ATOM   120  H HA   . ALA A 1 12 ? 0.30605   2.10257   5.61358   1.000 23.48358 ? 267 ALA A HA   1 
ATOM   121  H HB1  . ALA A 1 12 ? -0.46322  0.47638   4.09951   1.000 23.39137 ? 267 ALA A HB1  1 
ATOM   122  H HB2  . ALA A 1 12 ? -0.69704  -0.01422  5.59222   1.000 23.39137 ? 267 ALA A HB2  1 
ATOM   123  H HB3  . ALA A 1 12 ? -1.91093  0.56561   4.74735   1.000 23.39137 ? 267 ALA A HB3  1 
ATOM   124  N N    . VAL A 1 13 ? -2.26112  3.41709   4.23366   1.000 17.58934 ? 268 VAL A N    1 
ATOM   125  C CA   . VAL A 1 13 ? -2.65123  4.42412   3.25390   1.000 17.95485 ? 268 VAL A CA   1 
ATOM   126  C C    . VAL A 1 13 ? -1.98454  5.75861   3.56242   1.000 18.09479 ? 268 VAL A C    1 
ATOM   127  O O    . VAL A 1 13 ? -1.48417  6.43744   2.66093   1.000 17.86712 ? 268 VAL A O    1 
ATOM   128  C CB   . VAL A 1 13 ? -4.18610  4.54134   3.19177   1.000 18.50803 ? 268 VAL A CB   1 
ATOM   129  C CG1  . VAL A 1 13 ? -4.57439  5.80649   2.45142   1.000 19.96825 ? 268 VAL A CG1  1 
ATOM   130  C CG2  . VAL A 1 13 ? -4.78441  3.30581   2.54236   1.000 18.99245 ? 268 VAL A CG2  1 
ATOM   131  H H    . VAL A 1 13 ? -2.91036  3.08919   4.69255   1.000 21.10721 ? 268 VAL A H    1 
ATOM   132  H HA   . VAL A 1 13 ? -2.34216  4.14138   2.37901   1.000 21.54582 ? 268 VAL A HA   1 
ATOM   133  H HB   . VAL A 1 13 ? -4.54832  4.59866   4.08976   1.000 22.20964 ? 268 VAL A HB   1 
ATOM   134  H HG11 . VAL A 1 13 ? -5.49895  5.73476   2.16690   1.000 23.96190 ? 268 VAL A HG11 1 
ATOM   135  H HG12 . VAL A 1 13 ? -4.46930  6.56540   3.04633   1.000 23.96190 ? 268 VAL A HG12 1 
ATOM   136  H HG13 . VAL A 1 13 ? -3.99751  5.90974   1.67847   1.000 23.96190 ? 268 VAL A HG13 1 
ATOM   137  H HG21 . VAL A 1 13 ? -5.75122  3.38436   2.54517   1.000 22.79094 ? 268 VAL A HG21 1 
ATOM   138  H HG22 . VAL A 1 13 ? -4.46053  3.24015   1.63039   1.000 22.79094 ? 268 VAL A HG22 1 
ATOM   139  H HG23 . VAL A 1 13 ? -4.51475  2.52213   3.04638   1.000 22.79094 ? 268 VAL A HG23 1 
ATOM   140  N N    . LYS A 1 14 ? -1.93798  6.14811   4.83706   1.000 18.65959 ? 269 LYS A N    1 
ATOM   141  C CA   . LYS A 1 14 ? -1.31731  7.42310   5.17761   1.000 19.81315 ? 269 LYS A CA   1 
ATOM   142  C C    . LYS A 1 14 ? 0.15935   7.42772   4.80686   1.000 19.55601 ? 269 LYS A C    1 
ATOM   143  O O    . LYS A 1 14 ? 0.67509   8.42648   4.28649   1.000 20.53992 ? 269 LYS A O    1 
ATOM   144  C CB   . LYS A 1 14 ? -1.51230  7.72679   6.65489   1.000 20.62818 ? 269 LYS A CB   1 
ATOM   145  C CG   . LYS A 1 14 ? -2.92038  8.11750   7.04534   1.000 21.96578 ? 269 LYS A CG   1 
ATOM   146  C CD   . LYS A 1 14 ? -2.94993  8.49010   8.52736   1.000 23.34781 ? 269 LYS A CD   1 
ATOM   147  C CE   . LYS A 1 14 ? -4.35581  8.79195   9.01001   1.000 25.52052 ? 269 LYS A CE   1 
ATOM   148  N NZ   . LYS A 1 14 ? -4.35074  9.29573   10.41234  1.000 28.46579 ? 269 LYS A NZ   1 
ATOM   149  H H    . LYS A 1 14 ? -2.25018  5.70401   5.50407   1.000 22.39151 ? 269 LYS A H    1 
ATOM   150  H HA   . LYS A 1 14 ? -1.75265  8.13002   4.67597   1.000 23.77578 ? 269 LYS A HA   1 
ATOM   151  H HB2  . LYS A 1 14 ? -1.27781  6.93559   7.16470   1.000 24.75382 ? 269 LYS A HB2  1 
ATOM   152  H HB3  . LYS A 1 14 ? -0.92838  8.46255   6.89692   1.000 24.75382 ? 269 LYS A HB3  1 
ATOM   153  H HG2  . LYS A 1 14 ? -3.20652  8.88338   6.52338   1.000 26.35894 ? 269 LYS A HG2  1 
ATOM   154  H HG3  . LYS A 1 14 ? -3.52238  7.37146   6.89721   1.000 26.35894 ? 269 LYS A HG3  1 
ATOM   155  H HD2  . LYS A 1 14 ? -2.60301  7.75000   9.04966   1.000 28.01737 ? 269 LYS A HD2  1 
ATOM   156  H HD3  . LYS A 1 14 ? -2.40521  9.28013   8.66889   1.000 28.01737 ? 269 LYS A HD3  1 
ATOM   157  H HE2  . LYS A 1 14 ? -4.75196  9.47150   8.44240   1.000 30.62462 ? 269 LYS A HE2  1 
ATOM   158  H HE3  . LYS A 1 14 ? -4.88794  7.98157   8.97814   1.000 30.62462 ? 269 LYS A HE3  1 
ATOM   159  H HZ1  . LYS A 1 14 ? -5.18309  9.46548   10.67782  1.000 34.15895 ? 269 LYS A HZ1  1 
ATOM   160  H HZ2  . LYS A 1 14 ? -3.99363  8.68605   10.95351  1.000 34.15895 ? 269 LYS A HZ2  1 
ATOM   161  H HZ3  . LYS A 1 14 ? -3.87239  10.04439  10.46511  1.000 34.15895 ? 269 LYS A HZ3  1 
ATOM   162  N N    . VAL A 1 15 ? 0.85884   6.32197   5.07006   1.000 20.00461 ? 270 VAL A N    1 
ATOM   163  C CA   . VAL A 1 15 ? 2.26425   6.22569   4.68263   1.000 21.05199 ? 270 VAL A CA   1 
ATOM   164  C C    . VAL A 1 15 ? 2.41605   6.42761   3.17784   1.000 20.37199 ? 270 VAL A C    1 
ATOM   165  O O    . VAL A 1 15 ? 3.29403   7.16390   2.71677   1.000 21.07862 ? 270 VAL A O    1 
ATOM   166  C CB   . VAL A 1 15 ? 2.86450   4.88938   5.15561   1.000 21.84527 ? 270 VAL A CB   1 
ATOM   167  C CG1  . VAL A 1 15 ? 4.24351   4.69062   4.55660   1.000 24.62470 ? 270 VAL A CG1  1 
ATOM   168  C CG2  . VAL A 1 15 ? 2.91840   4.84251   6.67891   1.000 23.81625 ? 270 VAL A CG2  1 
ATOM   169  H H    . VAL A 1 15 ? 0.54728   5.62483   5.46570   1.000 24.00553 ? 270 VAL A H    1 
ATOM   170  H HA   . VAL A 1 15 ? 2.75688   6.93649   5.12193   1.000 25.26238 ? 270 VAL A HA   1 
ATOM   171  H HB   . VAL A 1 15 ? 2.29968   4.16067   4.85419   1.000 26.21433 ? 270 VAL A HB   1 
ATOM   172  H HG11 . VAL A 1 15 ? 4.70438   3.99368   5.04932   1.000 29.54964 ? 270 VAL A HG11 1 
ATOM   173  H HG12 . VAL A 1 15 ? 4.14949   4.43136   3.62663   1.000 29.54964 ? 270 VAL A HG12 1 
ATOM   174  H HG13 . VAL A 1 15 ? 4.73812   5.52266   4.61966   1.000 29.54964 ? 270 VAL A HG13 1 
ATOM   175  H HG21 . VAL A 1 15 ? 3.30282   3.99595   6.95540   1.000 28.57949 ? 270 VAL A HG21 1 
ATOM   176  H HG22 . VAL A 1 15 ? 3.46790   5.57532   6.99817   1.000 28.57949 ? 270 VAL A HG22 1 
ATOM   177  H HG23 . VAL A 1 15 ? 2.01795   4.92714   7.02952   1.000 28.57949 ? 270 VAL A HG23 1 
ATOM   178  N N    . LEU A 1 16 ? 1.56143   5.77208   2.39257   1.000 18.84193 ? 271 LEU A N    1 
ATOM   179  C CA   . LEU A 1 16 ? 1.63025   5.91451   0.94210   1.000 19.15349 ? 271 LEU A CA   1 
ATOM   180  C C    . LEU A 1 16 ? 1.31555   7.34161   0.50526   1.000 20.52584 ? 271 LEU A C    1 
ATOM   181  O O    . LEU A 1 16 ? 1.96737   7.87650   -0.39909  1.000 21.95365 ? 271 LEU A O    1 
ATOM   182  C CB   . LEU A 1 16 ? 0.67347   4.92989   0.27493   1.000 19.47603 ? 271 LEU A CB   1 
ATOM   183  C CG   . LEU A 1 16 ? 1.03721   3.45781   0.42990   1.000 20.10664 ? 271 LEU A CG   1 
ATOM   184  C CD1  . LEU A 1 16 ? -0.10433  2.57606   -0.05816  1.000 22.48300 ? 271 LEU A CD1  1 
ATOM   185  C CD2  . LEU A 1 16 ? 2.31219   3.13431   -0.31369  1.000 22.02527 ? 271 LEU A CD2  1 
ATOM   186  H H    . LEU A 1 16 ? 0.94096   5.24587   2.67136   1.000 22.61032 ? 271 LEU A H    1 
ATOM   187  H HA   . LEU A 1 16 ? 2.53221   5.70533   0.65294   1.000 22.98419 ? 271 LEU A HA   1 
ATOM   188  H HB2  . LEU A 1 16 ? -0.20805  5.05272   0.66062   1.000 23.37124 ? 271 LEU A HB2  1 
ATOM   189  H HB3  . LEU A 1 16 ? 0.64991   5.12410   -0.67513  1.000 23.37124 ? 271 LEU A HB3  1 
ATOM   190  H HG   . LEU A 1 16 ? 1.18806   3.27048   1.36961   1.000 24.12797 ? 271 LEU A HG   1 
ATOM   191  H HD11 . LEU A 1 16 ? 0.14442   1.64546   0.05596   1.000 26.97960 ? 271 LEU A HD11 1 
ATOM   192  H HD12 . LEU A 1 16 ? -0.89935  2.77210   0.46185   1.000 26.97960 ? 271 LEU A HD12 1 
ATOM   193  H HD13 . LEU A 1 16 ? -0.26829  2.76202   -0.99594  1.000 26.97960 ? 271 LEU A HD13 1 
ATOM   194  H HD21 . LEU A 1 16 ? 2.43794   2.17252   -0.32138  1.000 26.43032 ? 271 LEU A HD21 1 
ATOM   195  H HD22 . LEU A 1 16 ? 2.24054   3.46581   -1.22247  1.000 26.43032 ? 271 LEU A HD22 1 
ATOM   196  H HD23 . LEU A 1 16 ? 3.05749   3.56177   0.13653   1.000 26.43032 ? 271 LEU A HD23 1 
ATOM   197  N N    . LEU A 1 17 ? 0.30559   7.96647   1.11537   1.000 19.10835 ? 272 LEU A N    1 
ATOM   198  C CA   . LEU A 1 17 ? -0.08090  9.30924   0.70664   1.000 19.76863 ? 272 LEU A CA   1 
ATOM   199  C C    . LEU A 1 17 ? 1.01851   10.31677  0.99068   1.000 21.48638 ? 272 LEU A C    1 
ATOM   200  O O    . LEU A 1 17 ? 1.14901   11.31471  0.26953   1.000 22.87995 ? 272 LEU A O    1 
ATOM   201  C CB   . LEU A 1 17 ? -1.35539  9.72190   1.43337   1.000 20.35135 ? 272 LEU A CB   1 
ATOM   202  C CG   . LEU A 1 17 ? -2.63160  8.96756   1.07792   1.000 23.31669 ? 272 LEU A CG   1 
ATOM   203  C CD1  . LEU A 1 17 ? -3.74601  9.32552   2.05520   1.000 24.27926 ? 272 LEU A CD1  1 
ATOM   204  C CD2  . LEU A 1 17 ? -3.05142  9.26898   -0.34972  1.000 27.47369 ? 272 LEU A CD2  1 
ATOM   205  H H    . LEU A 1 17 ? -0.16216  7.63755   1.75773   1.000 22.93002 ? 272 LEU A H    1 
ATOM   206  H HA   . LEU A 1 17 ? -0.25398  9.30713   -0.24779  1.000 23.72236 ? 272 LEU A HA   1 
ATOM   207  H HB2  . LEU A 1 17 ? -1.20968  9.59845   2.38438   1.000 24.42162 ? 272 LEU A HB2  1 
ATOM   208  H HB3  . LEU A 1 17 ? -1.51808  10.65871  1.24151   1.000 24.42162 ? 272 LEU A HB3  1 
ATOM   209  H HG   . LEU A 1 17 ? -2.46636  8.01396   1.14317   1.000 27.98002 ? 272 LEU A HG   1 
ATOM   210  H HD11 . LEU A 1 17 ? -4.55325  8.85153   1.80104   1.000 29.13511 ? 272 LEU A HD11 1 
ATOM   211  H HD12 . LEU A 1 17 ? -3.47718  9.06480   2.95000   1.000 29.13511 ? 272 LEU A HD12 1 
ATOM   212  H HD13 . LEU A 1 17 ? -3.89999  10.28264  2.02177   1.000 29.13511 ? 272 LEU A HD13 1 
ATOM   213  H HD21 . LEU A 1 17 ? -3.91414  8.85892   -0.51845  1.000 32.96842 ? 272 LEU A HD21 1 
ATOM   214  H HD22 . LEU A 1 17 ? -3.11397  10.23016  -0.46425  1.000 32.96842 ? 272 LEU A HD22 1 
ATOM   215  H HD23 . LEU A 1 17 ? -2.38812  8.90593   -0.95729  1.000 32.96842 ? 272 LEU A HD23 1 
ATOM   216  N N    . SER A 1 18 ? 1.80743   10.08482  2.04104   1.000 22.79671 ? 273 SER A N    1 
ATOM   217  C CA   A SER A 1 18 ? 2.90786   10.98402  2.36456   0.541 26.18925 ? 273 SER A CA   1 
ATOM   218  C CA   B SER A 1 18 ? 2.91017   10.97914  2.36670   0.459 26.35088 ? 273 SER A CA   1 
ATOM   219  C C    . SER A 1 18 ? 3.96627   11.01965  1.27270   1.000 28.91985 ? 273 SER A C    1 
ATOM   220  O O    . SER A 1 18 ? 4.85408   11.87838  1.32327   1.000 33.89060 ? 273 SER A O    1 
ATOM   221  C CB   A SER A 1 18 ? 3.54762   10.57386  3.69401   0.541 26.16717 ? 273 SER A CB   1 
ATOM   222  C CB   B SER A 1 18 ? 3.56363   10.54511  3.68038   0.459 27.12234 ? 273 SER A CB   1 
ATOM   223  O OG   A SER A 1 18 ? 4.40078   9.45068   3.53924   0.541 27.81019 ? 273 SER A OG   1 
ATOM   224  O OG   B SER A 1 18 ? 2.60674   10.42854  4.71730   0.459 29.36437 ? 273 SER A OG   1 
ATOM   225  H H    A SER A 1 18 ? 1.72494   9.41734   2.57701   0.541 27.35605 ? 273 SER A H    1 
ATOM   226  H H    B SER A 1 18 ? 1.72304   9.41783   2.57731   0.459 27.35605 ? 273 SER A H    1 
ATOM   227  H HA   A SER A 1 18 ? 2.55588   11.88172  2.47012   0.541 31.42710 ? 273 SER A HA   1 
ATOM   228  H HA   B SER A 1 18 ? 2.55699   11.87496  2.48359   0.459 31.62105 ? 273 SER A HA   1 
ATOM   229  H HB2  A SER A 1 18 ? 4.06914   11.31826  4.03280   0.541 31.40060 ? 273 SER A HB2  1 
ATOM   230  H HB2  B SER A 1 18 ? 3.99062   9.68411   3.54909   0.459 32.54680 ? 273 SER A HB2  1 
ATOM   231  H HB3  A SER A 1 18 ? 2.84443   10.34802  4.32283   0.541 31.40060 ? 273 SER A HB3  1 
ATOM   232  H HB3  B SER A 1 18 ? 4.22443   11.20758  3.93612   0.459 32.54680 ? 273 SER A HB3  1 
ATOM   233  H HG   A SER A 1 18 ? 3.95537   8.78388   3.28903   0.541 33.37222 ? 273 SER A HG   1 
ATOM   234  H HG   B SER A 1 18 ? 2.04720   9.83192   4.52613   0.459 35.23725 ? 273 SER A HG   1 
ATOM   235  N N    . GLU A 1 19 ? 3.89251   10.12044  0.29098   1.000 29.14343 ? 274 GLU A N    1 
ATOM   236  C CA   . GLU A 1 19 ? 4.87056   10.05517  -0.78413  1.000 33.21838 ? 274 GLU A CA   1 
ATOM   237  C C    . GLU A 1 19 ? 4.36602   10.65986  -2.08697  1.000 33.93076 ? 274 GLU A C    1 
ATOM   238  O O    . GLU A 1 19 ? 5.14672   10.78738  -3.03754  1.000 38.59036 ? 274 GLU A O    1 
ATOM   239  C CB   . GLU A 1 19 ? 5.26400   8.59324   -1.04871  1.000 35.65346 ? 274 GLU A CB   1 
ATOM   240  C CG   . GLU A 1 19 ? 5.74995   7.83955   0.17988   1.000 39.58787 ? 274 GLU A CG   1 
ATOM   241  C CD   . GLU A 1 19 ? 7.20885   8.10376   0.47379   1.000 44.61605 ? 274 GLU A CD   1 
ATOM   242  O OE1  . GLU A 1 19 ? 7.94784   8.45429   -0.46913  1.000 44.80133 ? 274 GLU A OE1  1 
ATOM   243  O OE2  . GLU A 1 19 ? 7.61748   7.96181   1.64364   1.000 47.83489 ? 274 GLU A OE2  1 
ATOM   244  H H    . GLU A 1 19 ? 3.27212   9.52819   0.22810   1.000 34.97211 ? 274 GLU A H    1 
ATOM   245  H HA   . GLU A 1 19 ? 5.66212   10.54328  -0.50829  1.000 39.86205 ? 274 GLU A HA   1 
ATOM   246  H HB2  . GLU A 1 19 ? 4.48947   8.12240   -1.39411  1.000 42.78415 ? 274 GLU A HB2  1 
ATOM   247  H HB3  . GLU A 1 19 ? 5.97977   8.57942   -1.70321  1.000 42.78415 ? 274 GLU A HB3  1 
ATOM   248  H HG2  . GLU A 1 19 ? 5.23116   8.11918   0.95033   1.000 47.50545 ? 274 GLU A HG2  1 
ATOM   249  H HG3  . GLU A 1 19 ? 5.63904   6.88714   0.03320   1.000 47.50545 ? 274 GLU A HG3  1 
ATOM   250  N N    . LEU A 1 20 ? 3.09699   11.03453  -2.15634  1.000 31.86160 ? 275 LEU A N    1 
ATOM   251  C CA   . LEU A 1 20 ? 2.48549   11.42774  -3.41375  1.000 28.61605 ? 275 LEU A CA   1 
ATOM   252  C C    . LEU A 1 20 ? 2.62064   12.92256  -3.68078  1.000 29.68356 ? 275 LEU A C    1 
ATOM   253  O O    . LEU A 1 20 ? 2.75467   13.73443  -2.76415  1.000 32.17531 ? 275 LEU A O    1 
ATOM   254  C CB   . LEU A 1 20 ? 1.00179   11.06121  -3.41045  1.000 23.97332 ? 275 LEU A CB   1 
ATOM   255  C CG   . LEU A 1 20 ? 0.64550   9.57789   -3.45042  1.000 25.09116 ? 275 LEU A CG   1 
ATOM   256  C CD1  . LEU A 1 20 ? -0.86458  9.41071   -3.46319  1.000 26.99355 ? 275 LEU A CD1  1 
ATOM   257  C CD2  . LEU A 1 20 ? 1.27077   8.89364   -4.65016  1.000 27.67495 ? 275 LEU A CD2  1 
ATOM   258  H H    . LEU A 1 20 ? 2.56478   11.06939  -1.48171  1.000 38.23392 ? 275 LEU A H    1 
ATOM   259  H HA   . LEU A 1 20 ? 2.94152   10.96073  -4.13128  1.000 34.33926 ? 275 LEU A HA   1 
ATOM   260  H HB2  . LEU A 1 20 ? 0.60822   11.42330  -2.60120  1.000 28.76799 ? 275 LEU A HB2  1 
ATOM   261  H HB3  . LEU A 1 20 ? 0.59321   11.46971  -4.18960  1.000 28.76799 ? 275 LEU A HB3  1 
ATOM   262  H HG   . LEU A 1 20 ? 1.00002   9.14652   -2.65723  1.000 30.10940 ? 275 LEU A HG   1 
ATOM   263  H HD11 . LEU A 1 20 ? -1.07760  8.46441   -3.45710  1.000 32.39226 ? 275 LEU A HD11 1 
ATOM   264  H HD12 . LEU A 1 20 ? -1.23633  9.83852   -2.67600  1.000 32.39226 ? 275 LEU A HD12 1 
ATOM   265  H HD13 . LEU A 1 20 ? -1.22140  9.82494   -4.26443  1.000 32.39226 ? 275 LEU A HD13 1 
ATOM   266  H HD21 . LEU A 1 20 ? 0.85571   8.02519   -4.77026  1.000 33.20993 ? 275 LEU A HD21 1 
ATOM   267  H HD22 . LEU A 1 20 ? 1.12545   9.44142   -5.43739  1.000 33.20993 ? 275 LEU A HD22 1 
ATOM   268  H HD23 . LEU A 1 20 ? 2.22190   8.78672   -4.49257  1.000 33.20993 ? 275 LEU A HD23 1 
ATOM   269  N N    . SER A 1 21 ? 2.56917   13.27700  -4.96093  1.000 30.77249 ? 276 SER A N    1 
ATOM   270  C CA   . SER A 1 21 ? 2.50136   14.66894  -5.37067  1.000 31.80117 ? 276 SER A CA   1 
ATOM   271  C C    . SER A 1 21 ? 1.08204   15.20660  -5.18283  1.000 30.29880 ? 276 SER A C    1 
ATOM   272  O O    . SER A 1 21 ? 0.13239   14.45978  -4.93178  1.000 29.47620 ? 276 SER A O    1 
ATOM   273  C CB   . SER A 1 21 ? 2.90738   14.80591  -6.83488  1.000 35.57856 ? 276 SER A CB   1 
ATOM   274  O OG   . SER A 1 21 ? 1.95292   14.17691  -7.67071  1.000 38.24476 ? 276 SER A OG   1 
ATOM   275  H H    . SER A 1 21 ? 2.57239   12.72133  -5.61730  1.000 36.92699 ? 276 SER A H    1 
ATOM   276  H HA   . SER A 1 21 ? 3.11016   15.19173  -4.82574  1.000 38.16140 ? 276 SER A HA   1 
ATOM   277  H HB2  . SER A 1 21 ? 2.95905   15.74713  -7.06370  1.000 42.69427 ? 276 SER A HB2  1 
ATOM   278  H HB3  . SER A 1 21 ? 3.77128   14.38472  -6.96592  1.000 42.69427 ? 276 SER A HB3  1 
ATOM   279  H HG   . SER A 1 21 ? 2.15834   14.29021  -8.47729  1.000 45.89372 ? 276 SER A HG   1 
ATOM   280  N N    . VAL A 1 22 ? 0.93649   16.52536  -5.33872  1.000 31.55755 ? 277 VAL A N    1 
ATOM   281  C CA   . VAL A 1 22 ? -0.38165  17.14263  -5.20763  1.000 30.98346 ? 277 VAL A CA   1 
ATOM   282  C C    . VAL A 1 22 ? -1.35442  16.53443  -6.20930  1.000 28.31283 ? 277 VAL A C    1 
ATOM   283  O O    . VAL A 1 22 ? -2.52139  16.27573  -5.88943  1.000 25.63723 ? 277 VAL A O    1 
ATOM   284  C CB   . VAL A 1 22 ? -0.27761  18.67121  -5.36177  1.000 36.15764 ? 277 VAL A CB   1 
ATOM   285  C CG1  . VAL A 1 22 ? -1.66299  19.28151  -5.51530  1.000 38.02379 ? 277 VAL A CG1  1 
ATOM   286  C CG2  . VAL A 1 22 ? 0.45211   19.27723  -4.17319  1.000 38.71064 ? 277 VAL A CG2  1 
ATOM   287  H H    . VAL A 1 22 ? 1.57415   17.07400  -5.51753  1.000 37.86906 ? 277 VAL A H    1 
ATOM   288  H HA   . VAL A 1 22 ? -0.72094  16.95988  -4.31746  1.000 37.18015 ? 277 VAL A HA   1 
ATOM   289  H HB   . VAL A 1 22 ? 0.23243   18.87562  -6.16113  1.000 43.38917 ? 277 VAL A HB   1 
ATOM   290  H HG11 . VAL A 1 22 ? -1.61010  20.23361  -5.33755  1.000 45.62854 ? 277 VAL A HG11 1 
ATOM   291  H HG12 . VAL A 1 22 ? -1.97577  19.13099  -6.42105  1.000 45.62854 ? 277 VAL A HG12 1 
ATOM   292  H HG13 . VAL A 1 22 ? -2.26565  18.85992  -4.88287  1.000 45.62854 ? 277 VAL A HG13 1 
ATOM   293  H HG21 . VAL A 1 22 ? 0.49432   20.23975  -4.28583  1.000 46.45277 ? 277 VAL A HG21 1 
ATOM   294  H HG22 . VAL A 1 22 ? -0.03210  19.06014  -3.36120  1.000 46.45277 ? 277 VAL A HG22 1 
ATOM   295  H HG23 . VAL A 1 22 ? 1.34870   18.90936  -4.13204  1.000 46.45277 ? 277 VAL A HG23 1 
ATOM   296  N N    . GLU A 1 23 ? -0.89009  16.29369  -7.43591  1.000 29.40328 ? 278 GLU A N    1 
ATOM   297  C CA   . GLU A 1 23 ? -1.74275  15.68476  -8.45053  1.000 29.14881 ? 278 GLU A CA   1 
ATOM   298  C C    . GLU A 1 23 ? -2.27736  14.34399  -7.96894  1.000 26.09635 ? 278 GLU A C    1 
ATOM   299  O O    . GLU A 1 23 ? -3.47707  14.06951  -8.06818  1.000 25.73105 ? 278 GLU A O    1 
ATOM   300  C CB   . GLU A 1 23 ? -0.95916  15.52181  -9.75141  1.000 34.20790 ? 278 GLU A CB   1 
ATOM   301  C CG   . GLU A 1 23 ? -1.73347  14.82120  -10.85589 1.000 42.09198 ? 278 GLU A CG   1 
ATOM   302  C CD   . GLU A 1 23 ? -1.00904  14.85509  -12.19282 1.000 47.35133 ? 278 GLU A CD   1 
ATOM   303  O OE1  . GLU A 1 23 ? 0.16238   15.29256  -12.22695 1.000 51.18724 ? 278 GLU A OE1  1 
ATOM   304  O OE2  . GLU A 1 23 ? -1.61614  14.45040  -13.20989 1.000 48.23809 ? 278 GLU A OE2  1 
ATOM   305  H H    . GLU A 1 23 ? -0.09219  16.47234  -7.70244  1.000 35.28393 ? 278 GLU A H    1 
ATOM   306  H HA   . GLU A 1 23 ? -2.49913  16.26616  -8.62592  1.000 34.97858 ? 278 GLU A HA   1 
ATOM   307  H HB2  . GLU A 1 23 ? -0.71102  16.40118  -10.07706 1.000 41.04948 ? 278 GLU A HB2  1 
ATOM   308  H HB3  . GLU A 1 23 ? -0.16295  14.99794  -9.57117  1.000 41.04948 ? 278 GLU A HB3  1 
ATOM   309  H HG2  . GLU A 1 23 ? -1.86552  13.89237  -10.60946 1.000 50.51038 ? 278 GLU A HG2  1 
ATOM   310  H HG3  . GLU A 1 23 ? -2.59132  15.25986  -10.96808 1.000 50.51038 ? 278 GLU A HG3  1 
ATOM   311  N N    . GLY A 1 24 ? -1.39716  13.49684  -7.43499  1.000 25.28963 ? 279 GLY A N    1 
ATOM   312  C CA   . GLY A 1 24 ? -1.84117  12.20259  -6.94803  1.000 23.51421 ? 279 GLY A CA   1 
ATOM   313  C C    . GLY A 1 24 ? -2.76613  12.31620  -5.75274  1.000 21.77197 ? 279 GLY A C    1 
ATOM   314  O O    . GLY A 1 24 ? -3.76149  11.59140  -5.65384  1.000 20.31183 ? 279 GLY A O    1 
ATOM   315  H H    . GLY A 1 24 ? -0.55513  13.64764  -7.34646  1.000 30.34756 ? 279 GLY A H    1 
ATOM   316  H HA2  . GLY A 1 24 ? -2.31427  11.73899  -7.65665  1.000 28.21705 ? 279 GLY A HA2  1 
ATOM   317  H HA3  . GLY A 1 24 ? -1.06905  11.67659  -6.68712  1.000 28.21705 ? 279 GLY A HA3  1 
ATOM   318  N N    . LEU A 1 25 ? -2.45307  13.22648  -4.82984  1.000 21.21891 ? 280 LEU A N    1 
ATOM   319  C CA   . LEU A 1 25 ? -3.31759  13.43477  -3.67382  1.000 21.36188 ? 280 LEU A CA   1 
ATOM   320  C C    . LEU A 1 25 ? -4.70154  13.89343  -4.10646  1.000 20.40392 ? 280 LEU A C    1 
ATOM   321  O O    . LEU A 1 25 ? -5.71316  13.45044  -3.54835  1.000 19.66371 ? 280 LEU A O    1 
ATOM   322  C CB   . LEU A 1 25 ? -2.68461  14.46429  -2.74159  1.000 21.93632 ? 280 LEU A CB   1 
ATOM   323  C CG   . LEU A 1 25 ? -1.42354  14.02675  -1.99614  1.000 22.67691 ? 280 LEU A CG   1 
ATOM   324  C CD1  . LEU A 1 25 ? -0.85628  15.21544  -1.22084  1.000 25.32717 ? 280 LEU A CD1  1 
ATOM   325  C CD2  . LEU A 1 25 ? -1.70372  12.85378  -1.08635  1.000 23.57559 ? 280 LEU A CD2  1 
ATOM   326  H H    . LEU A 1 25 ? -1.75536  13.72886  -4.85031  1.000 25.46269 ? 280 LEU A H    1 
ATOM   327  H HA   . LEU A 1 25 ? -3.41219  12.59944  -3.18992  1.000 25.63426 ? 280 LEU A HA   1 
ATOM   328  H HB2  . LEU A 1 25 ? -2.44757  15.24232  -3.27016  1.000 26.32358 ? 280 LEU A HB2  1 
ATOM   329  H HB3  . LEU A 1 25 ? -3.34227  14.70661  -2.07102  1.000 26.32358 ? 280 LEU A HB3  1 
ATOM   330  H HG   . LEU A 1 25 ? -0.75559  13.72720  -2.63255  1.000 27.21229 ? 280 LEU A HG   1 
ATOM   331  H HD11 . LEU A 1 25 ? -0.06413  14.92951  -0.73953  1.000 30.39260 ? 280 LEU A HD11 1 
ATOM   332  H HD12 . LEU A 1 25 ? -0.62672  15.92010  -1.84666  1.000 30.39260 ? 280 LEU A HD12 1 
ATOM   333  H HD13 . LEU A 1 25 ? -1.52633  15.53353  -0.59575  1.000 30.39260 ? 280 LEU A HD13 1 
ATOM   334  H HD21 . LEU A 1 25 ? -0.93692  12.71120  -0.50965  1.000 28.29071 ? 280 LEU A HD21 1 
ATOM   335  H HD22 . LEU A 1 25 ? -2.48842  13.04983  -0.55089  1.000 28.29071 ? 280 LEU A HD22 1 
ATOM   336  H HD23 . LEU A 1 25 ? -1.86155  12.06469  -1.62794  1.000 28.29071 ? 280 LEU A HD23 1 
ATOM   337  N N    . ASP A 1 26 ? -4.76535  14.76850  -5.11324  1.000 21.81179 ? 281 ASP A N    1 
ATOM   338  C CA   . ASP A 1 26 ? -6.05322  15.24436  -5.60543  1.000 22.79694 ? 281 ASP A CA   1 
ATOM   339  C C    . ASP A 1 26 ? -6.85303  14.10596  -6.22500  1.000 21.62336 ? 281 ASP A C    1 
ATOM   340  O O    . ASP A 1 26 ? -8.07471  14.02015  -6.04674  1.000 21.70842 ? 281 ASP A O    1 
ATOM   341  C CB   . ASP A 1 26 ? -5.83163  16.34521  -6.64449  1.000 26.71361 ? 281 ASP A CB   1 
ATOM   342  C CG   . ASP A 1 26 ? -5.46419  17.68167  -6.02255  1.000 32.48703 ? 281 ASP A CG   1 
ATOM   343  O OD1  . ASP A 1 26 ? -5.50325  17.79566  -4.77919  1.000 32.17439 ? 281 ASP A OD1  1 
ATOM   344  O OD2  . ASP A 1 26 ? -5.14718  18.62181  -6.78394  1.000 36.79232 ? 281 ASP A OD2  1 
ATOM   345  H H    . ASP A 1 26 ? -4.08415  15.09722  -5.52253  1.000 26.17414 ? 281 ASP A H    1 
ATOM   346  H HA   . ASP A 1 26 ? -6.55888  15.61141  -4.86349  1.000 27.35633 ? 281 ASP A HA   1 
ATOM   347  H HB2  . ASP A 1 26 ? -5.10846  16.08097  -7.23452  1.000 32.05634 ? 281 ASP A HB2  1 
ATOM   348  H HB3  . ASP A 1 26 ? -6.64797  16.46679  -7.15408  1.000 32.05634 ? 281 ASP A HB3  1 
ATOM   349  N N    . GLU A 1 27 ? -6.17987  13.21888  -6.96125  1.000 21.04257 ? 282 GLU A N    1 
ATOM   350  C CA   . GLU A 1 27 ? -6.88026  12.07767  -7.54391  1.000 20.93414 ? 282 GLU A CA   1 
ATOM   351  C C    . GLU A 1 27 ? -7.44069  11.16626  -6.45660  1.000 20.34127 ? 282 GLU A C    1 
ATOM   352  O O    . GLU A 1 27 ? -8.58724  10.71083  -6.54178  1.000 20.26890 ? 282 GLU A O    1 
ATOM   353  C CB   . GLU A 1 27 ? -5.95636  11.28371  -8.46226  1.000 23.98788 ? 282 GLU A CB   1 
ATOM   354  C CG   . GLU A 1 27 ? -6.68460  10.15949  -9.18404  1.000 26.30055 ? 282 GLU A CG   1 
ATOM   355  C CD   . GLU A 1 27 ? -5.84004  9.48003   -10.23757 1.000 29.47665 ? 282 GLU A CD   1 
ATOM   356  O OE1  . GLU A 1 27 ? -4.72630  9.97140   -10.52676 1.000 35.75108 ? 282 GLU A OE1  1 
ATOM   357  O OE2  . GLU A 1 27 ? -6.29746  8.44679   -10.76256 1.000 31.27657 ? 282 GLU A OE2  1 
ATOM   358  H H    . GLU A 1 27 ? -5.33809  13.25492  -7.13357  1.000 25.25108 ? 282 GLU A H    1 
ATOM   359  H HA   . GLU A 1 27 ? -7.61440  12.41550  -8.08039  1.000 25.12096 ? 282 GLU A HA   1 
ATOM   360  H HB2  . GLU A 1 27 ? -5.58393  11.88027  -9.13032  1.000 28.78546 ? 282 GLU A HB2  1 
ATOM   361  H HB3  . GLU A 1 27 ? -5.24391  10.89161  -7.93351  1.000 28.78546 ? 282 GLU A HB3  1 
ATOM   362  H HG2  . GLU A 1 27 ? -6.94786  9.48832   -8.53511  1.000 31.56067 ? 282 GLU A HG2  1 
ATOM   363  H HG3  . GLU A 1 27 ? -7.46986  10.52399  -9.62153  1.000 31.56067 ? 282 GLU A HG3  1 
ATOM   364  N N    . VAL A 1 28 ? -6.65869  10.90452  -5.41101  1.000 19.16219 ? 283 VAL A N    1 
ATOM   365  C CA   . VAL A 1 28 ? -7.15821  10.06972  -4.32407  1.000 19.98313 ? 283 VAL A CA   1 
ATOM   366  C C    . VAL A 1 28 ? -8.34211  10.74314  -3.63741  1.000 18.69029 ? 283 VAL A C    1 
ATOM   367  O O    . VAL A 1 28 ? -9.33732  10.09244  -3.29966  1.000 19.30572 ? 283 VAL A O    1 
ATOM   368  C CB   . VAL A 1 28 ? -6.01834  9.75493   -3.34057  1.000 18.95005 ? 283 VAL A CB   1 
ATOM   369  C CG1  . VAL A 1 28 ? -6.57856  9.13510   -2.06768  1.000 20.36004 ? 283 VAL A CG1  1 
ATOM   370  C CG2  . VAL A 1 28 ? -5.00272  8.84033   -3.99553  1.000 20.29838 ? 283 VAL A CG2  1 
ATOM   371  H H    . VAL A 1 28 ? -5.85435  11.19142  -5.30949  1.000 22.99463 ? 283 VAL A H    1 
ATOM   372  H HA   . VAL A 1 28 ? -7.47544  9.22943   -4.69035  1.000 23.97975 ? 283 VAL A HA   1 
ATOM   373  H HB   . VAL A 1 28 ? -5.56487  10.57663  -3.09550  1.000 22.74006 ? 283 VAL A HB   1 
ATOM   374  H HG11 . VAL A 1 28 ? -5.86499  8.67236   -1.60120  1.000 24.43205 ? 283 VAL A HG11 1 
ATOM   375  H HG12 . VAL A 1 28 ? -6.93907  9.83888   -1.50588  1.000 24.43205 ? 283 VAL A HG12 1 
ATOM   376  H HG13 . VAL A 1 28 ? -7.28020  8.50836   -2.30391  1.000 24.43205 ? 283 VAL A HG13 1 
ATOM   377  H HG21 . VAL A 1 28 ? -4.29876  8.64235   -3.35822  1.000 24.35806 ? 283 VAL A HG21 1 
ATOM   378  H HG22 . VAL A 1 28 ? -5.44441  8.02015   -4.26589  1.000 24.35806 ? 283 VAL A HG22 1 
ATOM   379  H HG23 . VAL A 1 28 ? -4.63009  9.28678   -4.77188  1.000 24.35806 ? 283 VAL A HG23 1 
ATOM   380  N N    . ARG A 1 29 ? -8.25810  12.05305  -3.41604  1.000 19.46951 ? 284 ARG A N    1 
ATOM   381  C CA   . ARG A 1 29 ? -9.35981  12.74557  -2.76079  1.000 21.16968 ? 284 ARG A CA   1 
ATOM   382  C C    . ARG A 1 29 ? -10.64564 12.62263  -3.56853  1.000 20.60778 ? 284 ARG A C    1 
ATOM   383  O O    . ARG A 1 29 ? -11.72074 12.37538  -3.01034  1.000 21.92927 ? 284 ARG A O    1 
ATOM   384  C CB   . ARG A 1 29 ? -8.99652  14.21193  -2.57558  1.000 25.11295 ? 284 ARG A CB   1 
ATOM   385  C CG   . ARG A 1 29 ? -9.95775  14.96790  -1.67485  1.000 30.38489 ? 284 ARG A CG   1 
ATOM   386  C CD   . ARG A 1 29 ? -9.73085  16.47622  -1.78251  1.000 33.45119 ? 284 ARG A CD   1 
ATOM   387  N NE   . ARG A 1 29 ? -8.51611  16.88891  -1.09078  1.000 37.13256 ? 284 ARG A NE   1 
ATOM   388  C CZ   . ARG A 1 29 ? -7.52357  17.55512  -1.66768  1.000 42.22809 ? 284 ARG A CZ   1 
ATOM   389  N NH1  . ARG A 1 29 ? -7.60235  17.88830  -2.95025  1.000 43.56537 ? 284 ARG A NH1  1 
ATOM   390  N NH2  . ARG A 1 29 ? -6.45610  17.89111  -0.96092  1.000 43.85983 ? 284 ARG A NH2  1 
ATOM   391  H H    . ARG A 1 29 ? -7.59045  12.55093  -3.63042  1.000 23.36341 ? 284 ARG A H    1 
ATOM   392  H HA   . ARG A 1 29 ? -9.51119  12.34809  -1.88902  1.000 25.40361 ? 284 ARG A HA   1 
ATOM   393  H HB2  . ARG A 1 29 ? -8.11289  14.26714  -2.17930  1.000 30.13554 ? 284 ARG A HB2  1 
ATOM   394  H HB3  . ARG A 1 29 ? -8.99886  14.64623  -3.44292  1.000 30.13554 ? 284 ARG A HB3  1 
ATOM   395  H HG2  . ARG A 1 29 ? -10.87045 14.77427  -1.94015  1.000 36.46187 ? 284 ARG A HG2  1 
ATOM   396  H HG3  . ARG A 1 29 ? -9.81631  14.70042  -0.75324  1.000 36.46187 ? 284 ARG A HG3  1 
ATOM   397  H HD2  . ARG A 1 29 ? -9.64708  16.72169  -2.71719  1.000 40.14143 ? 284 ARG A HD2  1 
ATOM   398  H HD3  . ARG A 1 29 ? -10.48182 16.94250  -1.38308  1.000 40.14143 ? 284 ARG A HD3  1 
ATOM   399  H HE   . ARG A 1 29 ? -8.43767  16.68855  -0.25812  1.000 44.55907 ? 284 ARG A HE   1 
ATOM   400  H HH11 . ARG A 1 29 ? -8.29722  17.67250  -3.40868  1.000 52.27844 ? 284 ARG A HH11 1 
ATOM   401  H HH12 . ARG A 1 29 ? -6.95849  18.31995  -3.32272  1.000 52.27844 ? 284 ARG A HH12 1 
ATOM   402  H HH21 . ARG A 1 29 ? -6.40639  17.67775  -0.12929  1.000 52.63179 ? 284 ARG A HH21 1 
ATOM   403  H HH22 . ARG A 1 29 ? -5.81223  18.32276  -1.33333  1.000 52.63179 ? 284 ARG A HH22 1 
ATOM   404  N N    . ARG A 1 30 ? -10.56044 12.79987  -4.88613  1.000 19.46846 ? 285 ARG A N    1 
ATOM   405  C CA   . ARG A 1 30 ? -11.74725 12.63800  -5.72092  1.000 20.58891 ? 285 ARG A CA   1 
ATOM   406  C C    . ARG A 1 30 ? -12.33597 11.23766  -5.58750  1.000 21.81643 ? 285 ARG A C    1 
ATOM   407  O O    . ARG A 1 30 ? -13.56158 11.06924  -5.55995  1.000 22.60224 ? 285 ARG A O    1 
ATOM   408  C CB   . ARG A 1 30 ? -11.41703 12.92530  -7.18531  1.000 21.92638 ? 285 ARG A CB   1 
ATOM   409  C CG   . ARG A 1 30 ? -11.12925 14.37744  -7.45267  1.000 20.83243 ? 285 ARG A CG   1 
ATOM   410  C CD   . ARG A 1 30 ? -11.12254 14.64464  -8.94507  1.000 20.87425 ? 285 ARG A CD   1 
ATOM   411  N NE   . ARG A 1 30 ? -9.99400  14.03484  -9.65731  1.000 24.14040 ? 285 ARG A NE   1 
ATOM   412  C CZ   . ARG A 1 30 ? -8.77804  14.56746  -9.74920  1.000 25.18954 ? 285 ARG A CZ   1 
ATOM   413  N NH1  . ARG A 1 30 ? -8.50794  15.72255  -9.15735  1.000 26.50839 ? 285 ARG A NH1  1 
ATOM   414  N NH2  . ARG A 1 30 ? -7.82468  13.93323  -10.42403 1.000 25.96559 ? 285 ARG A NH2  1 
ATOM   415  H H    . ARG A 1 30 ? -9.84344  13.00952  -5.31222  1.000 23.36215 ? 285 ARG A H    1 
ATOM   416  H HA   . ARG A 1 30 ? -12.41134 13.28116  -5.42726  1.000 24.70669 ? 285 ARG A HA   1 
ATOM   417  H HB2  . ARG A 1 30 ? -10.63192 12.41399  -7.43646  1.000 26.31166 ? 285 ARG A HB2  1 
ATOM   418  H HB3  . ARG A 1 30 ? -12.17262 12.66439  -7.73477  1.000 26.31166 ? 285 ARG A HB3  1 
ATOM   419  H HG2  . ARG A 1 30 ? -11.81536 14.92678  -7.04232  1.000 24.99892 ? 285 ARG A HG2  1 
ATOM   420  H HG3  . ARG A 1 30 ? -10.25906 14.60918  -7.09217  1.000 24.99892 ? 285 ARG A HG3  1 
ATOM   421  H HD2  . ARG A 1 30 ? -11.93930 14.28872  -9.32862  1.000 25.04910 ? 285 ARG A HD2  1 
ATOM   422  H HD3  . ARG A 1 30 ? -11.07828 15.60281  -9.08945  1.000 25.04910 ? 285 ARG A HD3  1 
ATOM   423  H HE   . ARG A 1 30 ? -10.12813 13.27820  -10.04346 1.000 28.96848 ? 285 ARG A HE   1 
ATOM   424  H HH11 . ARG A 1 30 ? -9.11979  16.13083  -8.71175  1.000 31.81007 ? 285 ARG A HH11 1 
ATOM   425  H HH12 . ARG A 1 30 ? -7.72087  16.06361  -9.21900  1.000 31.81007 ? 285 ARG A HH12 1 
ATOM   426  H HH21 . ARG A 1 30 ? -7.99383  13.17901  -10.80105 1.000 31.15870 ? 285 ARG A HH21 1 
ATOM   427  H HH22 . ARG A 1 30 ? -7.03868  14.27708  -10.48368 1.000 31.15870 ? 285 ARG A HH22 1 
ATOM   428  N N    . PHE A 1 31 ? -11.47899 10.21834  -5.50915  1.000 20.43083 ? 286 PHE A N    1 
ATOM   429  C CA   . PHE A 1 31 ? -11.97229 8.85017   -5.40305  1.000 20.81514 ? 286 PHE A CA   1 
ATOM   430  C C    . PHE A 1 31 ? -12.73169 8.65108   -4.10351  1.000 20.63506 ? 286 PHE A C    1 
ATOM   431  O O    . PHE A 1 31 ? -13.76676 7.97497   -4.07969  1.000 23.28166 ? 286 PHE A O    1 
ATOM   432  C CB   . PHE A 1 31 ? -10.82633 7.85297   -5.51358  1.000 22.04842 ? 286 PHE A CB   1 
ATOM   433  C CG   . PHE A 1 31 ? -11.27797 6.43425   -5.65667  1.000 23.24104 ? 286 PHE A CG   1 
ATOM   434  C CD1  . PHE A 1 31 ? -11.78927 5.97748   -6.85678  1.000 25.89398 ? 286 PHE A CD1  1 
ATOM   435  C CD2  . PHE A 1 31 ? -11.19241 5.55361   -4.59662  1.000 24.94226 ? 286 PHE A CD2  1 
ATOM   436  C CE1  . PHE A 1 31 ? -12.20114 4.66812   -6.99387  1.000 28.32089 ? 286 PHE A CE1  1 
ATOM   437  C CE2  . PHE A 1 31 ? -11.60578 4.24107   -4.73466  1.000 27.95538 ? 286 PHE A CE2  1 
ATOM   438  C CZ   . PHE A 1 31 ? -12.10234 3.80121   -5.92860  1.000 27.92793 ? 286 PHE A CZ   1 
ATOM   439  H H    . PHE A 1 31 ? -10.62220 10.29233  -5.51536  1.000 24.51700 ? 286 PHE A H    1 
ATOM   440  H HA   . PHE A 1 31 ? -12.57620 8.67960   -6.14272  1.000 24.97817 ? 286 PHE A HA   1 
ATOM   441  H HB2  . PHE A 1 31 ? -10.29342 8.07466   -6.29316  1.000 26.45810 ? 286 PHE A HB2  1 
ATOM   442  H HB3  . PHE A 1 31 ? -10.28267 7.91180   -4.71242  1.000 26.45810 ? 286 PHE A HB3  1 
ATOM   443  H HD1  . PHE A 1 31 ? -11.85631 6.55900   -7.57946  1.000 31.07277 ? 286 PHE A HD1  1 
ATOM   444  H HD2  . PHE A 1 31 ? -10.85335 5.84608   -3.78152  1.000 29.93071 ? 286 PHE A HD2  1 
ATOM   445  H HE1  . PHE A 1 31 ? -12.54530 4.37109   -7.80519  1.000 33.98507 ? 286 PHE A HE1  1 
ATOM   446  H HE2  . PHE A 1 31 ? -11.54556 3.65705   -4.01342  1.000 33.54645 ? 286 PHE A HE2  1 
ATOM   447  H HZ   . PHE A 1 31 ? -12.37361 2.91658   -6.02204  1.000 33.51351 ? 286 PHE A HZ   1 
ATOM   448  N N    . ILE A 1 32 ? -12.22563 9.22479   -3.00733  1.000 18.61691 ? 287 ILE A N    1 
ATOM   449  C CA   . ILE A 1 32 ? -12.93424 9.13844   -1.73479  1.000 19.32423 ? 287 ILE A CA   1 
ATOM   450  C C    . ILE A 1 32 ? -14.33295 9.70119   -1.88699  1.000 21.25727 ? 287 ILE A C    1 
ATOM   451  O O    . ILE A 1 32 ? -15.29544 9.16434   -1.32622  1.000 23.00699 ? 287 ILE A O    1 
ATOM   452  C CB   . ILE A 1 32 ? -12.14215 9.82391   -0.60888  1.000 20.15410 ? 287 ILE A CB   1 
ATOM   453  C CG1  . ILE A 1 32 ? -10.81433 9.10899   -0.40464  1.000 21.87545 ? 287 ILE A CG1  1 
ATOM   454  C CG2  . ILE A 1 32 ? -12.94323 9.81141   0.67662   1.000 23.19636 ? 287 ILE A CG2  1 
ATOM   455  C CD1  . ILE A 1 32 ? -9.90952  9.77100   0.57782   1.000 24.05001 ? 287 ILE A CD1  1 
ATOM   456  H H    . ILE A 1 32 ? -11.48570 9.66204   -2.97705  1.000 22.34029 ? 287 ILE A H    1 
ATOM   457  H HA   . ILE A 1 32 ? -13.01201 8.20418   -1.48577  1.000 23.18907 ? 287 ILE A HA   1 
ATOM   458  H HB   . ILE A 1 32 ? -11.97170 10.74469  -0.86189  1.000 24.18491 ? 287 ILE A HB   1 
ATOM   459  H HG12 . ILE A 1 32 ? -10.99156 8.21120   -0.08298  1.000 26.25053 ? 287 ILE A HG12 1 
ATOM   460  H HG13 . ILE A 1 32 ? -10.34845 9.07095   -1.25459  1.000 26.25053 ? 287 ILE A HG13 1 
ATOM   461  H HG21 . ILE A 1 32 ? -12.39089 10.15484  1.39626   1.000 27.83563 ? 287 ILE A HG21 1 
ATOM   462  H HG22 . ILE A 1 32 ? -13.72746 10.37133  0.56547   1.000 27.83563 ? 287 ILE A HG22 1 
ATOM   463  H HG23 . ILE A 1 32 ? -13.21236 8.90024   0.87216   1.000 27.83563 ? 287 ILE A HG23 1 
ATOM   464  H HD11 . ILE A 1 32 ? -9.00676  9.44070   0.44813   1.000 28.86001 ? 287 ILE A HD11 1 
ATOM   465  H HD12 . ILE A 1 32 ? -9.93474  10.72995  0.43403   1.000 28.86001 ? 287 ILE A HD12 1 
ATOM   466  H HD13 . ILE A 1 32 ? -10.21203 9.56309   1.47568   1.000 28.86001 ? 287 ILE A HD13 1 
ATOM   467  N N    . ASP A 1 33 ? -14.47355 10.77358  -2.67077  1.000 24.01093 ? 288 ASP A N    1 
ATOM   468  C CA   . ASP A 1 33 ? -15.79898 11.33037  -2.89626  1.000 28.52393 ? 288 ASP A CA   1 
ATOM   469  C C    . ASP A 1 33 ? -16.69636 10.35374  -3.64329  1.000 30.79120 ? 288 ASP A C    1 
ATOM   470  O O    . ASP A 1 33 ? -17.92263 10.38004  -3.47915  1.000 34.44420 ? 288 ASP A O    1 
ATOM   471  C CB   . ASP A 1 33 ? -15.72669 12.56731  -3.79467  1.000 32.04938 ? 288 ASP A CB   1 
ATOM   472  C CG   . ASP A 1 33 ? -14.94591 13.70308  -3.19891  1.000 35.35711 ? 288 ASP A CG   1 
ATOM   473  O OD1  . ASP A 1 33 ? -14.82382 13.77851  -1.96486  1.000 34.71022 ? 288 ASP A OD1  1 
ATOM   474  O OD2  . ASP A 1 33 ? -14.47105 14.53986  -3.99809  1.000 38.13278 ? 288 ASP A OD2  1 
ATOM   475  H H    . ASP A 1 33 ? -13.83237 11.18365  -3.07117  1.000 28.81312 ? 288 ASP A H    1 
ATOM   476  H HA   . ASP A 1 33 ? -16.15636 11.55351  -2.02254  1.000 34.22872 ? 288 ASP A HA   1 
ATOM   477  H HB2  . ASP A 1 33 ? -15.30009 12.32163  -4.63048  1.000 38.45925 ? 288 ASP A HB2  1 
ATOM   478  H HB3  . ASP A 1 33 ? -16.62792 12.88419  -3.96278  1.000 38.45925 ? 288 ASP A HB3  1 
ATOM   479  N N    . ALA A 1 34 ? -16.10989 9.48129   -4.46406  1.000 33.33965 ? 289 ALA A N    1 
ATOM   480  C CA   . ALA A 1 34 ? -16.90702 8.51788   -5.21123  1.000 33.73360 ? 289 ALA A CA   1 
ATOM   481  C C    . ALA A 1 34 ? -17.42446 7.40137   -4.32274  1.000 34.20733 ? 289 ALA A C    1 
ATOM   482  O O    . ALA A 1 34 ? -18.42837 6.77076   -4.66344  1.000 36.63167 ? 289 ALA A O    1 
ATOM   483  C CB   . ALA A 1 34 ? -16.07534 7.92039   -6.34893  1.000 35.51759 ? 289 ALA A CB   1 
ATOM   484  H H    . ALA A 1 34 ? -15.26270 9.42930   -4.60245  1.000 40.00758 ? 289 ALA A H    1 
ATOM   485  H HA   . ALA A 1 34 ? -17.66758 8.97653   -5.60122  1.000 40.48032 ? 289 ALA A HA   1 
ATOM   486  H HB1  . ALA A 1 34 ? -16.62718 7.30138   -6.85213  1.000 42.62111 ? 289 ALA A HB1  1 
ATOM   487  H HB2  . ALA A 1 34 ? -15.77039 8.63696   -6.92722  1.000 42.62111 ? 289 ALA A HB2  1 
ATOM   488  H HB3  . ALA A 1 34 ? -15.31372 7.45302   -5.97160  1.000 42.62111 ? 289 ALA A HB3  1 
ATOM   489  N N    . LEU A 1 35 ? -16.77314 7.15702   -3.19267  1.000 32.58243 ? 290 LEU A N    1 
ATOM   490  C CA   . LEU A 1 35 ? -17.17562 6.10462   -2.27206  1.000 31.67580 ? 290 LEU A CA   1 
ATOM   491  C C    . LEU A 1 35 ? -18.18650 6.67141   -1.27678  1.000 33.00552 ? 290 LEU A C    1 
ATOM   492  O O    . LEU A 1 35 ? -18.92863 5.92955   -0.64155  1.000 39.23357 ? 290 LEU A O    1 
ATOM   493  C CB   . LEU A 1 35 ? -15.96102 5.53723   -1.55665  1.000 32.13720 ? 290 LEU A CB   1 
ATOM   494  C CG   . LEU A 1 35 ? -14.82570 5.07682   -2.46968  1.000 29.77754 ? 290 LEU A CG   1 
ATOM   495  C CD1  . LEU A 1 35 ? -13.57249 4.77272   -1.64232  1.000 31.25892 ? 290 LEU A CD1  1 
ATOM   496  C CD2  . LEU A 1 35 ? -15.23490 3.86863   -3.29618  1.000 31.83329 ? 290 LEU A CD2  1 
ATOM   497  H H    . LEU A 1 35 ? -16.08114 7.59590   -2.93169  1.000 39.09892 ? 290 LEU A H    1 
ATOM   498  H HA   . LEU A 1 35 ? -17.58990 5.36890   -2.74953  1.000 38.01096 ? 290 LEU A HA   1 
ATOM   499  H HB2  . LEU A 1 35 ? -15.60336 6.22271   -0.97090  1.000 38.56464 ? 290 LEU A HB2  1 
ATOM   500  H HB3  . LEU A 1 35 ? -16.24418 4.76991   -1.03516  1.000 38.56464 ? 290 LEU A HB3  1 
ATOM   501  H HG   . LEU A 1 35 ? -14.61636 5.79114   -3.09165  1.000 35.73305 ? 290 LEU A HG   1 
ATOM   502  H HD11 . LEU A 1 35 ? -12.86402 4.48173   -2.23755  1.000 37.51070 ? 290 LEU A HD11 1 
ATOM   503  H HD12 . LEU A 1 35 ? -13.30086 5.57713   -1.17324  1.000 37.51070 ? 290 LEU A HD12 1 
ATOM   504  H HD13 . LEU A 1 35 ? -13.77766 4.07124   -1.00456  1.000 37.51070 ? 290 LEU A HD13 1 
ATOM   505  H HD21 . LEU A 1 35 ? -14.49089 3.60499   -3.85994  1.000 38.19995 ? 290 LEU A HD21 1 
ATOM   506  H HD22 . LEU A 1 35 ? -15.47051 3.14210   -2.69823  1.000 38.19995 ? 290 LEU A HD22 1 
ATOM   507  H HD23 . LEU A 1 35 ? -15.99840 4.10572   -3.84552  1.000 38.19995 ? 290 LEU A HD23 1 
ATOM   508  N N    . PRO B 1 4  ? -12.24611 -4.19117  5.92059   1.000 78.64260 ? 259 PRO B N    1 
ATOM   509  C CA   . PRO B 1 4  ? -11.32132 -4.54983  4.82982   1.000 70.29195 ? 259 PRO B CA   1 
ATOM   510  C C    . PRO B 1 4  ? -11.22036 -6.06182  4.62601   1.000 57.50630 ? 259 PRO B C    1 
ATOM   511  O O    . PRO B 1 4  ? -11.15819 -6.81056  5.60600   1.000 57.65252 ? 259 PRO B O    1 
ATOM   512  C CB   . PRO B 1 4  ? -9.96723  -3.99212  5.29760   1.000 72.25109 ? 259 PRO B CB   1 
ATOM   513  C CG   . PRO B 1 4  ? -10.30394 -2.98808  6.38478   1.000 74.22285 ? 259 PRO B CG   1 
ATOM   514  C CD   . PRO B 1 4  ? -11.57982 -3.47273  7.02305   1.000 76.99815 ? 259 PRO B CD   1 
ATOM   515  H HA   . PRO B 1 4  ? -11.58706 -4.11580  4.00404   1.000 84.35034 ? 259 PRO B HA   1 
ATOM   516  H HB2  . PRO B 1 4  ? -9.41840  -4.71105  5.64805   1.000 86.70131 ? 259 PRO B HB2  1 
ATOM   517  H HB3  . PRO B 1 4  ? -9.51486  -3.56075  4.55585   1.000 86.70131 ? 259 PRO B HB3  1 
ATOM   518  H HG2  . PRO B 1 4  ? -9.58515  -2.95905  7.03547   1.000 89.06742 ? 259 PRO B HG2  1 
ATOM   519  H HG3  . PRO B 1 4  ? -10.43012 -2.11087  5.99047   1.000 89.06742 ? 259 PRO B HG3  1 
ATOM   520  H HD2  . PRO B 1 4  ? -11.39197 -4.07075  7.76332   1.000 92.39778 ? 259 PRO B HD2  1 
ATOM   521  H HD3  . PRO B 1 4  ? -12.12022 -2.72709  7.32782   1.000 92.39778 ? 259 PRO B HD3  1 
ATOM   522  N N    . THR B 1 5  ? -11.19033 -6.50054  3.36988   1.000 44.82827 ? 260 THR B N    1 
ATOM   523  C CA   . THR B 1 5  ? -11.05336 -7.91151  3.04301   1.000 38.87796 ? 260 THR B CA   1 
ATOM   524  C C    . THR B 1 5  ? -9.62016  -8.23054  2.63558   1.000 35.35861 ? 260 THR B C    1 
ATOM   525  O O    . THR B 1 5  ? -8.90776  -7.39414  2.07142   1.000 32.74898 ? 260 THR B O    1 
ATOM   526  C CB   . THR B 1 5  ? -11.99014 -8.30340  1.89807   1.000 40.27384 ? 260 THR B CB   1 
ATOM   527  O OG1  . THR B 1 5  ? -11.45848 -7.81033  0.66237   1.000 39.63599 ? 260 THR B OG1  1 
ATOM   528  C CG2  . THR B 1 5  ? -13.37630 -7.73409  2.11892   1.000 41.56529 ? 260 THR B CG2  1 
ATOM   529  H H    . THR B 1 5  ? -11.24873 -5.98938  2.68075   1.000 53.79392 ? 260 THR B H    1 
ATOM   530  H HA   . THR B 1 5  ? -11.28016 -8.43563  3.82709   1.000 46.65355 ? 260 THR B HA   1 
ATOM   531  H HB   . THR B 1 5  ? -12.06739 -9.26942  1.85634   1.000 48.32861 ? 260 THR B HB   1 
ATOM   532  H HG1  . THR B 1 5  ? -11.95640 -8.03652  0.02479   1.000 47.56319 ? 260 THR B HG1  1 
ATOM   533  H HG21 . THR B 1 5  ? -13.96397 -8.00143  1.39499   1.000 49.87835 ? 260 THR B HG21 1 
ATOM   534  H HG22 . THR B 1 5  ? -13.73976 -8.06130  2.95662   1.000 49.87835 ? 260 THR B HG22 1 
ATOM   535  H HG23 . THR B 1 5  ? -13.33600 -6.76543  2.15027   1.000 49.87835 ? 260 THR B HG23 1 
ATOM   536  N N    . GLU B 1 6  ? -9.21008  -9.46911  2.91406   1.000 34.18038 ? 261 GLU B N    1 
ATOM   537  C CA   . GLU B 1 6  ? -7.86858  -9.90177  2.54225   1.000 31.85671 ? 261 GLU B CA   1 
ATOM   538  C C    . GLU B 1 6  ? -7.65576  -9.82173  1.03521   1.000 30.19593 ? 261 GLU B C    1 
ATOM   539  O O    . GLU B 1 6  ? -6.57633  -9.43415  0.57379   1.000 27.48457 ? 261 GLU B O    1 
ATOM   540  C CB   . GLU B 1 6  ? -7.62584  -11.32483 3.04244   1.000 37.20625 ? 261 GLU B CB   1 
ATOM   541  C CG   . GLU B 1 6  ? -6.17280  -11.74937 2.99451   1.000 42.16350 ? 261 GLU B CG   1 
ATOM   542  C CD   . GLU B 1 6  ? -5.78153  -12.62434 4.16591   1.000 45.78808 ? 261 GLU B CD   1 
ATOM   543  O OE1  . GLU B 1 6  ? -5.88714  -12.15913 5.31977   1.000 47.74904 ? 261 GLU B OE1  1 
ATOM   544  O OE2  . GLU B 1 6  ? -5.36591  -13.77739 3.92942   1.000 48.17733 ? 261 GLU B OE2  1 
ATOM   545  H H    . GLU B 1 6  ? -9.68307  -10.06750 3.31132   1.000 41.01645 ? 261 GLU B H    1 
ATOM   546  H HA   . GLU B 1 6  ? -7.22219  -9.31539  2.96561   1.000 38.22805 ? 261 GLU B HA   1 
ATOM   547  H HB2  . GLU B 1 6  ? -7.92191  -11.38604 3.96412   1.000 44.64750 ? 261 GLU B HB2  1 
ATOM   548  H HB3  . GLU B 1 6  ? -8.13247  -11.94020 2.48968   1.000 44.64750 ? 261 GLU B HB3  1 
ATOM   549  H HG2  . GLU B 1 6  ? -6.01657  -12.25139 2.17936   1.000 50.59620 ? 261 GLU B HG2  1 
ATOM   550  H HG3  . GLU B 1 6  ? -5.61142  -10.95846 3.00979   1.000 50.59620 ? 261 GLU B HG3  1 
ATOM   551  N N    . THR B 1 7  ? -8.67441  -10.18200 0.25140   1.000 32.08055 ? 262 THR B N    1 
ATOM   552  C CA   . THR B 1 7  ? -8.52693  -10.18408 -1.20014  1.000 33.34702 ? 262 THR B CA   1 
ATOM   553  C C    . THR B 1 7  ? -8.12127  -8.80660  -1.70781  1.000 27.70404 ? 262 THR B C    1 
ATOM   554  O O    . THR B 1 7  ? -7.16920  -8.67169  -2.48812  1.000 28.18791 ? 262 THR B O    1 
ATOM   555  C CB   . THR B 1 7  ? -9.83946  -10.63056 -1.84660  1.000 41.20788 ? 262 THR B CB   1 
ATOM   556  O OG1  . THR B 1 7  ? -10.15627 -11.96166 -1.41928  1.000 45.45892 ? 262 THR B OG1  1 
ATOM   557  C CG2  . THR B 1 7  ? -9.72462  -10.58827 -3.36015  1.000 43.91100 ? 262 THR B CG2  1 
ATOM   558  H H    . THR B 1 7  ? -9.44964  -10.42575 0.53280   1.000 38.49666 ? 262 THR B H    1 
ATOM   559  H HA   . THR B 1 7  ? -7.83222  -10.81345 -1.44949  1.000 40.01642 ? 262 THR B HA   1 
ATOM   560  H HB   . THR B 1 7  ? -10.55608 -10.03309 -1.58129  1.000 49.44945 ? 262 THR B HB   1 
ATOM   561  H HG1  . THR B 1 7  ? -10.87379 -12.21458 -1.77538  1.000 54.55071 ? 262 THR B HG1  1 
ATOM   562  H HG21 . THR B 1 7  ? -10.53893 -10.92665 -3.76424  1.000 52.69320 ? 262 THR B HG21 1 
ATOM   563  H HG22 . THR B 1 7  ? -9.58167  -9.67582  -3.65666  1.000 52.69320 ? 262 THR B HG22 1 
ATOM   564  H HG23 . THR B 1 7  ? -8.97796  -11.13459 -3.65161  1.000 52.69320 ? 262 THR B HG23 1 
ATOM   565  N N    . GLY B 1 8  ? -8.82421  -7.76748  -1.25810  1.000 26.36556 ? 263 GLY B N    1 
ATOM   566  C CA   . GLY B 1 8  ? -8.49364  -6.42286  -1.69725  1.000 25.58478 ? 263 GLY B CA   1 
ATOM   567  C C    . GLY B 1 8  ? -7.10993  -5.98825  -1.25356  1.000 23.68403 ? 263 GLY B C    1 
ATOM   568  O O    . GLY B 1 8  ? -6.36379  -5.37017  -2.02043  1.000 23.84950 ? 263 GLY B O    1 
ATOM   569  H H    . GLY B 1 8  ? -9.48405  -7.81643  -0.70874  1.000 31.63867 ? 263 GLY B H    1 
ATOM   570  H HA2  . GLY B 1 8  ? -8.52917  -6.38463  -2.66584  1.000 30.70173 ? 263 GLY B HA2  1 
ATOM   571  H HA3  . GLY B 1 8  ? -9.14065  -5.79888  -1.33264  1.000 30.70173 ? 263 GLY B HA3  1 
ATOM   572  N N    . VAL B 1 9  ? -6.74636  -6.31008  -0.01009  1.000 22.13264 ? 264 VAL B N    1 
ATOM   573  C CA   . VAL B 1 9  ? -5.42473  -5.94432  0.48695   1.000 21.24978 ? 264 VAL B CA   1 
ATOM   574  C C    . VAL B 1 9  ? -4.34064  -6.65154  -0.31745  1.000 20.95167 ? 264 VAL B C    1 
ATOM   575  O O    . VAL B 1 9  ? -3.34021  -6.03647  -0.70389  1.000 20.59253 ? 264 VAL B O    1 
ATOM   576  C CB   . VAL B 1 9  ? -5.31192  -6.22514  1.99679   1.000 22.13821 ? 264 VAL B CB   1 
ATOM   577  C CG1  . VAL B 1 9  ? -3.87289  -6.03802  2.45284   1.000 25.37405 ? 264 VAL B CG1  1 
ATOM   578  C CG2  . VAL B 1 9  ? -6.25683  -5.31554  2.76895   1.000 24.67350 ? 264 VAL B CG2  1 
ATOM   579  H H    . VAL B 1 9  ? -7.23900  -6.73253  0.55421   1.000 26.55916 ? 264 VAL B H    1 
ATOM   580  H HA   . VAL B 1 9  ? -5.30372  -4.98962  0.36528   1.000 25.49974 ? 264 VAL B HA   1 
ATOM   581  H HB   . VAL B 1 9  ? -5.56712  -7.14295  2.17955   1.000 26.56585 ? 264 VAL B HB   1 
ATOM   582  H HG11 . VAL B 1 9  ? -3.85520  -5.96351  3.41981   1.000 30.44887 ? 264 VAL B HG11 1 
ATOM   583  H HG12 . VAL B 1 9  ? -3.34992  -6.80465  2.17052   1.000 30.44887 ? 264 VAL B HG12 1 
ATOM   584  H HG13 . VAL B 1 9  ? -3.51726  -5.22936  2.05221   1.000 30.44887 ? 264 VAL B HG13 1 
ATOM   585  H HG21 . VAL B 1 9  ? -6.16679  -5.49861  3.71724   1.000 29.60820 ? 264 VAL B HG21 1 
ATOM   586  H HG22 . VAL B 1 9  ? -6.02468  -4.39148  2.58695   1.000 29.60820 ? 264 VAL B HG22 1 
ATOM   587  H HG23 . VAL B 1 9  ? -7.16718  -5.49033  2.48328   1.000 29.60820 ? 264 VAL B HG23 1 
ATOM   588  N N    . VAL B 1 10 ? -4.53008  -7.94387  -0.60425  1.000 20.82498 ? 265 VAL B N    1 
ATOM   589  C CA   . VAL B 1 10 ? -3.54975  -8.67612  -1.40294  1.000 21.11699 ? 265 VAL B CA   1 
ATOM   590  C C    . VAL B 1 10 ? -3.38910  -8.03070  -2.77239  1.000 22.17080 ? 265 VAL B C    1 
ATOM   591  O O    . VAL B 1 10 ? -2.26819  -7.85850  -3.26623  1.000 21.71980 ? 265 VAL B O    1 
ATOM   592  C CB   . VAL B 1 10 ? -3.92893  -10.16602 -1.49701  1.000 22.42789 ? 265 VAL B CB   1 
ATOM   593  C CG1  . VAL B 1 10 ? -3.11279  -10.85573 -2.58379  1.000 23.60844 ? 265 VAL B CG1  1 
ATOM   594  C CG2  . VAL B 1 10 ? -3.72604  -10.84663 -0.14327  1.000 25.41301 ? 265 VAL B CG2  1 
ATOM   595  H H    . VAL B 1 10 ? -5.20711  -8.41022  -0.35175  1.000 24.98997 ? 265 VAL B H    1 
ATOM   596  H HA   . VAL B 1 10 ? -2.69028  -8.62722  -0.95593  1.000 25.34038 ? 265 VAL B HA   1 
ATOM   597  H HB   . VAL B 1 10 ? -4.86573  -10.24389 -1.73626  1.000 26.91347 ? 265 VAL B HB   1 
ATOM   598  H HG11 . VAL B 1 10 ? -3.16710  -11.81601 -2.45803  1.000 28.33013 ? 265 VAL B HG11 1 
ATOM   599  H HG12 . VAL B 1 10 ? -3.47425  -10.61474 -3.45107  1.000 28.33013 ? 265 VAL B HG12 1 
ATOM   600  H HG13 . VAL B 1 10 ? -2.18967  -10.56518 -2.51783  1.000 28.33013 ? 265 VAL B HG13 1 
ATOM   601  H HG21 . VAL B 1 10 ? -3.97643  -11.78071 -0.21874  1.000 30.49561 ? 265 VAL B HG21 1 
ATOM   602  H HG22 . VAL B 1 10 ? -2.79254  -10.77382 0.11005   1.000 30.49561 ? 265 VAL B HG22 1 
ATOM   603  H HG23 . VAL B 1 10 ? -4.28342  -10.40714 0.51785   1.000 30.49561 ? 265 VAL B HG23 1 
ATOM   604  N N    . GLN B 1 11 ? -4.50014  -7.63347  -3.39402  1.000 21.55079 ? 266 GLN B N    1 
ATOM   605  C CA   . GLN B 1 11 ? -4.42436  -7.00168  -4.70749  1.000 23.25154 ? 266 GLN B CA   1 
ATOM   606  C C    . GLN B 1 11 ? -3.62063  -5.70606  -4.64532  1.000 22.81664 ? 266 GLN B C    1 
ATOM   607  O O    . GLN B 1 11 ? -2.76447  -5.45029  -5.49991  1.000 21.39247 ? 266 GLN B O    1 
ATOM   608  C CB   . GLN B 1 11 ? -5.82644  -6.75434  -5.25414  1.000 27.62097 ? 266 GLN B CB   1 
ATOM   609  C CG   . GLN B 1 11 ? -6.48456  -7.97753  -5.89960  1.000 36.76165 ? 266 GLN B CG   1 
ATOM   610  C CD   . GLN B 1 11 ? -5.51667  -8.87434  -6.67263  1.000 46.44795 ? 266 GLN B CD   1 
ATOM   611  O OE1  . GLN B 1 11 ? -5.11902  -8.56174  -7.79797  1.000 50.89958 ? 266 GLN B OE1  1 
ATOM   612  N NE2  . GLN B 1 11 ? -5.12647  -9.98974  -6.05861  1.000 48.34189 ? 266 GLN B NE2  1 
ATOM   613  H H    . GLN B 1 11 ? -5.29681  -7.71727  -3.08115  1.000 25.86095 ? 266 GLN B H    1 
ATOM   614  H HA   . GLN B 1 11 ? -3.97270  -7.60287  -5.32023  1.000 27.90185 ? 266 GLN B HA   1 
ATOM   615  H HB2  . GLN B 1 11 ? -6.39615  -6.46717  -4.52348  1.000 33.14517 ? 266 GLN B HB2  1 
ATOM   616  H HB3  . GLN B 1 11 ? -5.77630  -6.05913  -5.92872  1.000 33.14517 ? 266 GLN B HB3  1 
ATOM   617  H HG2  . GLN B 1 11 ? -6.89087  -8.51581  -5.20242  1.000 44.11398 ? 266 GLN B HG2  1 
ATOM   618  H HG3  . GLN B 1 11 ? -7.16357  -7.67290  -6.52172  1.000 44.11398 ? 266 GLN B HG3  1 
ATOM   619  H HE21 . GLN B 1 11 ? -5.41842  -10.17129 -5.27032  1.000 58.01026 ? 266 GLN B HE21 1 
ATOM   620  H HE22 . GLN B 1 11 ? -4.58252  -10.52849 -6.45036  1.000 58.01026 ? 266 GLN B HE22 1 
ATOM   621  N N    . ALA B 1 12 ? -3.88317  -4.87264  -3.63409  1.000 19.80069 ? 267 ALA B N    1 
ATOM   622  C CA   . ALA B 1 12 ? -3.13508  -3.63023  -3.48254  1.000 19.03595 ? 267 ALA B CA   1 
ATOM   623  C C    . ALA B 1 12 ? -1.65400  -3.90316  -3.25161  1.000 17.81040 ? 267 ALA B C    1 
ATOM   624  O O    . ALA B 1 12 ? -0.79325  -3.23072  -3.82191  1.000 18.63526 ? 267 ALA B O    1 
ATOM   625  C CB   . ALA B 1 12 ? -3.72372  -2.82456  -2.32896  1.000 19.89731 ? 267 ALA B CB   1 
ATOM   626  H H    . ALA B 1 12 ? -4.48233  -5.00412  -3.03134  1.000 23.76083 ? 267 ALA B H    1 
ATOM   627  H HA   . ALA B 1 12 ? -3.21405  -3.10539  -4.29447  1.000 22.84314 ? 267 ALA B HA   1 
ATOM   628  H HB1  . ALA B 1 12 ? -3.22594  -1.99733  -2.23516  1.000 23.87677 ? 267 ALA B HB1  1 
ATOM   629  H HB2  . ALA B 1 12 ? -4.65436  -2.63055  -2.52180  1.000 23.87677 ? 267 ALA B HB2  1 
ATOM   630  H HB3  . ALA B 1 12 ? -3.65652  -3.34536  -1.51340  1.000 23.87677 ? 267 ALA B HB3  1 
ATOM   631  N N    . VAL B 1 13 ? -1.33599  -4.89396  -2.42630  1.000 18.50539 ? 268 VAL B N    1 
ATOM   632  C CA   . VAL B 1 13 ? 0.05996   -5.22960  -2.17441  1.000 18.57372 ? 268 VAL B CA   1 
ATOM   633  C C    . VAL B 1 13 ? 0.74807   -5.64699  -3.46957  1.000 18.67378 ? 268 VAL B C    1 
ATOM   634  O O    . VAL B 1 13 ? 1.88947   -5.25722  -3.73987  1.000 18.72239 ? 268 VAL B O    1 
ATOM   635  C CB   . VAL B 1 13 ? 0.14758   -6.31356  -1.08440  1.000 20.35126 ? 268 VAL B CB   1 
ATOM   636  C CG1  . VAL B 1 13 ? 1.54483   -6.90410  -1.03817  1.000 22.74191 ? 268 VAL B CG1  1 
ATOM   637  C CG2  . VAL B 1 13 ? -0.23230  -5.73609  0.26908   1.000 20.91742 ? 268 VAL B CG2  1 
ATOM   638  H H    . VAL B 1 13 ? -1.90311  -5.38296  -2.00339  1.000 22.20647 ? 268 VAL B H    1 
ATOM   639  H HA   . VAL B 1 13 ? 0.52298   -4.44331  -1.84538  1.000 22.28846 ? 268 VAL B HA   1 
ATOM   640  H HB   . VAL B 1 13 ? -0.47646  -7.02531  -1.29630  1.000 24.42151 ? 268 VAL B HB   1 
ATOM   641  H HG11 . VAL B 1 13 ? 1.66254   -7.37122  -0.19623  1.000 27.29029 ? 268 VAL B HG11 1 
ATOM   642  H HG12 . VAL B 1 13 ? 1.65070   -7.52306  -1.77747  1.000 27.29029 ? 268 VAL B HG12 1 
ATOM   643  H HG13 . VAL B 1 13 ? 2.19349   -6.18667  -1.11191  1.000 27.29029 ? 268 VAL B HG13 1 
ATOM   644  H HG21 . VAL B 1 13 ? -0.21463  -6.44487  0.93105   1.000 25.10090 ? 268 VAL B HG21 1 
ATOM   645  H HG22 . VAL B 1 13 ? 0.40496   -5.04477  0.50757   1.000 25.10090 ? 268 VAL B HG22 1 
ATOM   646  H HG23 . VAL B 1 13 ? -1.12404  -5.35863  0.21235   1.000 25.10090 ? 268 VAL B HG23 1 
ATOM   647  N N    . LYS B 1 14 ? 0.05974   -6.42492  -4.30039  1.000 19.92306 ? 269 LYS B N    1 
ATOM   648  C CA   . LYS B 1 14 ? 0.65899   -6.84329  -5.56413  1.000 20.56562 ? 269 LYS B CA   1 
ATOM   649  C C    . LYS B 1 14 ? 0.98212   -5.64609  -6.44996  1.000 21.13024 ? 269 LYS B C    1 
ATOM   650  O O    . LYS B 1 14 ? 2.05204   -5.58846  -7.06538  1.000 21.74417 ? 269 LYS B O    1 
ATOM   651  C CB   . LYS B 1 14 ? -0.28916  -7.78268  -6.29710  1.000 22.68236 ? 269 LYS B CB   1 
ATOM   652  C CG   . LYS B 1 14 ? -0.36992  -9.16347  -5.70572  1.000 22.73068 ? 269 LYS B CG   1 
ATOM   653  C CD   . LYS B 1 14 ? -1.30089  -10.03569 -6.52703  1.000 25.41770 ? 269 LYS B CD   1 
ATOM   654  C CE   . LYS B 1 14 ? -1.41726  -11.41452 -5.92911  1.000 27.09623 ? 269 LYS B CE   1 
ATOM   655  N NZ   . LYS B 1 14 ? -2.37765  -12.24554 -6.69682  1.000 32.38967 ? 269 LYS B NZ   1 
ATOM   656  H H    . LYS B 1 14 ? -0.73666  -6.71783  -4.16054  1.000 23.90767 ? 269 LYS B H    1 
ATOM   657  H HA   . LYS B 1 14 ? 1.48482   -7.31501  -5.37338  1.000 24.67875 ? 269 LYS B HA   1 
ATOM   658  H HB2  . LYS B 1 14 ? -1.18078  -7.40126  -6.27642  1.000 27.21884 ? 269 LYS B HB2  1 
ATOM   659  H HB3  . LYS B 1 14 ? 0.01188   -7.87290  -7.21477  1.000 27.21884 ? 269 LYS B HB3  1 
ATOM   660  H HG2  . LYS B 1 14 ? 0.51148   -9.56849  -5.70263  1.000 27.27682 ? 269 LYS B HG2  1 
ATOM   661  H HG3  . LYS B 1 14 ? -0.71380  -9.11036  -4.80028  1.000 27.27682 ? 269 LYS B HG3  1 
ATOM   662  H HD2  . LYS B 1 14 ? -2.18398  -9.63498  -6.54860  1.000 30.50124 ? 269 LYS B HD2  1 
ATOM   663  H HD3  . LYS B 1 14 ? -0.95292  -10.12044 -7.42850  1.000 30.50124 ? 269 LYS B HD3  1 
ATOM   664  H HE2  . LYS B 1 14 ? -0.55045  -11.84947 -5.94824  1.000 32.51548 ? 269 LYS B HE2  1 
ATOM   665  H HE3  . LYS B 1 14 ? -1.73336  -11.34482 -5.01472  1.000 32.51548 ? 269 LYS B HE3  1 
ATOM   666  H HZ1  . LYS B 1 14 ? -2.42385  -13.06143 -6.34427  1.000 38.86761 ? 269 LYS B HZ1  1 
ATOM   667  H HZ2  . LYS B 1 14 ? -3.18653  -11.87500 -6.67445  1.000 38.86761 ? 269 LYS B HZ2  1 
ATOM   668  H HZ3  . LYS B 1 14 ? -2.11354  -12.31157 -7.54417  1.000 38.86761 ? 269 LYS B HZ3  1 
ATOM   669  N N    . VAL B 1 15 ? 0.07072   -4.68072  -6.53232  1.000 20.88730 ? 270 VAL B N    1 
ATOM   670  C CA   . VAL B 1 15 ? 0.33907   -3.47514  -7.31100  1.000 20.76813 ? 270 VAL B CA   1 
ATOM   671  C C    . VAL B 1 15 ? 1.59160   -2.77319  -6.79558  1.000 20.70369 ? 270 VAL B C    1 
ATOM   672  O O    . VAL B 1 15 ? 2.47560   -2.38667  -7.56957  1.000 23.93738 ? 270 VAL B O    1 
ATOM   673  C CB   . VAL B 1 15 ? -0.89069  -2.55079  -7.29362  1.000 22.76828 ? 270 VAL B CB   1 
ATOM   674  C CG1  . VAL B 1 15 ? -0.61236  -1.29920  -8.07939  1.000 23.37336 ? 270 VAL B CG1  1 
ATOM   675  C CG2  . VAL B 1 15 ? -2.11362  -3.27255  -7.83280  1.000 24.81438 ? 270 VAL B CG2  1 
ATOM   676  H H    . VAL B 1 15 ? -0.70060  -4.69809  -6.15236  1.000 25.06476 ? 270 VAL B H    1 
ATOM   677  H HA   . VAL B 1 15 ? 0.50886   -3.72835  -8.23185  1.000 24.92175 ? 270 VAL B HA   1 
ATOM   678  H HB   . VAL B 1 15 ? -1.08111  -2.29539  -6.37743  1.000 27.32193 ? 270 VAL B HB   1 
ATOM   679  H HG11 . VAL B 1 15 ? -1.40170  -0.73559  -8.06562  1.000 28.04803 ? 270 VAL B HG11 1 
ATOM   680  H HG12 . VAL B 1 15 ? 0.13495   -0.83176  -7.67451  1.000 28.04803 ? 270 VAL B HG12 1 
ATOM   681  H HG13 . VAL B 1 15 ? -0.39498  -1.54173  -8.99308  1.000 28.04803 ? 270 VAL B HG13 1 
ATOM   682  H HG21 . VAL B 1 15 ? -2.86962  -2.66489  -7.82119  1.000 29.77726 ? 270 VAL B HG21 1 
ATOM   683  H HG22 . VAL B 1 15 ? -1.93500  -3.56097  -8.74154  1.000 29.77726 ? 270 VAL B HG22 1 
ATOM   684  H HG23 . VAL B 1 15 ? -2.29904  -4.04196  -7.27197  1.000 29.77726 ? 270 VAL B HG23 1 
ATOM   685  N N    . LEU B 1 16 ? 1.70055   -2.62141  -5.47722  1.000 20.72250 ? 271 LEU B N    1 
ATOM   686  C CA   . LEU B 1 16 ? 2.85096   -1.92067  -4.91485  1.000 21.10330 ? 271 LEU B CA   1 
ATOM   687  C C    . LEU B 1 16 ? 4.14555   -2.68259  -5.15350  1.000 22.08469 ? 271 LEU B C    1 
ATOM   688  O O    . LEU B 1 16 ? 5.16696   -2.09097  -5.52354  1.000 26.54836 ? 271 LEU B O    1 
ATOM   689  C CB   . LEU B 1 16 ? 2.64423   -1.69684  -3.42098  1.000 20.72662 ? 271 LEU B CB   1 
ATOM   690  C CG   . LEU B 1 16 ? 1.50590   -0.74940  -3.06944  1.000 21.56553 ? 271 LEU B CG   1 
ATOM   691  C CD1  . LEU B 1 16 ? 1.26632   -0.80699  -1.56298  1.000 23.71609 ? 271 LEU B CD1  1 
ATOM   692  C CD2  . LEU B 1 16 ? 1.81178   0.66421   -3.49622  1.000 23.20218 ? 271 LEU B CD2  1 
ATOM   693  H H    . LEU B 1 16 ? 1.13374   -2.90881  -4.89781  1.000 24.86700 ? 271 LEU B H    1 
ATOM   694  H HA   . LEU B 1 16 ? 2.92570   -1.05725  -5.35053  1.000 25.32396 ? 271 LEU B HA   1 
ATOM   695  H HB2  . LEU B 1 16 ? 2.45156   -2.55215  -3.00598  1.000 24.87195 ? 271 LEU B HB2  1 
ATOM   696  H HB3  . LEU B 1 16 ? 3.45965   -1.32448  -3.05040  1.000 24.87195 ? 271 LEU B HB3  1 
ATOM   697  H HG   . LEU B 1 16 ? 0.70289   -1.02089  -3.54100  1.000 25.87863 ? 271 LEU B HG   1 
ATOM   698  H HD11 . LEU B 1 16 ? 0.54956   -0.19501  -1.33357  1.000 28.45931 ? 271 LEU B HD11 1 
ATOM   699  H HD12 . LEU B 1 16 ? 1.01983   -1.71227  -1.31679  1.000 28.45931 ? 271 LEU B HD12 1 
ATOM   700  H HD13 . LEU B 1 16 ? 2.08089   -0.54943  -1.10359  1.000 28.45931 ? 271 LEU B HD13 1 
ATOM   701  H HD21 . LEU B 1 16 ? 1.13153   1.25620   -3.13882  1.000 27.84261 ? 271 LEU B HD21 1 
ATOM   702  H HD22 . LEU B 1 16 ? 2.68322   0.91623   -3.15275  1.000 27.84261 ? 271 LEU B HD22 1 
ATOM   703  H HD23 . LEU B 1 16 ? 1.81275   0.70835   -4.46522  1.000 27.84261 ? 271 LEU B HD23 1 
ATOM   704  N N    . LEU B 1 17 ? 4.12286   -3.99403  -4.95396  1.000 21.77677 ? 272 LEU B N    1 
ATOM   705  C CA   . LEU B 1 17 ? 5.34590   -4.76683  -5.09108  1.000 21.05092 ? 272 LEU B CA   1 
ATOM   706  C C    . LEU B 1 17 ? 5.84677   -4.78637  -6.52571  1.000 23.00493 ? 272 LEU B C    1 
ATOM   707  O O    . LEU B 1 17 ? 7.05963   -4.84726  -6.75483  1.000 22.73515 ? 272 LEU B O    1 
ATOM   708  C CB   . LEU B 1 17 ? 5.10453   -6.19589  -4.62952  1.000 21.00055 ? 272 LEU B CB   1 
ATOM   709  C CG   . LEU B 1 17 ? 4.80037   -6.43013  -3.15344  1.000 22.09898 ? 272 LEU B CG   1 
ATOM   710  C CD1  . LEU B 1 17 ? 4.34084   -7.87511  -2.95444  1.000 24.27646 ? 272 LEU B CD1  1 
ATOM   711  C CD2  . LEU B 1 17 ? 6.00118   -6.12218  -2.29799  1.000 26.25381 ? 272 LEU B CD2  1 
ATOM   712  H H    . LEU B 1 17 ? 3.42585   -4.45123  -4.74242  1.000 26.13213 ? 272 LEU B H    1 
ATOM   713  H HA   . LEU B 1 17 ? 6.02742   -4.36149  -4.53240  1.000 25.26111 ? 272 LEU B HA   1 
ATOM   714  H HB2  . LEU B 1 17 ? 4.34818   -6.54259  -5.12814  1.000 25.20066 ? 272 LEU B HB2  1 
ATOM   715  H HB3  . LEU B 1 17 ? 5.90100   -6.71011  -4.83475  1.000 25.20066 ? 272 LEU B HB3  1 
ATOM   716  H HG   . LEU B 1 17 ? 4.08969   -5.83443  -2.86888  1.000 26.51878 ? 272 LEU B HG   1 
ATOM   717  H HD11 . LEU B 1 17 ? 4.13818   -8.01570  -2.01632  1.000 29.13175 ? 272 LEU B HD11 1 
ATOM   718  H HD12 . LEU B 1 17 ? 3.54802   -8.03111  -3.49109  1.000 29.13175 ? 272 LEU B HD12 1 
ATOM   719  H HD13 . LEU B 1 17 ? 5.05162   -8.47369  -3.23262  1.000 29.13175 ? 272 LEU B HD13 1 
ATOM   720  H HD21 . LEU B 1 17 ? 5.77581   -6.28181  -1.36813  1.000 31.50458 ? 272 LEU B HD21 1 
ATOM   721  H HD22 . LEU B 1 17 ? 6.73470   -6.69837  -2.56419  1.000 31.50458 ? 272 LEU B HD22 1 
ATOM   722  H HD23 . LEU B 1 17 ? 6.24836   -5.19265  -2.42356  1.000 31.50458 ? 272 LEU B HD23 1 
ATOM   723  N N    . SER B 1 18 ? 4.93413   -4.73956  -7.49935  1.000 24.10256 ? 273 SER B N    1 
ATOM   724  C CA   . SER B 1 18 ? 5.30360   -4.96443  -8.88984  1.000 28.28433 ? 273 SER B CA   1 
ATOM   725  C C    . SER B 1 18 ? 6.27958   -3.92242  -9.40223  1.000 29.14414 ? 273 SER B C    1 
ATOM   726  O O    . SER B 1 18 ? 6.94586   -4.16306  -10.41449 1.000 30.97030 ? 273 SER B O    1 
ATOM   727  C CB   . SER B 1 18 ? 4.04170   -4.98056  -9.74673  1.000 29.78273 ? 273 SER B CB   1 
ATOM   728  O OG   . SER B 1 18 ? 3.50139   -3.67944  -9.83960  1.000 33.44931 ? 273 SER B OG   1 
ATOM   729  H H    . SER B 1 18 ? 4.09787   -4.57973  -7.37805  1.000 28.92307 ? 273 SER B H    1 
ATOM   730  H HA   . SER B 1 18 ? 5.73837   -5.82765  -8.97186  1.000 33.94119 ? 273 SER B HA   1 
ATOM   731  H HB2  . SER B 1 18 ? 4.26442   -5.29739  -10.63607 1.000 35.73928 ? 273 SER B HB2  1 
ATOM   732  H HB3  . SER B 1 18 ? 3.38719   -5.56909  -9.33911  1.000 35.73928 ? 273 SER B HB3  1 
ATOM   733  H HG   . SER B 1 18 ? 2.81575   -3.68704  -10.32481 1.000 40.13917 ? 273 SER B HG   1 
ATOM   734  N N    . GLU B 1 19 ? 6.40245   -2.79183  -8.71637  1.000 27.94622 ? 274 GLU B N    1 
ATOM   735  C CA   . GLU B 1 19 ? 7.26267   -1.70532  -9.15960  1.000 31.00846 ? 274 GLU B CA   1 
ATOM   736  C C    . GLU B 1 19 ? 8.59352   -1.64521  -8.41587  1.000 33.30008 ? 274 GLU B C    1 
ATOM   737  O O    . GLU B 1 19 ? 9.45510   -0.83248  -8.77558  1.000 36.45061 ? 274 GLU B O    1 
ATOM   738  C CB   . GLU B 1 19 ? 6.54461   -0.36265  -8.99755  1.000 33.52818 ? 274 GLU B CB   1 
ATOM   739  C CG   . GLU B 1 19 ? 5.13158   -0.32067  -9.51905  1.000 36.36521 ? 274 GLU B CG   1 
ATOM   740  C CD   . GLU B 1 19 ? 4.57570   1.09383   -9.57405  1.000 38.67785 ? 274 GLU B CD   1 
ATOM   741  O OE1  . GLU B 1 19 ? 4.44779   1.73654   -8.50742  1.000 37.80127 ? 274 GLU B OE1  1 
ATOM   742  O OE2  . GLU B 1 19 ? 4.26817   1.56708   -10.68706 1.000 40.50161 ? 274 GLU B OE2  1 
ATOM   743  H H    . GLU B 1 19 ? 5.99031   -2.62917  -7.97929  1.000 33.53546 ? 274 GLU B H    1 
ATOM   744  H HA   . GLU B 1 19 ? 7.45226   -1.84159  -10.10108 1.000 37.21016 ? 274 GLU B HA   1 
ATOM   745  H HB2  . GLU B 1 19 ? 6.51100   -0.14599  -8.05265  1.000 40.23382 ? 274 GLU B HB2  1 
ATOM   746  H HB3  . GLU B 1 19 ? 7.04969   0.31380   -9.47526  1.000 40.23382 ? 274 GLU B HB3  1 
ATOM   747  H HG2  . GLU B 1 19 ? 5.11367   -0.68669  -10.41717 1.000 43.63826 ? 274 GLU B HG2  1 
ATOM   748  H HG3  . GLU B 1 19 ? 4.56205   -0.84585  -8.93534  1.000 43.63826 ? 274 GLU B HG3  1 
ATOM   749  N N    . LEU B 1 20 ? 8.79534   -2.48834  -7.41054  1.000 30.96645 ? 275 LEU B N    1 
ATOM   750  C CA   . LEU B 1 20 ? 9.92002   -2.30256  -6.50996  1.000 30.90792 ? 275 LEU B CA   1 
ATOM   751  C C    . LEU B 1 20 ? 11.19788  -2.92900  -7.06167  1.000 30.86755 ? 275 LEU B C    1 
ATOM   752  O O    . LEU B 1 20 ? 11.17432  -3.85237  -7.88096  1.000 31.99441 ? 275 LEU B O    1 
ATOM   753  C CB   . LEU B 1 20 ? 9.62834   -2.94090  -5.15482  1.000 30.59572 ? 275 LEU B CB   1 
ATOM   754  C CG   . LEU B 1 20 ? 8.46492   -2.40256  -4.32944  1.000 32.79881 ? 275 LEU B CG   1 
ATOM   755  C CD1  . LEU B 1 20 ? 8.47418   -3.07329  -2.95105  1.000 33.22360 ? 275 LEU B CD1  1 
ATOM   756  C CD2  . LEU B 1 20 ? 8.52602   -0.89937  -4.20136  1.000 37.85004 ? 275 LEU B CD2  1 
ATOM   757  H H    . LEU B 1 20 ? 8.29962   -3.16803  -7.23202  1.000 37.15974 ? 275 LEU B H    1 
ATOM   758  H HA   . LEU B 1 20 ? 10.06243  -1.34897  -6.40378  1.000 37.08951 ? 275 LEU B HA   1 
ATOM   759  H HB2  . LEU B 1 20 ? 9.44603   -3.88120  -5.30807  1.000 36.71487 ? 275 LEU B HB2  1 
ATOM   760  H HB3  . LEU B 1 20 ? 10.42349  -2.84192  -4.60815  1.000 36.71487 ? 275 LEU B HB3  1 
ATOM   761  H HG   . LEU B 1 20 ? 7.62907   -2.60847  -4.77648  1.000 39.35857 ? 275 LEU B HG   1 
ATOM   762  H HD11 . LEU B 1 20 ? 7.73794   -2.72396  -2.42491  1.000 39.86832 ? 275 LEU B HD11 1 
ATOM   763  H HD12 . LEU B 1 20 ? 8.37376   -4.03128  -3.06533  1.000 39.86832 ? 275 LEU B HD12 1 
ATOM   764  H HD13 . LEU B 1 20 ? 9.31656   -2.87915  -2.51103  1.000 39.86832 ? 275 LEU B HD13 1 
ATOM   765  H HD21 . LEU B 1 20 ? 7.79069   -0.59976  -3.64421  1.000 45.42004 ? 275 LEU B HD21 1 
ATOM   766  H HD22 . LEU B 1 20 ? 9.37121   -0.65112  -3.79524  1.000 45.42004 ? 275 LEU B HD22 1 
ATOM   767  H HD23 . LEU B 1 20 ? 8.45450   -0.50403  -5.08424  1.000 45.42004 ? 275 LEU B HD23 1 
ATOM   768  N N    . SER B 1 21 ? 12.32842  -2.41882  -6.57423  1.000 32.49385 ? 276 SER B N    1 
ATOM   769  C CA   . SER B 1 21 ? 13.62213  -2.98883  -6.90169  1.000 32.90405 ? 276 SER B CA   1 
ATOM   770  C C    . SER B 1 21 ? 13.84301  -4.29033  -6.13461  1.000 30.28121 ? 276 SER B C    1 
ATOM   771  O O    . SER B 1 21 ? 13.09166  -4.64420  -5.21913  1.000 29.79423 ? 276 SER B O    1 
ATOM   772  C CB   . SER B 1 21 ? 14.73424  -2.00972  -6.53447  1.000 36.17627 ? 276 SER B CB   1 
ATOM   773  O OG   . SER B 1 21 ? 14.95491  -2.00741  -5.13294  1.000 38.88163 ? 276 SER B OG   1 
ATOM   774  H H    . SER B 1 21 ? 12.36827  -1.73888  -6.04916  1.000 38.99262 ? 276 SER B H    1 
ATOM   775  H HA   . SER B 1 21 ? 13.65222  -3.17194  -7.85378  1.000 39.48485 ? 276 SER B HA   1 
ATOM   776  H HB2  . SER B 1 21 ? 15.55180  -2.27621  -6.98335  1.000 43.41152 ? 276 SER B HB2  1 
ATOM   777  H HB3  . SER B 1 21 ? 14.47675  -1.11790  -6.81599  1.000 43.41152 ? 276 SER B HB3  1 
ATOM   778  H HG   . SER B 1 21 ? 15.53956  -1.43762  -4.93509  1.000 46.65796 ? 276 SER B HG   1 
ATOM   779  N N    . VAL B 1 22 ? 14.89102  -5.01810  -6.53233  1.000 31.82526 ? 277 VAL B N    1 
ATOM   780  C CA   A VAL B 1 22 ? 15.22114  -6.26601  -5.85240  0.595 32.38111 ? 277 VAL B CA   1 
ATOM   781  C CA   B VAL B 1 22 ? 15.22514  -6.26692  -5.85568  0.405 32.00772 ? 277 VAL B CA   1 
ATOM   782  C C    . VAL B 1 22 ? 15.49745  -6.00671  -4.37747  1.000 31.63465 ? 277 VAL B C    1 
ATOM   783  O O    . VAL B 1 22 ? 15.15255  -6.82397  -3.51969  1.000 31.01255 ? 277 VAL B O    1 
ATOM   784  C CB   A VAL B 1 22 ? 16.40290  -6.96701  -6.54470  0.595 35.33124 ? 277 VAL B CB   1 
ATOM   785  C CB   B VAL B 1 22 ? 16.40935  -6.95741  -6.55863  0.405 33.81334 ? 277 VAL B CB   1 
ATOM   786  C CG1  A VAL B 1 22 ? 15.93792  -7.59478  -7.85332  0.595 34.55006 ? 277 VAL B CG1  1 
ATOM   787  C CG1  B VAL B 1 22 ? 17.56986  -5.98462  -6.72097  0.405 36.11518 ? 277 VAL B CG1  1 
ATOM   788  C CG2  A VAL B 1 22 ? 17.53575  -5.98850  -6.78647  0.595 38.27360 ? 277 VAL B CG2  1 
ATOM   789  C CG2  B VAL B 1 22 ? 16.83526  -8.19140  -5.78867  0.405 31.64998 ? 277 VAL B CG2  1 
ATOM   790  H H    A VAL B 1 22 ? 15.41588  -4.81278  -7.18192  0.595 38.19032 ? 277 VAL B H    1 
ATOM   791  H H    B VAL B 1 22 ? 15.41529  -4.81171  -7.18206  0.405 38.19032 ? 277 VAL B H    1 
ATOM   792  H HA   A VAL B 1 22 ? 14.45656  -6.85988  -5.91271  0.595 38.85733 ? 277 VAL B HA   1 
ATOM   793  H HA   B VAL B 1 22 ? 14.46660  -6.86886  -5.91217  0.405 38.40927 ? 277 VAL B HA   1 
ATOM   794  H HB   A VAL B 1 22 ? 16.74015  -7.67151  -5.96953  0.595 42.39749 ? 277 VAL B HB   1 
ATOM   795  H HB   B VAL B 1 22 ? 16.13262  -7.24108  -7.44399  0.405 40.57601 ? 277 VAL B HB   1 
ATOM   796  H HG11 A VAL B 1 22 ? 16.69007  -8.03858  -8.27547  0.595 41.46007 ? 277 VAL B HG11 1 
ATOM   797  H HG11 B VAL B 1 22 ? 18.36279  -6.47944  -6.98041  0.405 43.33822 ? 277 VAL B HG11 1 
ATOM   798  H HG12 A VAL B 1 22 ? 15.23790  -8.23883  -7.66342  0.595 41.46007 ? 277 VAL B HG12 1 
ATOM   799  H HG12 B VAL B 1 22 ? 17.34516  -5.33661  -7.40689  0.405 43.33822 ? 277 VAL B HG12 1 
ATOM   800  H HG13 A VAL B 1 22 ? 15.59674  -6.89716  -8.43456  0.595 41.46007 ? 277 VAL B HG13 1 
ATOM   801  H HG13 B VAL B 1 22 ? 17.72355  -5.53266  -5.87656  0.405 43.33822 ? 277 VAL B HG13 1 
ATOM   802  H HG21 A VAL B 1 22 ? 18.34503  -6.48509  -6.98488  0.595 45.92832 ? 277 VAL B HG21 1 
ATOM   803  H HG21 B VAL B 1 22 ? 17.65255  -8.53999  -6.17781  0.405 37.97997 ? 277 VAL B HG21 1 
ATOM   804  H HG22 A VAL B 1 22 ? 17.30556  -5.41791  -7.53636  0.595 45.92832 ? 277 VAL B HG22 1 
ATOM   805  H HG22 B VAL B 1 22 ? 16.98750  -7.94852  -4.86200  0.405 37.97997 ? 277 VAL B HG22 1 
ATOM   806  H HG23 A VAL B 1 22 ? 17.66446  -5.45115  -5.98924  0.595 45.92832 ? 277 VAL B HG23 1 
ATOM   807  H HG23 B VAL B 1 22 ? 16.13198  -8.85709  -5.84490  0.405 37.97997 ? 277 VAL B HG23 1 
ATOM   808  N N    . GLU B 1 23 ? 16.11405  -4.86406  -4.07058  1.000 33.50029 ? 278 GLU B N    1 
ATOM   809  C CA   . GLU B 1 23 ? 16.38916  -4.51596  -2.68004  1.000 35.97223 ? 278 GLU B CA   1 
ATOM   810  C C    . GLU B 1 23 ? 15.10253  -4.47853  -1.86960  1.000 32.05596 ? 278 GLU B C    1 
ATOM   811  O O    . GLU B 1 23 ? 15.01043  -5.08965  -0.79831  1.000 31.50125 ? 278 GLU B O    1 
ATOM   812  C CB   . GLU B 1 23 ? 17.09969  -3.15954  -2.62254  1.000 42.26000 ? 278 GLU B CB   1 
ATOM   813  C CG   . GLU B 1 23 ? 17.47830  -2.69581  -1.23026  1.000 51.54003 ? 278 GLU B CG   1 
ATOM   814  C CD   . GLU B 1 23 ? 18.87225  -2.08047  -1.17544  1.000 59.36388 ? 278 GLU B CD   1 
ATOM   815  O OE1  . GLU B 1 23 ? 19.56210  -2.02904  -2.22216  1.000 62.32617 ? 278 GLU B OE1  1 
ATOM   816  O OE2  . GLU B 1 23 ? 19.28756  -1.65658  -0.07504  1.000 61.71176 ? 278 GLU B OE2  1 
ATOM   817  H H    . GLU B 1 23 ? 16.38001  -4.28027  -4.64334  1.000 40.20034 ? 278 GLU B H    1 
ATOM   818  H HA   . GLU B 1 23 ? 16.97396  -5.18519  -2.29143  1.000 43.16668 ? 278 GLU B HA   1 
ATOM   819  H HB2  . GLU B 1 23 ? 17.91667  -3.21830  -3.14213  1.000 50.71200 ? 278 GLU B HB2  1 
ATOM   820  H HB3  . GLU B 1 23 ? 16.51194  -2.48834  -3.00326  1.000 50.71200 ? 278 GLU B HB3  1 
ATOM   821  H HG2  . GLU B 1 23 ? 16.84211  -2.02528  -0.93602  1.000 61.84804 ? 278 GLU B HG2  1 
ATOM   822  H HG3  . GLU B 1 23 ? 17.46154  -3.45595  -0.62794  1.000 61.84804 ? 278 GLU B HG3  1 
ATOM   823  N N    . GLY B 1 24 ? 14.09503  -3.76726  -2.37462  1.000 29.84159 ? 279 GLY B N    1 
ATOM   824  C CA   . GLY B 1 24 ? 12.83352  -3.68154  -1.66310  1.000 26.39854 ? 279 GLY B CA   1 
ATOM   825  C C    . GLY B 1 24 ? 12.10590  -5.00681  -1.60093  1.000 24.22086 ? 279 GLY B C    1 
ATOM   826  O O    . GLY B 1 24 ? 11.54426  -5.36466  -0.56350  1.000 24.47028 ? 279 GLY B O    1 
ATOM   827  H H    . GLY B 1 24 ? 14.11986  -3.33299  -3.11651  1.000 35.80991 ? 279 GLY B H    1 
ATOM   828  H HA2  . GLY B 1 24 ? 12.99831  -3.38204  -0.75532  1.000 31.67825 ? 279 GLY B HA2  1 
ATOM   829  H HA3  . GLY B 1 24 ? 12.25860  -3.03937  -2.10806  1.000 31.67825 ? 279 GLY B HA3  1 
ATOM   830  N N    . LEU B 1 25 ? 12.11171  -5.75619  -2.70423  1.000 25.04498 ? 280 LEU B N    1 
ATOM   831  C CA   . LEU B 1 25 ? 11.45847  -7.05972  -2.70800  1.000 25.40387 ? 280 LEU B CA   1 
ATOM   832  C C    . LEU B 1 25 ? 12.11385  -8.00226  -1.70698  1.000 24.31252 ? 280 LEU B C    1 
ATOM   833  O O    . LEU B 1 25 ? 11.42598  -8.75491  -1.00596  1.000 25.11862 ? 280 LEU B O    1 
ATOM   834  C CB   . LEU B 1 25 ? 11.49511  -7.65424  -4.11371  1.000 26.00132 ? 280 LEU B CB   1 
ATOM   835  C CG   . LEU B 1 25 ? 10.67299  -6.92337  -5.17432  1.000 25.66444 ? 280 LEU B CG   1 
ATOM   836  C CD1  . LEU B 1 25 ? 10.94843  -7.52560  -6.54292  1.000 26.60011 ? 280 LEU B CD1  1 
ATOM   837  C CD2  . LEU B 1 25 ? 9.19673   -6.97538  -4.83765  1.000 27.41429 ? 280 LEU B CD2  1 
ATOM   838  H H    . LEU B 1 25 ? 12.48045  -5.53564  -3.44921  1.000 30.05397 ? 280 LEU B H    1 
ATOM   839  H HA   . LEU B 1 25 ? 10.52907  -6.95027  -2.45276  1.000 30.48464 ? 280 LEU B HA   1 
ATOM   840  H HB2  . LEU B 1 25 ? 12.41660  -7.65680  -4.41661  1.000 31.20159 ? 280 LEU B HB2  1 
ATOM   841  H HB3  . LEU B 1 25 ? 11.15899  -8.56290  -4.06617  1.000 31.20159 ? 280 LEU B HB3  1 
ATOM   842  H HG   . LEU B 1 25 ? 10.92867  -5.98797  -5.19808  1.000 30.79733 ? 280 LEU B HG   1 
ATOM   843  H HD11 . LEU B 1 25 ? 10.41528  -7.05979  -7.20602  1.000 31.92013 ? 280 LEU B HD11 1 
ATOM   844  H HD12 . LEU B 1 25 ? 11.89140  -7.42648  -6.74759  1.000 31.92013 ? 280 LEU B HD12 1 
ATOM   845  H HD13 . LEU B 1 25 ? 10.71023  -8.46578  -6.52798  1.000 31.92013 ? 280 LEU B HD13 1 
ATOM   846  H HD21 . LEU B 1 25 ? 8.68779   -6.65501  -5.59873  1.000 32.89714 ? 280 LEU B HD21 1 
ATOM   847  H HD22 . LEU B 1 25 ? 8.95061   -7.89199  -4.63733  1.000 32.89714 ? 280 LEU B HD22 1 
ATOM   848  H HD23 . LEU B 1 25 ? 9.02867   -6.41164  -4.06638  1.000 32.89714 ? 280 LEU B HD23 1 
ATOM   849  N N    . ASP B 1 26 ? 13.44591  -7.96989  -1.62162  1.000 27.25104 ? 281 ASP B N    1 
ATOM   850  C CA   . ASP B 1 26 ? 14.14675  -8.82560  -0.67059  1.000 30.14901 ? 281 ASP B CA   1 
ATOM   851  C C    . ASP B 1 26 ? 13.78557  -8.46046  0.76301   1.000 28.57484 ? 281 ASP B C    1 
ATOM   852  O O    . ASP B 1 26 ? 13.61034  -9.34296  1.61098   1.000 28.13112 ? 281 ASP B O    1 
ATOM   853  C CB   . ASP B 1 26 ? 15.65692  -8.72350  -0.88894  1.000 33.09836 ? 281 ASP B CB   1 
ATOM   854  C CG   . ASP B 1 26 ? 16.10959  -9.42213  -2.15642  1.000 38.02495 ? 281 ASP B CG   1 
ATOM   855  O OD1  . ASP B 1 26 ? 15.31164  -10.20011 -2.72148  1.000 38.87292 ? 281 ASP B OD1  1 
ATOM   856  O OD2  . ASP B 1 26 ? 17.26134  -9.19493  -2.58703  1.000 42.42017 ? 281 ASP B OD2  1 
ATOM   857  H H    . ASP B 1 26 ? 13.95789  -7.46819  -2.09678  1.000 32.70125 ? 281 ASP B H    1 
ATOM   858  H HA   . ASP B 1 26 ? 13.88414  -9.74701  -0.82206  1.000 36.17882 ? 281 ASP B HA   1 
ATOM   859  H HB2  . ASP B 1 26 ? 15.90492  -7.78814  -0.95600  1.000 39.71803 ? 281 ASP B HB2  1 
ATOM   860  H HB3  . ASP B 1 26 ? 16.11411  -9.13500  -0.13891  1.000 39.71803 ? 281 ASP B HB3  1 
ATOM   861  N N    . GLU B 1 27 ? 13.65963  -7.16541  1.05420   1.000 26.48104 ? 282 GLU B N    1 
ATOM   862  C CA   . GLU B 1 27 ? 13.26165  -6.75971  2.39729   1.000 26.14647 ? 282 GLU B CA   1 
ATOM   863  C C    . GLU B 1 27 ? 11.85367  -7.24440  2.72056   1.000 26.00657 ? 282 GLU B C    1 
ATOM   864  O O    . GLU B 1 27 ? 11.59053  -7.72603  3.82672   1.000 26.56176 ? 282 GLU B O    1 
ATOM   865  C CB   . GLU B 1 27 ? 13.35162  -5.24151  2.53649   1.000 29.65952 ? 282 GLU B CB   1 
ATOM   866  C CG   . GLU B 1 27 ? 13.20209  -4.75629  3.96771   1.000 35.93466 ? 282 GLU B CG   1 
ATOM   867  C CD   . GLU B 1 27 ? 13.37497  -3.25261  4.09798   1.000 45.85788 ? 282 GLU B CD   1 
ATOM   868  O OE1  . GLU B 1 27 ? 13.98687  -2.64286  3.19009   1.000 47.48105 ? 282 GLU B OE1  1 
ATOM   869  O OE2  . GLU B 1 27 ? 12.89707  -2.68466  5.10738   1.000 49.92618 ? 282 GLU B OE2  1 
ATOM   870  H H    . GLU B 1 27 ? 13.79582  -6.51821  0.50449   1.000 31.77725 ? 282 GLU B H    1 
ATOM   871  H HA   . GLU B 1 27 ? 13.87280  -7.15503  3.03847   1.000 31.37576 ? 282 GLU B HA   1 
ATOM   872  H HB2  . GLU B 1 27 ? 14.21731  -4.94815  2.21180   1.000 35.59143 ? 282 GLU B HB2  1 
ATOM   873  H HB3  . GLU B 1 27 ? 12.64503  -4.83644  2.00967   1.000 35.59143 ? 282 GLU B HB3  1 
ATOM   874  H HG2  . GLU B 1 27 ? 12.31580  -4.98546  4.28845   1.000 43.12159 ? 282 GLU B HG2  1 
ATOM   875  H HG3  . GLU B 1 27 ? 13.87546  -5.18475  4.51896   1.000 43.12159 ? 282 GLU B HG3  1 
ATOM   876  N N    . VAL B 1 28 ? 10.93162  -7.12981  1.76698   1.000 23.65086 ? 283 VAL B N    1 
ATOM   877  C CA   . VAL B 1 28 ? 9.55828   -7.56150  2.01600   1.000 21.07168 ? 283 VAL B CA   1 
ATOM   878  C C    . VAL B 1 28 ? 9.50363   -9.06845  2.25632   1.000 20.51817 ? 283 VAL B C    1 
ATOM   879  O O    . VAL B 1 28 ? 8.76511   -9.55159  3.12538   1.000 23.08722 ? 283 VAL B O    1 
ATOM   880  C CB   . VAL B 1 28 ? 8.63807   -7.11466  0.86451   1.000 20.54026 ? 283 VAL B CB   1 
ATOM   881  C CG1  . VAL B 1 28 ? 7.27320   -7.77835  1.01072   1.000 21.85819 ? 283 VAL B CG1  1 
ATOM   882  C CG2  . VAL B 1 28 ? 8.51357   -5.59963  0.83073   1.000 21.94661 ? 283 VAL B CG2  1 
ATOM   883  H H    . VAL B 1 28 ? 11.07200  -6.81112  0.98065   1.000 28.38103 ? 283 VAL B H    1 
ATOM   884  H HA   . VAL B 1 28 ? 9.23963   -7.13058  2.82449   1.000 25.28601 ? 283 VAL B HA   1 
ATOM   885  H HB   . VAL B 1 28 ? 9.02284   -7.39029  0.01783   1.000 24.64832 ? 283 VAL B HB   1 
ATOM   886  H HG11 . VAL B 1 28 ? 6.62620   -7.29084  0.47723   1.000 26.22983 ? 283 VAL B HG11 1 
ATOM   887  H HG12 . VAL B 1 28 ? 7.33327   -8.69563  0.70104   1.000 26.22983 ? 283 VAL B HG12 1 
ATOM   888  H HG13 . VAL B 1 28 ? 7.01203   -7.76100  1.94473   1.000 26.22983 ? 283 VAL B HG13 1 
ATOM   889  H HG21 . VAL B 1 28 ? 7.94609   -5.34592  0.08609   1.000 26.33594 ? 283 VAL B HG21 1 
ATOM   890  H HG22 . VAL B 1 28 ? 8.12084   -5.29638  1.66422   1.000 26.33594 ? 283 VAL B HG22 1 
ATOM   891  H HG23 . VAL B 1 28 ? 9.39619   -5.21260  0.72084   1.000 26.33594 ? 283 VAL B HG23 1 
ATOM   892  N N    . ARG B 1 29 ? 10.27401  -9.83825  1.48867   1.000 23.18384 ? 284 ARG B N    1 
ATOM   893  C CA   . ARG B 1 29 ? 10.24167  -11.28526 1.65795   1.000 24.57218 ? 284 ARG B CA   1 
ATOM   894  C C    . ARG B 1 29 ? 10.72314  -11.69338 3.04434   1.000 25.36757 ? 284 ARG B C    1 
ATOM   895  O O    . ARG B 1 29 ? 10.13836  -12.57607 3.68462   1.000 24.13336 ? 284 ARG B O    1 
ATOM   896  C CB   . ARG B 1 29 ? 11.07473  -11.96438 0.57942   1.000 28.46495 ? 284 ARG B CB   1 
ATOM   897  C CG   . ARG B 1 29 ? 10.74337  -13.43450 0.44271   1.000 31.00228 ? 284 ARG B CG   1 
ATOM   898  C CD   . ARG B 1 29 ? 11.84678  -14.18286 -0.28155  1.000 37.62131 ? 284 ARG B CD   1 
ATOM   899  N NE   . ARG B 1 29 ? 11.85827  -13.88644 -1.70756  1.000 40.63457 ? 284 ARG B NE   1 
ATOM   900  C CZ   . ARG B 1 29 ? 12.81202  -13.19057 -2.31769  1.000 42.53925 ? 284 ARG B CZ   1 
ATOM   901  N NH1  . ARG B 1 29 ? 13.84150  -12.71400 -1.62709  1.000 41.04869 ? 284 ARG B NH1  1 
ATOM   902  N NH2  . ARG B 1 29 ? 12.74281  -12.98417 -3.62322  1.000 46.19754 ? 284 ARG B NH2  1 
ATOM   903  H H    . ARG B 1 29 ? 10.80968  -9.55389  0.87892   1.000 27.82061 ? 284 ARG B H    1 
ATOM   904  H HA   . ARG B 1 29 ? 9.32486   -11.58602 1.55848   1.000 29.48661 ? 284 ARG B HA   1 
ATOM   905  H HB2  . ARG B 1 29 ? 10.90256  -11.53460 -0.27297  1.000 34.15795 ? 284 ARG B HB2  1 
ATOM   906  H HB3  . ARG B 1 29 ? 12.01440  -11.88562 0.80686   1.000 34.15795 ? 284 ARG B HB3  1 
ATOM   907  H HG2  . ARG B 1 29 ? 10.63754  -13.82421 1.32466   1.000 37.20274 ? 284 ARG B HG2  1 
ATOM   908  H HG3  . ARG B 1 29 ? 9.92258   -13.53386 -0.06457  1.000 37.20274 ? 284 ARG B HG3  1 
ATOM   909  H HD2  . ARG B 1 29 ? 12.70504  -13.92416 0.08910   1.000 45.14557 ? 284 ARG B HD2  1 
ATOM   910  H HD3  . ARG B 1 29 ? 11.71170  -15.13702 -0.17103  1.000 45.14557 ? 284 ARG B HD3  1 
ATOM   911  H HE   . ARG B 1 29 ? 11.20632  -14.18047 -2.18515  1.000 48.76149 ? 284 ARG B HE   1 
ATOM   912  H HH11 . ARG B 1 29 ? 13.89355  -12.85511 -0.78035  1.000 49.25842 ? 284 ARG B HH11 1 
ATOM   913  H HH12 . ARG B 1 29 ? 14.45609  -12.26429 -2.02665  1.000 49.25842 ? 284 ARG B HH12 1 
ATOM   914  H HH21 . ARG B 1 29 ? 12.08206  -13.30000 -4.07406  1.000 55.43705 ? 284 ARG B HH21 1 
ATOM   915  H HH22 . ARG B 1 29 ? 13.35859  -12.53422 -4.02067  1.000 55.43705 ? 284 ARG B HH22 1 
ATOM   916  N N    . ARG B 1 30 ? 11.80887  -11.08453 3.51574   1.000 25.15710 ? 285 ARG B N    1 
ATOM   917  C CA   . ARG B 1 30 ? 12.27507  -11.38856 4.86342   1.000 25.86244 ? 285 ARG B CA   1 
ATOM   918  C C    . ARG B 1 30 ? 11.18299  -11.10624 5.88457   1.000 27.03156 ? 285 ARG B C    1 
ATOM   919  O O    . ARG B 1 30 ? 11.01320  -11.85574 6.85407   1.000 29.08199 ? 285 ARG B O    1 
ATOM   920  C CB   . ARG B 1 30 ? 13.53119  -10.57733 5.17959   1.000 28.37807 ? 285 ARG B CB   1 
ATOM   921  C CG   . ARG B 1 30 ? 14.75711  -10.98203 4.36358   1.000 30.16487 ? 285 ARG B CG   1 
ATOM   922  C CD   . ARG B 1 30 ? 16.03312  -10.35844 4.90771   1.000 32.81648 ? 285 ARG B CD   1 
ATOM   923  N NE   . ARG B 1 30 ? 16.14494  -8.92916  4.62019   1.000 36.60741 ? 285 ARG B NE   1 
ATOM   924  C CZ   . ARG B 1 30 ? 16.72395  -8.42450  3.53367   1.000 38.36387 ? 285 ARG B CZ   1 
ATOM   925  N NH1  . ARG B 1 30 ? 17.23985  -9.23174  2.61895   1.000 41.22869 ? 285 ARG B NH1  1 
ATOM   926  N NH2  . ARG B 1 30 ? 16.78489  -7.11148  3.36071   1.000 39.03717 ? 285 ARG B NH2  1 
ATOM   927  H H    . ARG B 1 30 ? 12.28063  -10.50720 3.08712   1.000 30.18852 ? 285 ARG B H    1 
ATOM   928  H HA   . ARG B 1 30 ? 12.50854  -12.32856 4.91632   1.000 31.03493 ? 285 ARG B HA   1 
ATOM   929  H HB2  . ARG B 1 30 ? 13.35095  -9.64201  4.99637   1.000 34.05369 ? 285 ARG B HB2  1 
ATOM   930  H HB3  . ARG B 1 30 ? 13.74927  -10.69568 6.11732   1.000 34.05369 ? 285 ARG B HB3  1 
ATOM   931  H HG2  . ARG B 1 30 ? 14.85546  -11.94663 4.39151   1.000 36.19784 ? 285 ARG B HG2  1 
ATOM   932  H HG3  . ARG B 1 30 ? 14.64256  -10.68664 3.44678   1.000 36.19784 ? 285 ARG B HG3  1 
ATOM   933  H HD2  . ARG B 1 30 ? 16.05195  -10.47069 5.87101   1.000 39.37978 ? 285 ARG B HD2  1 
ATOM   934  H HD3  . ARG B 1 30 ? 16.79622  -10.80333 4.50689   1.000 39.37978 ? 285 ARG B HD3  1 
ATOM   935  H HE   . ARG B 1 30 ? 15.81440  -8.37785  5.19151   1.000 43.92889 ? 285 ARG B HE   1 
ATOM   936  H HH11 . ARG B 1 30 ? 17.20103  -10.08410 2.72658   1.000 49.47443 ? 285 ARG B HH11 1 
ATOM   937  H HH12 . ARG B 1 30 ? 17.61364  -8.90349  1.91743   1.000 49.47443 ? 285 ARG B HH12 1 
ATOM   938  H HH21 . ARG B 1 30 ? 16.44977  -6.58394  3.95146   1.000 46.84460 ? 285 ARG B HH21 1 
ATOM   939  H HH22 . ARG B 1 30 ? 17.15955  -6.78730  2.65776   1.000 46.84460 ? 285 ARG B HH22 1 
ATOM   940  N N    . PHE B 1 31 ? 10.43816  -10.01990 5.68288   1.000 24.26318 ? 286 PHE B N    1 
ATOM   941  C CA   . PHE B 1 31 ? 9.36081   -9.67154  6.59928   1.000 24.28678 ? 286 PHE B CA   1 
ATOM   942  C C    . PHE B 1 31 ? 8.25186   -10.71123 6.55909   1.000 22.02611 ? 286 PHE B C    1 
ATOM   943  O O    . PHE B 1 31 ? 7.75912   -11.13173 7.61048   1.000 24.09630 ? 286 PHE B O    1 
ATOM   944  C CB   . PHE B 1 31 ? 8.83296   -8.28165  6.24264   1.000 23.35087 ? 286 PHE B CB   1 
ATOM   945  C CG   . PHE B 1 31 ? 7.81151   -7.75205  7.19379   1.000 23.66924 ? 286 PHE B CG   1 
ATOM   946  C CD1  . PHE B 1 31 ? 8.19396   -7.17283  8.38653   1.000 25.22999 ? 286 PHE B CD1  1 
ATOM   947  C CD2  . PHE B 1 31 ? 6.46661   -7.81348  6.88553   1.000 24.04787 ? 286 PHE B CD2  1 
ATOM   948  C CE1  . PHE B 1 31 ? 7.25024   -6.67550  9.26328   1.000 26.35388 ? 286 PHE B CE1  1 
ATOM   949  C CE2  . PHE B 1 31 ? 5.51908   -7.32403  7.75854   1.000 26.13506 ? 286 PHE B CE2  1 
ATOM   950  C CZ   . PHE B 1 31 ? 5.91391   -6.75218  8.94921   1.000 26.64323 ? 286 PHE B CZ   1 
ATOM   951  H H    . PHE B 1 31 ? 10.53664  -9.47252  5.02693   1.000 29.11581 ? 286 PHE B H    1 
ATOM   952  H HA   . PHE B 1 31 ? 9.69724   -9.64332  7.50863   1.000 29.14414 ? 286 PHE B HA   1 
ATOM   953  H HB2  . PHE B 1 31 ? 9.57745   -7.65989  6.23436   1.000 28.02104 ? 286 PHE B HB2  1 
ATOM   954  H HB3  . PHE B 1 31 ? 8.42402   -8.32128  5.36395   1.000 28.02104 ? 286 PHE B HB3  1 
ATOM   955  H HD1  . PHE B 1 31 ? 9.09688   -7.11684  8.60211   1.000 30.27599 ? 286 PHE B HD1  1 
ATOM   956  H HD2  . PHE B 1 31 ? 6.19705   -8.18978  6.07890   1.000 28.85744 ? 286 PHE B HD2  1 
ATOM   957  H HE1  . PHE B 1 31 ? 7.51833   -6.28900  10.06556  1.000 31.62465 ? 286 PHE B HE1  1 
ATOM   958  H HE2  . PHE B 1 31 ? 4.61564   -7.37937  7.54495   1.000 31.36207 ? 286 PHE B HE2  1 
ATOM   959  H HZ   . PHE B 1 31 ? 5.27710   -6.41870  9.53927   1.000 31.97188 ? 286 PHE B HZ   1 
ATOM   960  N N    . ILE B 1 32 ? 7.86414   -11.15893 5.36223   1.000 22.02693 ? 287 ILE B N    1 
ATOM   961  C CA   . ILE B 1 32 ? 6.82984   -12.18756 5.26757   1.000 22.92349 ? 287 ILE B CA   1 
ATOM   962  C C    . ILE B 1 32 ? 7.25185   -13.45512 5.99724   1.000 22.91341 ? 287 ILE B C    1 
ATOM   963  O O    . ILE B 1 32 ? 6.45049   -14.08370 6.69854   1.000 24.64734 ? 287 ILE B O    1 
ATOM   964  C CB   . ILE B 1 32 ? 6.49543   -12.48085 3.79775   1.000 24.90509 ? 287 ILE B CB   1 
ATOM   965  C CG1  . ILE B 1 32 ? 5.78107   -11.30932 3.15165   1.000 27.27285 ? 287 ILE B CG1  1 
ATOM   966  C CG2  . ILE B 1 32 ? 5.64120   -13.74692 3.68748   1.000 28.79967 ? 287 ILE B CG2  1 
ATOM   967  C CD1  . ILE B 1 32 ? 5.56204   -11.48914 1.68483   1.000 28.59762 ? 287 ILE B CD1  1 
ATOM   968  H H    . ILE B 1 32 ? 8.17727   -10.88939 4.60797   1.000 26.43232 ? 287 ILE B H    1 
ATOM   969  H HA   . ILE B 1 32 ? 6.03195   -11.84557 5.70038   1.000 27.50818 ? 287 ILE B HA   1 
ATOM   970  H HB   . ILE B 1 32 ? 7.33220   -12.62009 3.32730   1.000 29.88611 ? 287 ILE B HB   1 
ATOM   971  H HG12 . ILE B 1 32 ? 4.91354   -11.20026 3.57165   1.000 32.72741 ? 287 ILE B HG12 1 
ATOM   972  H HG13 . ILE B 1 32 ? 6.31375   -10.50854 3.27777   1.000 32.72741 ? 287 ILE B HG13 1 
ATOM   973  H HG21 . ILE B 1 32 ? 5.28578   -13.81065 2.78719   1.000 34.55960 ? 287 ILE B HG21 1 
ATOM   974  H HG22 . ILE B 1 32 ? 6.19531   -14.51949 3.87982   1.000 34.55960 ? 287 ILE B HG22 1 
ATOM   975  H HG23 . ILE B 1 32 ? 4.91398   -13.69393 4.32720   1.000 34.55960 ? 287 ILE B HG23 1 
ATOM   976  H HD11 . ILE B 1 32 ? 5.46950   -10.61717 1.27011   1.000 34.31714 ? 287 ILE B HD11 1 
ATOM   977  H HD12 . ILE B 1 32 ? 6.32353   -11.95612 1.30673   1.000 34.31714 ? 287 ILE B HD12 1 
ATOM   978  H HD13 . ILE B 1 32 ? 4.75418   -12.00818 1.54745   1.000 34.31714 ? 287 ILE B HD13 1 
ATOM   979  N N    . ASP B 1 33 ? 8.51353   -13.85230 5.84753   1.000 22.85431 ? 288 ASP B N    1 
ATOM   980  C CA   . ASP B 1 33 ? 9.02066   -15.04177 6.53194   1.000 24.77407 ? 288 ASP B CA   1 
ATOM   981  C C    . ASP B 1 33 ? 9.00138   -14.88778 8.04731   1.000 26.21227 ? 288 ASP B C    1 
ATOM   982  O O    . ASP B 1 33 ? 9.00496   -15.89587 8.75923   1.000 30.72803 ? 288 ASP B O    1 
ATOM   983  C CB   . ASP B 1 33 ? 10.35238  -15.45848 5.90123   1.000 29.19782 ? 288 ASP B CB   1 
ATOM   984  C CG   . ASP B 1 33 ? 10.15801  -15.99437 4.46925   1.000 33.09534 ? 288 ASP B CG   1 
ATOM   985  O OD1  . ASP B 1 33 ? 9.00911   -16.33777 4.09894   1.000 36.87720 ? 288 ASP B OD1  1 
ATOM   986  O OD2  . ASP B 1 33 ? 11.13306  -16.06432 3.69707   1.000 35.37001 ? 288 ASP B OD2  1 
ATOM   987  H H    . ASP B 1 33 ? 9.09627   -13.45301 5.35704   1.000 27.42517 ? 288 ASP B H    1 
ATOM   988  H HA   . ASP B 1 33 ? 8.45077   -15.81379 6.39010   1.000 29.72889 ? 288 ASP B HA   1 
ATOM   989  H HB2  . ASP B 1 33 ? 10.94286  -14.68993 5.86170   1.000 35.03739 ? 288 ASP B HB2  1 
ATOM   990  H HB3  . ASP B 1 33 ? 10.75554  -16.15938 6.43704   1.000 35.03739 ? 288 ASP B HB3  1 
ATOM   991  N N    . ALA B 1 34 ? 8.98585   -13.65570 8.55509   1.000 22.17965 ? 289 ALA B N    1 
ATOM   992  C CA   . ALA B 1 34 ? 8.83624   -13.43712 9.98715   1.000 22.49385 ? 289 ALA B CA   1 
ATOM   993  C C    . ALA B 1 34 ? 7.39427   -13.60428 10.45183  1.000 22.84826 ? 289 ALA B C    1 
ATOM   994  O O    . ALA B 1 34 ? 7.16040   -13.81571 11.64632  1.000 24.32392 ? 289 ALA B O    1 
ATOM   995  C CB   . ALA B 1 34 ? 9.31868   -12.03712 10.35755  1.000 24.28614 ? 289 ALA B CB   1 
ATOM   996  H H    . ALA B 1 34 ? 9.05998   -12.93497 8.09179   1.000 26.61558 ? 289 ALA B H    1 
ATOM   997  H HA   . ALA B 1 34 ? 9.38691   -14.08222 10.45779  1.000 26.99262 ? 289 ALA B HA   1 
ATOM   998  H HB1  . ALA B 1 34 ? 9.21877   -11.91148 11.31417  1.000 29.14337 ? 289 ALA B HB1  1 
ATOM   999  H HB2  . ALA B 1 34 ? 10.25178  -11.94831 10.10792  1.000 29.14337 ? 289 ALA B HB2  1 
ATOM   1000 H HB3  . ALA B 1 34 ? 8.78489   -11.38264 9.88043   1.000 29.14337 ? 289 ALA B HB3  1 
ATOM   1001 N N    . LEU B 1 35 ? 6.42767   -13.50741 9.54235   1.000 26.02353 ? 290 LEU B N    1 
ATOM   1002 C CA   . LEU B 1 35 ? 5.01738   -13.56256 9.89386   1.000 26.99655 ? 290 LEU B CA   1 
ATOM   1003 C C    . LEU B 1 35 ? 4.46605   -14.98132 9.94161   1.000 26.80614 ? 290 LEU B C    1 
ATOM   1004 O O    . LEU B 1 35 ? 3.30407   -15.16467 10.31884  1.000 29.49315 ? 290 LEU B O    1 
ATOM   1005 C CB   . LEU B 1 35 ? 4.20352   -12.73412 8.89051   1.000 26.02895 ? 290 LEU B CB   1 
ATOM   1006 C CG   . LEU B 1 35 ? 4.53432   -11.24435 8.79542   1.000 26.05371 ? 290 LEU B CG   1 
ATOM   1007 C CD1  . LEU B 1 35 ? 3.76940   -10.56912 7.66572   1.000 26.41761 ? 290 LEU B CD1  1 
ATOM   1008 C CD2  . LEU B 1 35 ? 4.24737   -10.56487 10.13035  1.000 29.18824 ? 290 LEU B CD2  1 
ATOM   1009 H H    . LEU B 1 35 ? 6.56927   -13.40740 8.70000   1.000 31.22823 ? 290 LEU B H    1 
ATOM   1010 H HA   . LEU B 1 35 ? 4.90351   -13.17533 10.77589  1.000 32.39586 ? 290 LEU B HA   1 
ATOM   1011 H HB2  . LEU B 1 35 ? 4.34262   -13.11225 8.00813   1.000 31.23474 ? 290 LEU B HB2  1 
ATOM   1012 H HB3  . LEU B 1 35 ? 3.26769   -12.80155 9.13659   1.000 31.23474 ? 290 LEU B HB3  1 
ATOM   1013 H HG   . LEU B 1 35 ? 5.47761   -11.14560 8.59210   1.000 31.26445 ? 290 LEU B HG   1 
ATOM   1014 H HD11 . LEU B 1 35 ? 3.88889   -9.60888  7.73321   1.000 31.70113 ? 290 LEU B HD11 1 
ATOM   1015 H HD12 . LEU B 1 35 ? 4.11469   -10.88656 6.81666   1.000 31.70113 ? 290 LEU B HD12 1 
ATOM   1016 H HD13 . LEU B 1 35 ? 2.82854   -10.79171 7.74419   1.000 31.70113 ? 290 LEU B HD13 1 
ATOM   1017 H HD21 . LEU B 1 35 ? 4.34601   -9.60576  10.02416  1.000 35.02589 ? 290 LEU B HD21 1 
ATOM   1018 H HD22 . LEU B 1 35 ? 3.34094   -10.77591 10.40373  1.000 35.02589 ? 290 LEU B HD22 1 
ATOM   1019 H HD23 . LEU B 1 35 ? 4.87692   -10.89085 10.79240  1.000 35.02589 ? 290 LEU B HD23 1 
ATOM   1020 N N    . GLN B 1 36 ? 5.26718   -15.98003 9.59508   1.000 29.68340 ? 291 GLN B N    1 
ATOM   1021 C CA   . GLN B 1 36 ? 4.82233   -17.36546 9.61804   1.000 34.16472 ? 291 GLN B CA   1 
ATOM   1022 C C    . GLN B 1 36 ? 5.85159   -18.22822 10.34547  1.000 36.10079 ? 291 GLN B C    1 
ATOM   1023 O O    . GLN B 1 36 ? 7.01693   -17.84122 10.48027  1.000 34.90796 ? 291 GLN B O    1 
ATOM   1024 C CB   . GLN B 1 36 ? 4.62942   -17.88429 8.19510   1.000 39.37582 ? 291 GLN B CB   1 
ATOM   1025 C CG   . GLN B 1 36 ? 3.74886   -17.00717 7.33367   1.000 45.47939 ? 291 GLN B CG   1 
ATOM   1026 C CD   . GLN B 1 36 ? 4.07312   -17.13101 5.85108   1.000 49.79467 ? 291 GLN B CD   1 
ATOM   1027 O OE1  . GLN B 1 36 ? 5.10786   -16.64612 5.38489   1.000 54.45488 ? 291 GLN B OE1  1 
ATOM   1028 N NE2  . GLN B 1 36 ? 3.19319   -17.79512 5.10446   1.000 46.82884 ? 291 GLN B NE2  1 
ATOM   1029 O OXT  . GLN B 1 36 ? 5.55360   -19.33490 10.80267  1.000 36.56361 ? 291 GLN B OXT  1 
ATOM   1030 H HA   . GLN B 1 36 ? 3.97159   -17.42925 10.07965  1.000 40.99766 ? 291 GLN B HA   1 
ATOM   1031 H HB2  . GLN B 1 36 ? 5.49715   -17.94341 7.76564   1.000 47.25099 ? 291 GLN B HB2  1 
ATOM   1032 H HB3  . GLN B 1 36 ? 4.21969   -18.76249 8.23748   1.000 47.25099 ? 291 GLN B HB3  1 
ATOM   1033 H HG2  . GLN B 1 36 ? 2.82257   -17.26511 7.46157   1.000 54.57527 ? 291 GLN B HG2  1 
ATOM   1034 H HG3  . GLN B 1 36 ? 3.87406   -16.08080 7.59263   1.000 54.57527 ? 291 GLN B HG3  1 
ATOM   1035 H HE21 . GLN B 1 36 ? 2.48668   -18.12694 5.46546   1.000 56.19460 ? 291 GLN B HE21 1 
ATOM   1036 H HE22 . GLN B 1 36 ? 3.33135   -17.89225 4.26120   1.000 56.19460 ? 291 GLN B HE22 1 
HETATM 1037 O O    . HOH C 2 .  ? -14.15285 13.76615  -0.12551  1.000 43.45716 ? 301 HOH A O    1 
HETATM 1038 O O    . HOH C 2 .  ? -6.70189  -8.47073  9.91739   1.000 37.33284 ? 302 HOH A O    1 
HETATM 1039 O O    . HOH C 2 .  ? -15.00916 13.94782  -6.43159  1.000 42.80104 ? 303 HOH A O    1 
HETATM 1040 O O    . HOH C 2 .  ? 2.40608   13.81039  -0.15719  1.000 35.23861 ? 304 HOH A O    1 
HETATM 1041 O O    . HOH C 2 .  ? -6.49288  7.33620   -13.22370 1.000 40.52436 ? 305 HOH A O    1 
HETATM 1042 O O    . HOH C 2 .  ? -9.23221  -1.51671  13.34466  1.000 43.49258 ? 306 HOH A O    1 
HETATM 1043 O O    . HOH C 2 .  ? -3.21128  7.85516   -11.64347 1.000 40.91334 ? 307 HOH A O    1 
HETATM 1044 O O    . HOH C 2 .  ? -5.28982  15.25531  -10.08231 1.000 31.23186 ? 308 HOH A O    1 
HETATM 1045 O O    . HOH C 2 .  ? -9.14366  16.62078  -5.25282  1.000 40.70230 ? 309 HOH A O    1 
HETATM 1046 O O    . HOH C 2 .  ? -4.86201  4.13447   11.76316  1.000 33.13339 ? 310 HOH A O    1 
HETATM 1047 O O    . HOH C 2 .  ? 1.44270   17.49256  -8.80271  1.000 45.38820 ? 311 HOH A O    1 
HETATM 1048 O O    . HOH C 2 .  ? 3.43177   18.10615  -5.78816  1.000 51.39630 ? 312 HOH A O    1 
HETATM 1049 O O    . HOH C 2 .  ? -6.30051  17.85070  -9.44901  1.000 34.25783 ? 313 HOH A O    1 
HETATM 1050 O O    . HOH C 2 .  ? -11.09857 -3.65324  11.74036  1.000 45.16206 ? 314 HOH A O    1 
HETATM 1051 O O    . HOH C 2 .  ? -3.21526  6.08587   11.45597  1.000 55.80831 ? 315 HOH A O    1 
HETATM 1052 O O    . HOH C 2 .  ? -11.02346 -5.50311  11.96486  1.000 47.66309 ? 316 HOH A O    1 
HETATM 1053 O O    . HOH C 2 .  ? -8.09414  -2.93000  15.24132  1.000 49.59541 ? 317 HOH A O    1 
HETATM 1054 O O    . HOH C 2 .  ? -11.26191 -1.04781  14.29335  1.000 45.56375 ? 318 HOH A O    1 
HETATM 1055 O O    . HOH D 2 .  ? 9.26993   -5.10100  -8.41508  1.000 44.49550 ? 301 HOH B O    1 
HETATM 1056 O O    . HOH D 2 .  ? 8.64546   -18.45712 8.16331   1.000 29.61213 ? 302 HOH B O    1 
HETATM 1057 O O    . HOH D 2 .  ? 0.94498   -16.38579 9.95958   1.000 35.62410 ? 303 HOH B O    1 
HETATM 1058 O O    . HOH D 2 .  ? 14.92341  -12.06594 0.78162   1.000 38.22843 ? 304 HOH B O    1 
HETATM 1059 O O    . HOH D 2 .  ? 9.36528   -5.37299  -10.08737 1.000 44.52640 ? 305 HOH B O    1 
HETATM 1060 O O    . HOH D 2 .  ? 5.45288   -15.55176 12.96572  1.000 23.72998 ? 306 HOH B O    1 
HETATM 1061 O O    . HOH D 2 .  ? 17.26643  -5.80824  0.96356   1.000 44.09812 ? 307 HOH B O    1 
HETATM 1062 O O    . HOH D 2 .  ? 12.80983  -12.82865 8.74929   1.000 56.06793 ? 308 HOH B O    1 
HETATM 1063 O O    . HOH D 2 .  ? 5.11503   0.71269   -5.97914  1.000 36.83800 ? 309 HOH B O    1 
HETATM 1064 O O    . HOH D 2 .  ? 0.95459   -13.88380 11.31011  1.000 38.54492 ? 310 HOH B O    1 
HETATM 1065 O O    . HOH D 2 .  ? -10.98699 -11.92743 1.41953   1.000 44.61741 ? 311 HOH B O    1 
HETATM 1066 O O    . HOH D 2 .  ? -11.32314 -11.17219 4.26863   1.000 47.84451 ? 312 HOH B O    1 
HETATM 1067 O O    . HOH D 2 .  ? 18.08616  -11.51073 -4.47684  1.000 50.79836 ? 313 HOH B O    1 
HETATM 1068 O O    . HOH D 2 .  ? 12.02943  -14.42503 10.71754  1.000 42.03103 ? 314 HOH B O    1 
HETATM 1069 O O    . HOH D 2 .  ? 8.90783   0.98809   -12.08014 1.000 37.80679 ? 315 HOH B O    1 
# 
loop_
_atom_site_anisotrop.id 
_atom_site_anisotrop.type_symbol 
_atom_site_anisotrop.pdbx_label_atom_id 
_atom_site_anisotrop.pdbx_label_alt_id 
_atom_site_anisotrop.pdbx_label_comp_id 
_atom_site_anisotrop.pdbx_label_asym_id 
_atom_site_anisotrop.pdbx_label_seq_id 
_atom_site_anisotrop.pdbx_PDB_ins_code 
_atom_site_anisotrop.U[1][1] 
_atom_site_anisotrop.U[2][2] 
_atom_site_anisotrop.U[3][3] 
_atom_site_anisotrop.U[1][2] 
_atom_site_anisotrop.U[1][3] 
_atom_site_anisotrop.U[2][3] 
_atom_site_anisotrop.pdbx_auth_seq_id 
_atom_site_anisotrop.pdbx_auth_comp_id 
_atom_site_anisotrop.pdbx_auth_asym_id 
_atom_site_anisotrop.pdbx_auth_atom_id 
1    N N   . PRO A 4  ? 0.83066 0.71415 0.48503 0.16428  0.28875  0.05222  259 PRO A N   
2    C CA  . PRO A 4  ? 0.70974 0.67316 0.46329 0.17812  0.26056  0.06903  259 PRO A CA  
3    C C   . PRO A 4  ? 0.53798 0.60110 0.45461 0.18061  0.18597  0.10227  259 PRO A C   
4    O O   . PRO A 4  ? 0.52225 0.57177 0.47940 0.17419  0.14783  0.11394  259 PRO A O   
5    C CB  . PRO A 4  ? 0.74077 0.66513 0.43637 0.16675  0.29618  0.06516  259 PRO A CB  
6    C CG  . PRO A 4  ? 0.79881 0.67957 0.46063 0.15281  0.30717  0.04037  259 PRO A CG  
7    C CD  . PRO A 4  ? 0.84630 0.71726 0.46766 0.14400  0.30557  0.05213  259 PRO A CD  
15   N N   . THR A 5  ? 0.41830 0.52534 0.45341 0.17235  0.14115  0.09961  260 THR A N   
16   C CA  . THR A 5  ? 0.40851 0.46309 0.42924 0.02164  0.13751  0.09517  260 THR A CA  
17   C C   . THR A 5  ? 0.39091 0.42575 0.40846 -0.00557 0.14802  0.03357  260 THR A C   
18   O O   . THR A 5  ? 0.43510 0.37611 0.40819 -0.02364 0.14628  0.03588  260 THR A O   
19   C CB  . THR A 5  ? 0.43697 0.42088 0.44078 -0.08580 0.11968  0.15663  260 THR A CB  
20   O OG1 . THR A 5  ? 0.40145 0.38194 0.45015 -0.00131 0.09940  0.15759  260 THR A OG1 
21   C CG2 . THR A 5  ? 0.50919 0.47625 0.44596 -0.17030 0.13499  0.14313  260 THR A CG2 
29   N N   . GLU A 6  ? 0.41964 0.43816 0.39160 -0.03293 0.13289  0.02558  261 GLU A N   
30   C CA  . GLU A 6  ? 0.48357 0.46786 0.36481 -0.06723 0.14319  0.02624  261 GLU A CA  
31   C C   . GLU A 6  ? 0.42869 0.40255 0.34416 -0.03984 0.11860  0.03733  261 GLU A C   
32   O O   . GLU A 6  ? 0.39996 0.33688 0.35047 -0.00278 0.12691  0.07105  261 GLU A O   
33   C CB  . GLU A 6  ? 0.55031 0.55167 0.40081 -0.10650 0.11555  0.03518  261 GLU A CB  
34   C CG  . GLU A 6  ? 0.62395 0.66127 0.44811 -0.15577 0.10696  0.02632  261 GLU A CG  
35   C CD  . GLU A 6  ? 0.69447 0.71479 0.47660 -0.17203 0.12784  -0.02322 261 GLU A CD  
36   O OE1 . GLU A 6  ? 0.71157 0.70607 0.49773 -0.18266 0.12105  -0.05448 261 GLU A OE1 
37   O OE2 . GLU A 6  ? 0.73388 0.72942 0.48683 -0.16289 0.15053  -0.06830 261 GLU A OE2 
44   N N   . THR A 7  ? 0.43245 0.32994 0.32814 0.00697  0.10699  0.02667  262 THR A N   
45   C CA  . THR A 7  ? 0.43669 0.32197 0.32541 0.04142  0.09926  0.04591  262 THR A CA  
46   C C   . THR A 7  ? 0.43631 0.24954 0.29349 0.01866  0.08984  0.07207  262 THR A C   
47   O O   . THR A 7  ? 0.40796 0.26974 0.29789 0.02928  0.08161  0.06035  262 THR A O   
48   C CB  . THR A 7  ? 0.48697 0.42566 0.35504 0.04557  0.09886  0.04110  262 THR A CB  
49   O OG1 . THR A 7  ? 0.56213 0.50435 0.35574 -0.00553 0.12142  0.03197  262 THR A OG1 
50   C CG2 . THR A 7  ? 0.48788 0.46553 0.35043 0.02145  0.09546  0.05153  262 THR A CG2 
58   N N   . GLY A 8  ? 0.40654 0.26491 0.30352 0.02176  0.05526  0.04497  263 GLY A N   
59   C CA  . GLY A 8  ? 0.37521 0.28321 0.29757 0.05307  0.03652  0.05993  263 GLY A CA  
60   C C   . GLY A 8  ? 0.33220 0.21102 0.31965 0.06626  0.03006  0.02693  263 GLY A C   
61   O O   . GLY A 8  ? 0.35885 0.21777 0.33022 0.03077  0.04686  0.04202  263 GLY A O   
65   N N   . VAL A 9  ? 0.30283 0.19239 0.30724 0.02853  0.04742  0.00880  264 VAL A N   
66   C CA  . VAL A 9  ? 0.30581 0.20498 0.30069 0.04347  0.04937  -0.01611 264 VAL A CA  
67   C C   . VAL A 9  ? 0.28522 0.18542 0.30891 0.07070  0.06502  -0.01299 264 VAL A C   
68   O O   . VAL A 9  ? 0.27689 0.18006 0.29076 0.01086  0.06871  0.02616  264 VAL A O   
69   C CB  . VAL A 9  ? 0.31785 0.22441 0.30941 0.05765  0.06395  -0.01240 264 VAL A CB  
70   C CG1 . VAL A 9  ? 0.34485 0.29148 0.28833 0.03413  0.05383  -0.00474 264 VAL A CG1 
71   C CG2 . VAL A 9  ? 0.32539 0.24091 0.34045 0.02103  0.07395  -0.01626 264 VAL A CG2 
81   N N   . VAL A 10 ? 0.29345 0.21266 0.28215 0.05943  0.08303  0.03093  265 VAL A N   
82   C CA  . VAL A 10 ? 0.31557 0.21236 0.27040 0.05706  0.07409  0.01886  265 VAL A CA  
83   C C   . VAL A 10 ? 0.30991 0.24818 0.25689 0.03748  0.05385  0.02105  265 VAL A C   
84   O O   . VAL A 10 ? 0.28888 0.19546 0.27614 0.01738  0.06143  0.00509  265 VAL A O   
85   C CB  . VAL A 10 ? 0.37072 0.19155 0.29651 0.04924  0.08896  0.04640  265 VAL A CB  
86   C CG1 . VAL A 10 ? 0.39013 0.19758 0.31329 0.03697  0.07953  0.03080  265 VAL A CG1 
87   C CG2 . VAL A 10 ? 0.37817 0.24631 0.33831 0.04703  0.07024  0.02976  265 VAL A CG2 
97   N N   . GLN A 11 ? 0.36319 0.25534 0.25351 0.03228  0.01186  0.01225  266 GLN A N   
98   C CA  . GLN A 11 ? 0.36318 0.27358 0.24501 0.03858  0.01684  -0.00464 266 GLN A CA  
99   C C   . GLN A 11 ? 0.25091 0.24407 0.28213 0.02117  0.00572  0.02172  266 GLN A C   
100  O O   . GLN A 11 ? 0.27027 0.21199 0.28374 0.03073  0.01030  0.01639  266 GLN A O   
101  C CB  . GLN A 11 ? 0.49305 0.41173 0.24497 0.06276  0.03612  -0.00031 266 GLN A CB  
102  C CG  . GLN A 11 ? 0.60576 0.61057 0.39884 0.08760  0.01582  0.00662  266 GLN A CG  
103  C CD  . GLN A 11 ? 0.72547 0.81342 0.50242 0.07752  0.03990  -0.02298 266 GLN A CD  
104  O OE1 . GLN A 11 ? 0.81833 0.83353 0.53543 0.04663  0.08513  -0.07421 266 GLN A OE1 
105  N NE2 . GLN A 11 ? 0.72315 0.91897 0.56486 0.11314  0.02764  -0.02988 266 GLN A NE2 
114  N N   . ALA A 12 ? 0.27661 0.20951 0.27539 0.03900  0.02643  0.03084  267 ALA A N   
115  C CA  . ALA A 12 ? 0.23826 0.20501 0.30029 0.06976  0.03707  0.02826  267 ALA A CA  
116  C C   . ALA A 12 ? 0.24570 0.17706 0.25648 0.05293  0.05166  0.02794  267 ALA A C   
117  O O   . ALA A 12 ? 0.23805 0.17942 0.29214 0.03611  0.02361  0.00682  267 ALA A O   
118  C CB  . ALA A 12 ? 0.25767 0.17326 0.30971 0.05787  0.05469  0.01646  267 ALA A CB  
124  N N   . VAL A 13 ? 0.21704 0.17571 0.27557 0.05610  0.05214  0.03166  268 VAL A N   
125  C CA  . VAL A 13 ? 0.24646 0.17450 0.26125 0.02813  0.07187  0.01654  268 VAL A CA  
126  C C   . VAL A 13 ? 0.24245 0.18265 0.26243 0.03755  0.01056  -0.00021 268 VAL A C   
127  O O   . VAL A 13 ? 0.22074 0.17958 0.27855 0.02916  0.04302  0.01552  268 VAL A O   
128  C CB  . VAL A 13 ? 0.22965 0.18691 0.28666 0.04227  0.06175  0.00567  268 VAL A CB  
129  C CG1 . VAL A 13 ? 0.25636 0.20692 0.29542 0.03604  0.02388  0.02469  268 VAL A CG1 
130  C CG2 . VAL A 13 ? 0.23810 0.16984 0.31369 0.02733  0.05035  -0.00666 268 VAL A CG2 
140  N N   . LYS A 14 ? 0.26562 0.17057 0.27278 0.02171  0.00731  0.00620  269 LYS A N   
141  C CA  . LYS A 14 ? 0.27167 0.19217 0.28897 0.03038  0.00976  -0.00521 269 LYS A CA  
142  C C   . LYS A 14 ? 0.25129 0.19754 0.29421 0.01542  0.00746  0.00857  269 LYS A C   
143  O O   . LYS A 14 ? 0.26567 0.20649 0.30827 0.02416  0.03209  0.00875  269 LYS A O   
144  C CB  . LYS A 14 ? 0.29318 0.22179 0.26880 0.05663  0.02896  0.00211  269 LYS A CB  
145  C CG  . LYS A 14 ? 0.30566 0.23848 0.29045 0.04335  0.03496  -0.03648 269 LYS A CG  
146  C CD  . LYS A 14 ? 0.29897 0.27412 0.31402 0.00359  0.03304  -0.03969 269 LYS A CD  
147  C CE  . LYS A 14 ? 0.32014 0.31055 0.33897 0.02818  0.03175  -0.06356 269 LYS A CE  
148  N NZ  . LYS A 14 ? 0.39701 0.33707 0.34749 0.00985  0.01861  -0.09169 269 LYS A NZ  
162  N N   . VAL A 15 ? 0.23528 0.24237 0.28245 0.01346  0.01047  0.02482  270 VAL A N   
163  C CA  . VAL A 15 ? 0.23537 0.24367 0.32084 0.03855  0.00398  0.01979  270 VAL A CA  
164  C C   . VAL A 15 ? 0.21733 0.21693 0.33979 0.05142  0.01477  0.02972  270 VAL A C   
165  O O   . VAL A 15 ? 0.22722 0.23686 0.33681 0.01620  0.03595  0.04239  270 VAL A O   
166  C CB  . VAL A 15 ? 0.22378 0.27440 0.33184 0.05339  -0.01274 0.01748  270 VAL A CB  
167  C CG1 . VAL A 15 ? 0.24443 0.32217 0.36904 0.08149  -0.01319 0.03657  270 VAL A CG1 
168  C CG2 . VAL A 15 ? 0.24779 0.34057 0.31654 0.03150  -0.00476 0.03675  270 VAL A CG2 
178  N N   . LEU A 16 ? 0.19520 0.21735 0.30335 0.05941  0.03688  0.01482  271 LEU A N   
179  C CA  . LEU A 16 ? 0.20132 0.24169 0.28473 0.07990  0.02102  0.01778  271 LEU A CA  
180  C C   . LEU A 16 ? 0.24493 0.22054 0.31441 0.08176  0.03052  0.02142  271 LEU A C   
181  O O   . LEU A 16 ? 0.26948 0.25772 0.30694 0.05453  0.06554  0.04707  271 LEU A O   
182  C CB  . LEU A 16 ? 0.24414 0.22549 0.27037 0.07285  0.04907  0.04361  271 LEU A CB  
183  C CG  . LEU A 16 ? 0.24341 0.21843 0.30212 0.09149  0.04635  -0.00040 271 LEU A CG  
184  C CD1 . LEU A 16 ? 0.26275 0.24782 0.34368 0.05572  0.00520  0.00698  271 LEU A CD1 
185  C CD2 . LEU A 16 ? 0.23039 0.28021 0.32627 0.06911  0.03601  -0.00076 271 LEU A CD2 
197  N N   . LEU A 17 ? 0.24881 0.17357 0.30365 0.06221  0.01384  0.01226  272 LEU A N   
198  C CA  . LEU A 17 ? 0.25448 0.16895 0.32768 0.04675  0.03982  0.01914  272 LEU A CA  
199  C C   . LEU A 17 ? 0.27450 0.17973 0.36216 0.02176  0.04844  0.03695  272 LEU A C   
200  O O   . LEU A 17 ? 0.25187 0.23636 0.38109 0.02191  0.05630  0.03615  272 LEU A O   
201  C CB  . LEU A 17 ? 0.25447 0.17383 0.34497 0.02305  0.02659  0.02165  272 LEU A CB  
202  C CG  . LEU A 17 ? 0.23401 0.23399 0.41792 0.01535  0.01273  0.04439  272 LEU A CG  
203  C CD1 . LEU A 17 ? 0.24914 0.23934 0.43402 0.06596  0.02886  0.05321  272 LEU A CD1 
204  C CD2 . LEU A 17 ? 0.27358 0.33140 0.43890 -0.01167 0.00771  0.03466  272 LEU A CD2 
216  N N   . SER A 18 ? 0.25482 0.19883 0.41252 0.00984  0.00425  0.02840  273 SER A N   
217  C CA  A SER A 18 ? 0.27507 0.27723 0.44277 -0.02322 -0.01935 0.07594  273 SER A CA  
218  C CA  B SER A 18 ? 0.27919 0.27436 0.44767 -0.02147 -0.01540 0.05561  273 SER A CA  
219  C C   . SER A 18 ? 0.30388 0.32846 0.46648 -0.00520 -0.00221 0.08841  273 SER A C   
220  O O   . SER A 18 ? 0.36012 0.42221 0.50536 -0.07126 0.01530  0.11273  273 SER A O   
221  C CB  A SER A 18 ? 0.31800 0.24374 0.43249 -0.03385 -0.02753 0.10065  273 SER A CB  
222  C CB  B SER A 18 ? 0.32595 0.25486 0.44971 -0.04250 -0.01659 0.04333  273 SER A CB  
223  O OG  A SER A 18 ? 0.35128 0.28675 0.41864 -0.02980 -0.03408 0.10833  273 SER A OG  
224  O OG  B SER A 18 ? 0.37098 0.29324 0.45150 -0.05748 -0.01419 0.02747  273 SER A OG  
235  N N   . GLU A 19 ? 0.31212 0.33264 0.46255 0.06036  0.05143  0.07653  274 GLU A N   
236  C CA  . GLU A 19 ? 0.34159 0.45992 0.46063 0.05254  0.08797  0.12836  274 GLU A CA  
237  C C   . GLU A 19 ? 0.28935 0.55646 0.44341 0.03835  0.08205  0.16148  274 GLU A C   
238  O O   . GLU A 19 ? 0.33191 0.66156 0.47279 0.03356  0.06526  0.15826  274 GLU A O   
239  C CB  . GLU A 19 ? 0.36712 0.50679 0.48074 0.10532  0.10548  0.12051  274 GLU A CB  
240  C CG  . GLU A 19 ? 0.39584 0.56404 0.54428 0.09865  0.07879  0.12658  274 GLU A CG  
241  C CD  . GLU A 19 ? 0.45086 0.63426 0.61009 0.03381  0.05319  0.11612  274 GLU A CD  
242  O OE1 . GLU A 19 ? 0.44084 0.61322 0.64819 0.08238  0.06550  0.04073  274 GLU A OE1 
243  O OE2 . GLU A 19 ? 0.49876 0.66480 0.65394 -0.02688 0.01565  0.14629  274 GLU A OE2 
250  N N   . LEU A 20 ? 0.26289 0.51494 0.43275 0.02140  0.04722  0.14708  275 LEU A N   
251  C CA  . LEU A 20 ? 0.28066 0.41542 0.39119 0.01057  0.07221  0.07866  275 LEU A CA  
252  C C   . LEU A 20 ? 0.28386 0.43747 0.40651 -0.01236 0.05908  0.08066  275 LEU A C   
253  O O   . LEU A 20 ? 0.34427 0.44731 0.43093 -0.07970 0.05175  0.09343  275 LEU A O   
254  C CB  . LEU A 20 ? 0.25494 0.29117 0.36476 0.02888  0.06221  0.08477  275 LEU A CB  
255  C CG  . LEU A 20 ? 0.31696 0.26693 0.36946 0.03305  0.07666  0.06200  275 LEU A CG  
256  C CD1 . LEU A 20 ? 0.29751 0.34190 0.38622 0.04297  0.08293  0.05377  275 LEU A CD1 
257  C CD2 . LEU A 20 ? 0.35228 0.29031 0.40894 0.02066  0.06530  0.03121  275 LEU A CD2 
269  N N   . SER A 21 ? 0.30669 0.46146 0.40107 -0.04260 0.04257  0.07286  276 SER A N   
270  C CA  . SER A 21 ? 0.37764 0.41441 0.41625 -0.08465 0.04795  0.07606  276 SER A CA  
271  C C   . SER A 21 ? 0.34000 0.40162 0.40959 -0.05253 0.03461  0.08678  276 SER A C   
272  O O   . SER A 21 ? 0.34003 0.40158 0.37835 -0.07976 0.02451  0.12436  276 SER A O   
273  C CB  . SER A 21 ? 0.49595 0.42719 0.42869 -0.09125 0.09135  0.06308  276 SER A CB  
274  O OG  . SER A 21 ? 0.59113 0.45101 0.41098 -0.09382 0.14192  0.07899  276 SER A OG  
280  N N   . VAL A 22 ? 0.37041 0.40434 0.42429 -0.04697 0.05027  0.08424  277 VAL A N   
281  C CA  . VAL A 22 ? 0.39749 0.33758 0.44215 -0.03788 0.05097  0.07573  277 VAL A CA  
282  C C   . VAL A 22 ? 0.35628 0.30786 0.41162 -0.02871 0.05067  0.10114  277 VAL A C   
283  O O   . VAL A 22 ? 0.29515 0.25472 0.42422 -0.02355 0.01658  0.12143  277 VAL A O   
284  C CB  . VAL A 22 ? 0.49717 0.38254 0.49412 -0.11562 0.04085  0.04506  277 VAL A CB  
285  C CG1 . VAL A 22 ? 0.52317 0.41204 0.50952 -0.16838 0.04808  0.03270  277 VAL A CG1 
286  C CG2 . VAL A 22 ? 0.56544 0.40712 0.49826 -0.13217 0.03892  0.05768  277 VAL A CG2 
296  N N   . GLU A 23 ? 0.38089 0.33676 0.39954 -0.02913 0.02418  0.12469  278 GLU A N   
297  C CA  . GLU A 23 ? 0.35616 0.35661 0.39475 -0.01514 0.03711  0.14732  278 GLU A CA  
298  C C   . GLU A 23 ? 0.32786 0.32029 0.34339 -0.03483 0.06809  0.10627  278 GLU A C   
299  O O   . GLU A 23 ? 0.33720 0.28583 0.35463 -0.01221 0.04402  0.06883  278 GLU A O   
300  C CB  . GLU A 23 ? 0.44176 0.46140 0.39659 -0.04655 0.04336  0.18760  278 GLU A CB  
301  C CG  . GLU A 23 ? 0.55546 0.59025 0.45359 -0.09047 0.07011  0.15297  278 GLU A CG  
302  C CD  . GLU A 23 ? 0.65480 0.64084 0.50350 -0.12149 0.06888  0.12450  278 GLU A CD  
303  O OE1 . GLU A 23 ? 0.69939 0.70571 0.53978 -0.15470 0.06106  0.12569  278 GLU A OE1 
304  O OE2 . GLU A 23 ? 0.70933 0.60612 0.51738 -0.13559 0.07661  0.09051  278 GLU A OE2 
311  N N   . GLY A 24 ? 0.30880 0.30159 0.35050 -0.00503 0.03200  0.08335  279 GLY A N   
312  C CA  . GLY A 24 ? 0.29945 0.26702 0.32696 -0.00123 0.04502  0.05486  279 GLY A CA  
313  C C   . GLY A 24 ? 0.26406 0.21328 0.34990 0.01695  0.04505  0.04971  279 GLY A C   
314  O O   . GLY A 24 ? 0.25009 0.20748 0.31419 0.00155  0.02883  0.04394  279 GLY A O   
318  N N   . LEU A 25 ? 0.24577 0.21242 0.34803 0.01445  0.04249  0.04181  280 LEU A N   
319  C CA  . LEU A 25 ? 0.21847 0.24751 0.34568 0.03070  0.04609  0.01717  280 LEU A CA  
320  C C   . LEU A 25 ? 0.23370 0.24125 0.30030 0.02081  0.05858  0.00308  280 LEU A C   
321  O O   . LEU A 25 ? 0.24518 0.21113 0.29082 0.00584  0.01245  0.03650  280 LEU A O   
322  C CB  . LEU A 25 ? 0.24050 0.21414 0.37883 0.02625  0.04013  0.02839  280 LEU A CB  
323  C CG  . LEU A 25 ? 0.25472 0.20568 0.40122 0.02332  0.03483  0.02635  280 LEU A CG  
324  C CD1 . LEU A 25 ? 0.32829 0.22032 0.41370 -0.00040 0.00670  0.05437  280 LEU A CD1 
325  C CD2 . LEU A 25 ? 0.24471 0.24486 0.40620 0.02860  0.02277  0.06575  280 LEU A CD2 
337  N N   . ASP A 26 ? 0.29437 0.24443 0.28995 -0.01131 0.01979  0.04629  281 ASP A N   
338  C CA  . ASP A 26 ? 0.32014 0.22860 0.31744 0.04391  0.01921  0.03642  281 ASP A CA  
339  C C   . ASP A 26 ? 0.26765 0.24788 0.30607 0.04786  0.00349  0.04725  281 ASP A C   
340  O O   . ASP A 26 ? 0.30719 0.21964 0.29800 0.03604  -0.01563 0.03709  281 ASP A O   
341  C CB  . ASP A 26 ? 0.43658 0.20949 0.36893 -0.00001 -0.02332 0.07221  281 ASP A CB  
342  C CG  . ASP A 26 ? 0.53185 0.27260 0.42991 -0.04424 -0.02315 0.08355  281 ASP A CG  
343  O OD1 . ASP A 26 ? 0.49668 0.28882 0.43699 -0.03586 -0.03356 0.05470  281 ASP A OD1 
344  O OD2 . ASP A 26 ? 0.60101 0.32250 0.47444 -0.04044 -0.01779 0.08172  281 ASP A OD2 
349  N N   . GLU A 27 ? 0.27167 0.23264 0.29521 0.03716  0.00916  0.02274  282 GLU A N   
350  C CA  . GLU A 27 ? 0.24730 0.24957 0.29852 0.04072  0.01938  0.00410  282 GLU A CA  
351  C C   . GLU A 27 ? 0.26513 0.24288 0.26487 0.02208  0.03238  0.01268  282 GLU A C   
352  O O   . GLU A 27 ? 0.27849 0.23165 0.25999 0.02364  0.03001  0.00978  282 GLU A O   
353  C CB  . GLU A 27 ? 0.30595 0.30834 0.29714 0.00763  0.03353  0.03422  282 GLU A CB  
354  C CG  . GLU A 27 ? 0.36853 0.31259 0.31818 0.02949  0.04403  0.00207  282 GLU A CG  
355  C CD  . GLU A 27 ? 0.40181 0.35913 0.35904 0.08372  0.06208  -0.01758 282 GLU A CD  
356  O OE1 . GLU A 27 ? 0.47006 0.48961 0.39872 0.02527  0.09090  -0.01405 282 GLU A OE1 
357  O OE2 . GLU A 27 ? 0.42306 0.37474 0.39057 0.04043  0.01532  0.01942  282 GLU A OE2 
364  N N   . VAL A 28 ? 0.23051 0.21650 0.28106 0.03727  0.00547  0.02819  283 VAL A N   
365  C CA  . VAL A 28 ? 0.22505 0.24007 0.29414 0.01331  0.01472  0.02862  283 VAL A CA  
366  C C   . VAL A 28 ? 0.22746 0.21225 0.27044 0.01988  0.02330  0.05686  283 VAL A C   
367  O O   . VAL A 28 ? 0.21614 0.23250 0.28489 0.04182  0.02144  0.04131  283 VAL A O   
368  C CB  . VAL A 28 ? 0.21434 0.19304 0.31264 0.02980  0.01678  0.04670  283 VAL A CB  
369  C CG1 . VAL A 28 ? 0.25577 0.18520 0.33262 0.02045  0.00614  0.06902  283 VAL A CG1 
370  C CG2 . VAL A 28 ? 0.27093 0.17022 0.33010 0.04188  -0.01060 0.03699  283 VAL A CG2 
380  N N   . ARG A 29 ? 0.22928 0.25479 0.25569 0.04910  0.00472  0.02797  284 ARG A N   
381  C CA  . ARG A 29 ? 0.23250 0.29398 0.27787 0.05641  0.01753  0.01495  284 ARG A CA  
382  C C   . ARG A 29 ? 0.24369 0.26931 0.27000 0.05122  0.00320  0.02682  284 ARG A C   
383  O O   . ARG A 29 ? 0.29427 0.26869 0.27025 0.06472  0.02584  0.01397  284 ARG A O   
384  C CB  . ARG A 29 ? 0.33097 0.26564 0.35756 0.01906  -0.00246 -0.03548 284 ARG A CB  
385  C CG  . ARG A 29 ? 0.45923 0.27502 0.42024 0.06294  -0.02010 -0.05350 284 ARG A CG  
386  C CD  . ARG A 29 ? 0.53793 0.23986 0.49321 0.07452  -0.03962 -0.07528 284 ARG A CD  
387  N NE  . ARG A 29 ? 0.55267 0.29024 0.56795 0.06754  -0.07869 -0.00318 284 ARG A NE  
388  C CZ  . ARG A 29 ? 0.60894 0.39810 0.59743 0.01649  -0.11436 0.01848  284 ARG A CZ  
389  N NH1 . ARG A 29 ? 0.59833 0.45292 0.60404 0.06119  -0.13261 0.04369  284 ARG A NH1 
390  N NH2 . ARG A 29 ? 0.66531 0.39174 0.60941 -0.07015 -0.15751 0.01084  284 ARG A NH2 
404  N N   . ARG A 30 ? 0.25995 0.23012 0.24964 0.04243  0.00011  0.03493  285 ARG A N   
405  C CA  . ARG A 30 ? 0.23346 0.28831 0.26051 0.05146  -0.02401 0.04437  285 ARG A CA  
406  C C   . ARG A 30 ? 0.27290 0.30873 0.24730 -0.00197 0.00187  0.03293  285 ARG A C   
407  O O   . ARG A 30 ? 0.25044 0.33181 0.27654 0.01980  0.00474  0.02792  285 ARG A O   
408  C CB  . ARG A 30 ? 0.28073 0.26482 0.28755 0.01783  -0.01906 0.03853  285 ARG A CB  
409  C CG  . ARG A 30 ? 0.28490 0.20049 0.30614 0.01764  -0.03430 0.02152  285 ARG A CG  
410  C CD  . ARG A 30 ? 0.26501 0.23667 0.29145 0.05786  -0.01219 0.06278  285 ARG A CD  
411  N NE  . ARG A 30 ? 0.28691 0.29714 0.33317 0.09536  -0.01705 0.08945  285 ARG A NE  
412  C CZ  . ARG A 30 ? 0.27368 0.36442 0.31899 0.08756  -0.00709 0.06673  285 ARG A CZ  
413  N NH1 . ARG A 30 ? 0.31572 0.38451 0.30696 0.00680  -0.01538 0.08624  285 ARG A NH1 
414  N NH2 . ARG A 30 ? 0.30235 0.37692 0.30730 0.06568  0.00175  0.09382  285 ARG A NH2 
428  N N   . PHE A 31 ? 0.27842 0.24997 0.24789 0.00729  -0.00076 0.00914  286 PHE A N   
429  C CA  . PHE A 31 ? 0.24324 0.25700 0.29064 0.01552  -0.00797 -0.00117 286 PHE A CA  
430  C C   . PHE A 31 ? 0.21314 0.27108 0.29982 0.02523  0.01959  -0.00436 286 PHE A C   
431  O O   . PHE A 31 ? 0.26869 0.30642 0.30948 -0.01767 0.02861  -0.00553 286 PHE A O   
432  C CB  . PHE A 31 ? 0.27150 0.29257 0.27368 0.02141  -0.00210 -0.00930 286 PHE A CB  
433  C CG  . PHE A 31 ? 0.27314 0.31447 0.29545 0.03896  -0.03004 0.00238  286 PHE A CG  
434  C CD1 . PHE A 31 ? 0.34527 0.30162 0.33696 0.01080  -0.05932 0.00164  286 PHE A CD1 
435  C CD2 . PHE A 31 ? 0.24885 0.33826 0.36059 0.05201  -0.02861 -0.02274 286 PHE A CD2 
436  C CE1 . PHE A 31 ? 0.34401 0.32669 0.40537 0.02669  -0.05163 0.01653  286 PHE A CE1 
437  C CE2 . PHE A 31 ? 0.28814 0.36110 0.41294 0.04186  -0.00570 0.02336  286 PHE A CE2 
438  C CZ  . PHE A 31 ? 0.29518 0.31599 0.44996 0.08381  -0.03449 0.02883  286 PHE A CZ  
448  N N   . ILE A 32 ? 0.21443 0.19437 0.29856 0.02915  0.02593  0.02118  287 ILE A N   
449  C CA  . ILE A 32 ? 0.26304 0.15682 0.31437 0.05265  0.05650  0.01467  287 ILE A CA  
450  C C   . ILE A 32 ? 0.23538 0.21050 0.36180 0.02826  0.05404  0.01877  287 ILE A C   
451  O O   . ILE A 32 ? 0.24898 0.26667 0.35851 0.01181  0.04068  0.04755  287 ILE A O   
452  C CB  . ILE A 32 ? 0.27973 0.18203 0.30401 0.05658  0.03057  0.02382  287 ILE A CB  
453  C CG1 . ILE A 32 ? 0.30401 0.23295 0.29419 0.05771  0.01745  -0.01730 287 ILE A CG1 
454  C CG2 . ILE A 32 ? 0.33408 0.22468 0.32260 0.06422  0.05308  0.04466  287 ILE A CG2 
455  C CD1 . ILE A 32 ? 0.35065 0.28532 0.27783 0.00450  -0.01427 0.00690  287 ILE A CD1 
467  N N   . ASP A 33 ? 0.23461 0.27843 0.39926 0.07046  0.08271  0.08351  288 ASP A N   
468  C CA  . ASP A 33 ? 0.26604 0.36751 0.45025 0.08719  0.06991  0.11311  288 ASP A CA  
469  C C   . ASP A 33 ? 0.25173 0.48058 0.43761 0.08835  0.03784  0.14259  288 ASP A C   
470  O O   . ASP A 33 ? 0.26297 0.56641 0.47935 0.05987  0.05408  0.14732  288 ASP A O   
471  C CB  . ASP A 33 ? 0.34089 0.41746 0.45938 0.04434  0.07019  0.08388  288 ASP A CB  
472  C CG  . ASP A 33 ? 0.39292 0.49627 0.45422 0.10672  0.07893  0.01360  288 ASP A CG  
473  O OD1 . ASP A 33 ? 0.43677 0.45803 0.42403 0.21848  0.13606  0.05662  288 ASP A OD1 
474  O OD2 . ASP A 33 ? 0.40868 0.59887 0.44132 0.09863  0.07700  -0.09299 288 ASP A OD2 
479  N N   . ALA A 34 ? 0.29065 0.59704 0.37907 -0.04415 0.01188  0.14088  289 ALA A N   
480  C CA  . ALA A 34 ? 0.28596 0.60928 0.38649 -0.04925 -0.00824 0.08988  289 ALA A CA  
481  C C   . ALA A 34 ? 0.29663 0.62002 0.38307 -0.08963 0.00547  0.08015  289 ALA A C   
482  O O   . ALA A 34 ? 0.31271 0.68537 0.39376 -0.11962 -0.00914 0.10826  289 ALA A O   
483  C CB  . ALA A 34 ? 0.33605 0.63777 0.37569 -0.09259 0.02651  0.03468  289 ALA A CB  
489  N N   . LEU A 35 ? 0.31917 0.55370 0.36511 -0.11696 0.01820  0.07131  290 LEU A N   
490  C CA  . LEU A 35 ? 0.32895 0.47223 0.40236 -0.16183 0.06659  0.07698  290 LEU A CA  
491  C C   . LEU A 35 ? 0.34625 0.51301 0.39480 -0.13282 0.12781  0.07582  290 LEU A C   
492  O O   . LEU A 35 ? 0.45502 0.56977 0.46590 -0.15782 0.09721  0.05621  290 LEU A O   
493  C CB  . LEU A 35 ? 0.39119 0.41020 0.41969 -0.14963 0.05218  0.05899  290 LEU A CB  
494  C CG  . LEU A 35 ? 0.33401 0.35463 0.44277 -0.07783 0.00262  0.07346  290 LEU A CG  
495  C CD1 . LEU A 35 ? 0.37801 0.39466 0.41502 -0.05629 0.02477  0.10233  290 LEU A CD1 
496  C CD2 . LEU A 35 ? 0.33192 0.37519 0.50240 -0.07706 0.00095  0.03665  290 LEU A CD2 
508  N N   . PRO B 4  ? 1.00351 0.96090 1.02365 0.00373  0.00192  -0.04440 259 PRO B N   
509  C CA  . PRO B 4  ? 0.89193 0.83692 0.94192 -0.00086 0.00165  -0.01693 259 PRO B CA  
510  C C   . PRO B 4  ? 0.74483 0.63401 0.80614 -0.03360 -0.00501 0.02712  259 PRO B C   
511  O O   . PRO B 4  ? 0.78835 0.60560 0.79659 -0.10463 -0.00833 0.01286  259 PRO B O   
512  C CB  . PRO B 4  ? 0.90291 0.87115 0.97115 0.01142  0.01250  -0.03912 259 PRO B CB  
513  C CG  . PRO B 4  ? 0.92998 0.88941 1.00073 0.02370  0.01477  -0.05991 259 PRO B CG  
514  C CD  . PRO B 4  ? 0.97246 0.92331 1.02980 0.04200  0.01163  -0.06623 259 PRO B CD  
522  N N   . THR B 5  ? 0.54578 0.47658 0.68091 0.02068  -0.00256 0.09263  260 THR B N   
523  C CA  . THR B 5  ? 0.41543 0.45797 0.60378 -0.01202 0.02010  0.08962  260 THR B CA  
524  C C   . THR B 5  ? 0.36365 0.40422 0.57558 -0.04259 0.08099  0.02752  260 THR B C   
525  O O   . THR B 5  ? 0.36072 0.30525 0.57835 -0.02926 0.10322  -0.01217 260 THR B O   
526  C CB  . THR B 5  ? 0.41160 0.51449 0.60413 -0.05849 -0.02466 0.10959  260 THR B CB  
527  O OG1 . THR B 5  ? 0.38115 0.49919 0.62564 -0.05135 -0.07390 0.09700  260 THR B OG1 
528  C CG2 . THR B 5  ? 0.42450 0.55684 0.59794 -0.08018 -0.04138 0.15275  260 THR B CG2 
536  N N   . GLU B 6  ? 0.32035 0.41243 0.56591 -0.06986 0.06175  0.02740  261 GLU B N   
537  C CA  . GLU B 6  ? 0.29618 0.35360 0.56063 -0.06533 0.05056  0.02733  261 GLU B CA  
538  C C   . GLU B 6  ? 0.29493 0.31158 0.54080 -0.04618 0.04557  0.01386  261 GLU B C   
539  O O   . GLU B 6  ? 0.28400 0.26996 0.49032 -0.05244 0.06145  0.03904  261 GLU B O   
540  C CB  . GLU B 6  ? 0.41778 0.42334 0.57255 -0.13014 0.06342  0.06178  261 GLU B CB  
541  C CG  . GLU B 6  ? 0.45981 0.53488 0.60734 -0.15049 0.06668  0.05106  261 GLU B CG  
542  C CD  . GLU B 6  ? 0.47620 0.63277 0.63076 -0.19385 0.08860  0.04302  261 GLU B CD  
543  O OE1 . GLU B 6  ? 0.52996 0.64461 0.63967 -0.19487 0.08566  0.05272  261 GLU B OE1 
544  O OE2 . GLU B 6  ? 0.45766 0.72650 0.64635 -0.23632 0.09685  0.02881  261 GLU B OE2 
551  N N   . THR B 7  ? 0.32075 0.32554 0.57263 -0.02667 0.03535  -0.00040 262 THR B N   
552  C CA  . THR B 7  ? 0.34688 0.31142 0.60874 -0.03619 -0.01529 -0.01212 262 THR B CA  
553  C C   . THR B 7  ? 0.22547 0.27153 0.55563 0.06227  -0.01189 -0.00881 262 THR B C   
554  O O   . THR B 7  ? 0.22936 0.30595 0.53570 0.01809  -0.00622 -0.00161 262 THR B O   
555  C CB  . THR B 7  ? 0.49972 0.38060 0.68540 -0.18209 -0.04918 -0.01461 262 THR B CB  
556  O OG1 . THR B 7  ? 0.56652 0.42798 0.73274 -0.19480 -0.04370 -0.01409 262 THR B OG1 
557  C CG2 . THR B 7  ? 0.53605 0.43929 0.69308 -0.19909 -0.06034 0.00619  262 THR B CG2 
565  N N   . GLY B 8  ? 0.26804 0.24130 0.49244 0.07930  -0.01138 0.02099  263 GLY B N   
566  C CA  . GLY B 8  ? 0.28247 0.24631 0.44332 0.05602  0.02379  0.02809  263 GLY B CA  
567  C C   . GLY B 8  ? 0.26254 0.22556 0.41179 0.08009  -0.00643 0.04118  263 GLY B C   
568  O O   . GLY B 8  ? 0.27945 0.22538 0.40134 0.06857  0.00043  0.00566  263 GLY B O   
572  N N   . VAL B 9  ? 0.26587 0.19084 0.38422 0.03306  0.02426  0.02801  264 VAL B N   
573  C CA  . VAL B 9  ? 0.26240 0.20381 0.34119 0.02871  0.06200  0.00845  264 VAL B CA  
574  C C   . VAL B 9  ? 0.24795 0.21177 0.33633 0.04321  0.04889  0.00346  264 VAL B C   
575  O O   . VAL B 9  ? 0.22223 0.24030 0.31989 0.00363  0.04791  0.01981  264 VAL B O   
576  C CB  . VAL B 9  ? 0.27870 0.21674 0.34571 0.00787  0.08092  0.00908  264 VAL B CB  
577  C CG1 . VAL B 9  ? 0.29955 0.30505 0.35950 -0.07409 0.04349  0.05760  264 VAL B CG1 
578  C CG2 . VAL B 9  ? 0.34082 0.24939 0.34727 0.02158  0.07379  0.01866  264 VAL B CG2 
588  N N   . VAL B 10 ? 0.23604 0.18658 0.36863 0.03981  0.02756  0.00144  265 VAL B N   
589  C CA  . VAL B 10 ? 0.21231 0.21142 0.37862 -0.00850 0.00560  0.01906  265 VAL B CA  
590  C C   . VAL B 10 ? 0.23045 0.23465 0.37728 0.02746  0.00764  0.01108  265 VAL B C   
591  O O   . VAL B 10 ? 0.26500 0.20838 0.35188 0.03145  0.04244  -0.02055 265 VAL B O   
592  C CB  . VAL B 10 ? 0.23163 0.23730 0.38323 0.00961  0.02415  0.01021  265 VAL B CB  
593  C CG1 . VAL B 10 ? 0.26438 0.23244 0.40020 0.01684  -0.00981 -0.03274 265 VAL B CG1 
594  C CG2 . VAL B 10 ? 0.28091 0.29055 0.39412 0.00351  0.03494  0.05109  265 VAL B CG2 
604  N N   . GLN B 11 ? 0.23619 0.21688 0.36576 0.02130  0.02366  -0.00556 266 GLN B N   
605  C CA  . GLN B 11 ? 0.26120 0.24288 0.37938 0.08931  0.03045  -0.05123 266 GLN B CA  
606  C C   . GLN B 11 ? 0.28875 0.22518 0.35300 0.04358  0.03403  -0.03409 266 GLN B C   
607  O O   . GLN B 11 ? 0.25773 0.21492 0.34016 0.08031  0.02247  -0.01301 266 GLN B O   
608  C CB  . GLN B 11 ? 0.34068 0.28622 0.42257 0.05781  0.02583  -0.03788 266 GLN B CB  
609  C CG  . GLN B 11 ? 0.51149 0.38250 0.50279 -0.02952 0.01968  -0.02280 266 GLN B CG  
610  C CD  . GLN B 11 ? 0.65293 0.55095 0.56093 -0.12046 0.02298  0.00750  266 GLN B CD  
611  O OE1 . GLN B 11 ? 0.71354 0.64473 0.57569 -0.12852 0.03476  0.02301  266 GLN B OE1 
612  N NE2 . GLN B 11 ? 0.67667 0.56235 0.59776 -0.16642 -0.00142 0.00260  266 GLN B NE2 
621  N N   . ALA B 12 ? 0.25708 0.18162 0.31363 0.03041  0.02499  0.00603  267 ALA B N   
622  C CA  . ALA B 12 ? 0.24488 0.15131 0.32708 0.06033  0.03861  0.00873  267 ALA B CA  
623  C C   . ALA B 12 ? 0.20441 0.14593 0.32638 0.05594  0.02012  0.00113  267 ALA B C   
624  O O   . ALA B 12 ? 0.21236 0.18688 0.30882 0.03177  0.04595  0.02881  267 ALA B O   
625  C CB  . ALA B 12 ? 0.23783 0.15907 0.35912 0.04470  0.06911  0.00918  267 ALA B CB  
631  N N   . VAL B 13 ? 0.19297 0.17489 0.33527 0.02998  0.02791  0.02257  268 VAL B N   
632  C CA  . VAL B 13 ? 0.20603 0.19733 0.30235 0.03579  0.01092  -0.00893 268 VAL B CA  
633  C C   . VAL B 13 ? 0.22305 0.18198 0.30450 0.06404  0.01489  -0.00340 268 VAL B C   
634  O O   . VAL B 13 ? 0.18954 0.22155 0.30028 0.03197  0.02900  -0.01091 268 VAL B O   
635  C CB  . VAL B 13 ? 0.27055 0.21289 0.28980 0.03800  -0.01329 0.01979  268 VAL B CB  
636  C CG1 . VAL B 13 ? 0.28118 0.25548 0.32743 0.07397  -0.02667 0.02373  268 VAL B CG1 
637  C CG2 . VAL B 13 ? 0.27969 0.24248 0.27259 0.03894  -0.00801 -0.02191 268 VAL B CG2 
647  N N   . LYS B 14 ? 0.26149 0.20177 0.29372 0.04111  0.01854  -0.02417 269 LYS B N   
648  C CA  . LYS B 14 ? 0.28087 0.20375 0.29678 0.00882  0.00361  -0.03585 269 LYS B CA  
649  C C   . LYS B 14 ? 0.27588 0.23695 0.29003 0.03863  0.00948  -0.00460 269 LYS B C   
650  O O   . LYS B 14 ? 0.25671 0.24126 0.32821 0.04496  0.03996  -0.00833 269 LYS B O   
651  C CB  . LYS B 14 ? 0.29592 0.23048 0.33542 0.02167  0.01380  -0.05257 269 LYS B CB  
652  C CG  . LYS B 14 ? 0.26483 0.20899 0.38985 0.02781  0.03033  -0.04028 269 LYS B CG  
653  C CD  . LYS B 14 ? 0.33277 0.22439 0.40860 -0.03311 0.00923  -0.02490 269 LYS B CD  
654  C CE  . LYS B 14 ? 0.35212 0.23947 0.43795 -0.01690 0.01770  -0.04512 269 LYS B CE  
655  N NZ  . LYS B 14 ? 0.42118 0.34841 0.46107 -0.11317 -0.02347 -0.04489 269 LYS B NZ  
669  N N   . VAL B 15 ? 0.26891 0.22625 0.29845 0.00291  -0.00129 0.02393  270 VAL B N   
670  C CA  . VAL B 15 ? 0.27335 0.22628 0.28947 0.03966  0.01642  -0.00312 270 VAL B CA  
671  C C   . VAL B 15 ? 0.25951 0.21251 0.31463 0.08515  0.02770  0.04681  270 VAL B C   
672  O O   . VAL B 15 ? 0.29884 0.28575 0.32493 0.05939  0.05675  0.04593  270 VAL B O   
673  C CB  . VAL B 15 ? 0.28791 0.25762 0.31956 0.03767  -0.01573 -0.01672 270 VAL B CB  
674  C CG1 . VAL B 15 ? 0.28965 0.26857 0.32987 0.02494  -0.02882 0.05037  270 VAL B CG1 
675  C CG2 . VAL B 15 ? 0.28215 0.28820 0.37249 0.05835  -0.02493 0.01022  270 VAL B CG2 
685  N N   . LEU B 16 ? 0.26761 0.18386 0.33590 0.04783  0.02121  0.00568  271 LEU B N   
686  C CA  . LEU B 16 ? 0.27475 0.16866 0.35842 0.02241  0.01139  0.02038  271 LEU B CA  
687  C C   . LEU B 16 ? 0.24767 0.17015 0.42130 0.05978  0.01684  0.01210  271 LEU B C   
688  O O   . LEU B 16 ? 0.26190 0.25217 0.49466 0.00132  0.02651  0.04838  271 LEU B O   
689  C CB  . LEU B 16 ? 0.27872 0.14906 0.35974 0.05560  -0.00836 0.02132  271 LEU B CB  
690  C CG  . LEU B 16 ? 0.26370 0.15641 0.39928 0.09162  -0.02058 -0.03096 271 LEU B CG  
691  C CD1 . LEU B 16 ? 0.30938 0.20745 0.38427 0.08202  -0.01125 -0.02695 271 LEU B CD1 
692  C CD2 . LEU B 16 ? 0.27511 0.16840 0.43807 0.04680  -0.01396 0.01583  271 LEU B CD2 
704  N N   . LEU B 17 ? 0.27352 0.17181 0.38209 0.05257  0.00446  0.03009  272 LEU B N   
705  C CA  . LEU B 17 ? 0.25841 0.18838 0.35305 0.07764  -0.00144 0.01518  272 LEU B CA  
706  C C   . LEU B 17 ? 0.26617 0.27999 0.32791 0.02453  0.03438  0.04011  272 LEU B C   
707  O O   . LEU B 17 ? 0.22352 0.25845 0.38187 0.01319  0.04911  0.03184  272 LEU B O   
708  C CB  . LEU B 17 ? 0.25603 0.20432 0.33757 0.11135  0.04156  -0.01939 272 LEU B CB  
709  C CG  . LEU B 17 ? 0.26977 0.27383 0.29607 0.08142  0.01562  0.00522  272 LEU B CG  
710  C CD1 . LEU B 17 ? 0.32859 0.25810 0.33570 0.06069  0.03183  0.02527  272 LEU B CD1 
711  C CD2 . LEU B 17 ? 0.28480 0.38603 0.32668 0.06390  0.02351  -0.01056 272 LEU B CD2 
723  N N   . SER B 18 ? 0.27898 0.32961 0.30720 0.06419  0.04134  0.03417  273 SER B N   
724  C CA  . SER B 18 ? 0.35265 0.39827 0.32376 0.03934  0.03862  0.01166  273 SER B CA  
725  C C   . SER B 18 ? 0.37457 0.37439 0.35839 -0.01601 0.07391  0.00459  273 SER B C   
726  O O   . SER B 18 ? 0.39829 0.43302 0.34542 -0.05674 0.08497  0.01695  273 SER B O   
727  C CB  . SER B 18 ? 0.37399 0.43827 0.31935 0.11130  0.04564  -0.02030 273 SER B CB  
728  O OG  . SER B 18 ? 0.34524 0.57282 0.35286 0.11679  0.03823  0.00450  273 SER B OG  
734  N N   . GLU B 19 ? 0.36731 0.27221 0.42231 -0.01482 0.06498  0.03854  274 GLU B N   
735  C CA  . GLU B 19 ? 0.36900 0.30298 0.50620 0.04294  0.05326  0.04190  274 GLU B CA  
736  C C   . GLU B 19 ? 0.36019 0.33853 0.56653 0.03167  0.06988  0.05712  274 GLU B C   
737  O O   . GLU B 19 ? 0.41072 0.39050 0.58374 0.02249  0.13299  0.03376  274 GLU B O   
738  C CB  . GLU B 19 ? 0.39883 0.33946 0.53563 0.07863  0.02765  0.00272  274 GLU B CB  
739  C CG  . GLU B 19 ? 0.49200 0.35838 0.53133 0.04791  0.00712  -0.01437 274 GLU B CG  
740  C CD  . GLU B 19 ? 0.56029 0.39793 0.51136 0.08871  -0.01041 -0.00323 274 GLU B CD  
741  O OE1 . GLU B 19 ? 0.57031 0.35307 0.51290 0.09931  -0.00902 -0.01995 274 GLU B OE1 
742  O OE2 . GLU B 19 ? 0.59322 0.45449 0.49117 0.12893  -0.00473 -0.01689 274 GLU B OE2 
749  N N   . LEU B 20 ? 0.28669 0.30290 0.58698 0.02372  0.03898  0.07904  275 LEU B N   
750  C CA  . LEU B 20 ? 0.29369 0.29716 0.58352 -0.03069 0.04843  0.04653  275 LEU B CA  
751  C C   . LEU B 20 ? 0.32208 0.28356 0.56719 -0.03393 0.05728  0.03150  275 LEU B C   
752  O O   . LEU B 20 ? 0.33872 0.32360 0.55332 -0.01389 0.05396  0.05020  275 LEU B O   
753  C CB  . LEU B 20 ? 0.26531 0.31636 0.58082 0.00119  0.08579  -0.02368 275 LEU B CB  
754  C CG  . LEU B 20 ? 0.33459 0.30602 0.60561 -0.01131 0.09307  -0.04830 275 LEU B CG  
755  C CD1 . LEU B 20 ? 0.30287 0.36726 0.59222 0.00596  0.07521  -0.05329 275 LEU B CD1 
756  C CD2 . LEU B 20 ? 0.47272 0.32093 0.64448 -0.11099 0.11415  -0.05778 275 LEU B CD2 
768  N N   . SER B 21 ? 0.33135 0.33189 0.57138 -0.04085 0.08927  0.00404  276 SER B N   
769  C CA  . SER B 21 ? 0.28365 0.38927 0.57729 0.00368  0.06354  -0.03238 276 SER B CA  
770  C C   . SER B 21 ? 0.23918 0.39780 0.51355 0.02872  0.07802  -0.06852 276 SER B C   
771  O O   . SER B 21 ? 0.23863 0.40383 0.48958 -0.02417 0.09599  -0.06687 276 SER B O   
772  C CB  . SER B 21 ? 0.32969 0.41661 0.62824 -0.00061 0.05171  -0.06165 276 SER B CB  
773  O OG  . SER B 21 ? 0.35124 0.45479 0.67129 -0.04836 0.00358  -0.03658 276 SER B OG  
779  N N   . VAL B 22 ? 0.24715 0.47579 0.48628 0.06126  0.05052  -0.05645 277 VAL B N   
780  C CA  A VAL B 22 ? 0.29306 0.49384 0.44344 0.06263  0.05351  -0.05828 277 VAL B CA  
781  C CA  B VAL B 22 ? 0.25639 0.48077 0.47898 0.08242  0.03401  -0.06384 277 VAL B CA  
782  C C   . VAL B 22 ? 0.28255 0.46058 0.45885 0.05619  0.04829  -0.08952 277 VAL B C   
783  O O   . VAL B 22 ? 0.23676 0.46427 0.47731 0.04655  0.03407  -0.09364 277 VAL B O   
784  C CB  A VAL B 22 ? 0.38251 0.55428 0.40563 0.03070  0.06328  -0.02299 277 VAL B CB  
785  C CB  B VAL B 22 ? 0.26642 0.51340 0.50493 0.09484  0.00831  -0.03909 277 VAL B CB  
786  C CG1 A VAL B 22 ? 0.41250 0.54724 0.35301 0.02119  0.09596  -0.01645 277 VAL B CG1 
787  C CG1 B VAL B 22 ? 0.29840 0.55303 0.52077 0.08885  -0.00668 -0.04088 277 VAL B CG1 
788  C CG2 A VAL B 22 ? 0.43442 0.59186 0.42794 0.01584  0.03876  -0.01096 277 VAL B CG2 
789  C CG2 B VAL B 22 ? 0.23050 0.45809 0.51397 0.16151  -0.00519 -0.02134 277 VAL B CG2 
808  N N   . GLU B 23 ? 0.28053 0.48671 0.50562 0.03387  0.04915  -0.08171 278 GLU B N   
809  C CA  . GLU B 23 ? 0.30532 0.52784 0.53363 0.00748  0.06859  -0.11006 278 GLU B CA  
810  C C   . GLU B 23 ? 0.26231 0.47509 0.48059 -0.01233 0.07476  -0.11958 278 GLU B C   
811  O O   . GLU B 23 ? 0.24251 0.46909 0.48530 -0.01802 0.06077  -0.11912 278 GLU B O   
812  C CB  . GLU B 23 ? 0.34894 0.64225 0.61450 0.00403  0.06062  -0.13005 278 GLU B CB  
813  C CG  . GLU B 23 ? 0.52055 0.74822 0.68952 -0.08716 0.06132  -0.12981 278 GLU B CG  
814  C CD  . GLU B 23 ? 0.68521 0.82650 0.74384 -0.15035 0.07071  -0.13337 278 GLU B CD  
815  O OE1 . GLU B 23 ? 0.72761 0.88192 0.75858 -0.15695 0.08188  -0.14502 278 GLU B OE1 
816  O OE2 . GLU B 23 ? 0.76110 0.82015 0.76352 -0.18066 0.07511  -0.12456 278 GLU B OE2 
823  N N   . GLY B 24 ? 0.20837 0.45226 0.47321 -0.03361 0.02183  -0.08084 279 GLY B N   
824  C CA  . GLY B 24 ? 0.21404 0.33602 0.45298 -0.00679 0.03066  -0.06311 279 GLY B CA  
825  C C   . GLY B 24 ? 0.24375 0.26210 0.41444 0.02379  0.02424  -0.04728 279 GLY B C   
826  O O   . GLY B 24 ? 0.24608 0.28131 0.40237 0.04669  0.03627  -0.01376 279 GLY B O   
830  N N   . LEU B 25 ? 0.26210 0.29358 0.39592 0.02759  0.01296  -0.07776 280 LEU B N   
831  C CA  . LEU B 25 ? 0.26658 0.31134 0.38731 0.02923  -0.00590 -0.04427 280 LEU B CA  
832  C C   . LEU B 25 ? 0.21387 0.33470 0.37519 0.05647  0.02558  -0.09006 280 LEU B C   
833  O O   . LEU B 25 ? 0.27577 0.32248 0.35614 0.05861  0.00667  -0.04986 280 LEU B O   
834  C CB  . LEU B 25 ? 0.27611 0.30657 0.40525 0.01758  -0.00925 -0.03281 280 LEU B CB  
835  C CG  . LEU B 25 ? 0.27888 0.29219 0.40406 -0.00374 -0.00241 -0.03381 280 LEU B CG  
836  C CD1 . LEU B 25 ? 0.29094 0.33121 0.38853 -0.02566 0.01510  -0.05815 280 LEU B CD1 
837  C CD2 . LEU B 25 ? 0.26219 0.34166 0.43777 -0.00969 -0.01322 0.01325  280 LEU B CD2 
849  N N   . ASP B 26 ? 0.20157 0.38849 0.44536 0.04955  0.00275  -0.12207 281 ASP B N   
850  C CA  . ASP B 26 ? 0.23270 0.46152 0.45130 0.06369  -0.03116 -0.06726 281 ASP B CA  
851  C C   . ASP B 26 ? 0.26497 0.38555 0.43519 0.06211  -0.03838 -0.05650 281 ASP B C   
852  O O   . ASP B 26 ? 0.29194 0.33455 0.44237 0.09304  -0.05230 -0.07907 281 ASP B O   
853  C CB  . ASP B 26 ? 0.26302 0.52192 0.47265 0.12877  -0.02030 -0.10125 281 ASP B CB  
854  C CG  . ASP B 26 ? 0.33315 0.59794 0.51369 0.10287  -0.02044 -0.10922 281 ASP B CG  
855  O OD1 . ASP B 26 ? 0.36002 0.58240 0.53458 0.12247  -0.02369 -0.16179 281 ASP B OD1 
856  O OD2 . ASP B 26 ? 0.39784 0.68461 0.52933 -0.00663 -0.01830 -0.03880 281 ASP B OD2 
861  N N   . GLU B 27 ? 0.24057 0.37449 0.39109 0.07092  -0.00658 -0.09172 282 GLU B N   
862  C CA  . GLU B 27 ? 0.22474 0.32898 0.43973 0.09064  -0.05066 -0.09826 282 GLU B CA  
863  C C   . GLU B 27 ? 0.25382 0.31142 0.42290 0.04234  -0.05182 -0.08254 282 GLU B C   
864  O O   . GLU B 27 ? 0.28539 0.32723 0.39662 0.07673  -0.06173 -0.06719 282 GLU B O   
865  C CB  . GLU B 27 ? 0.28080 0.33392 0.51221 0.06601  -0.00448 -0.06678 282 GLU B CB  
866  C CG  . GLU B 27 ? 0.34006 0.43660 0.58869 -0.01391 0.04803  -0.05762 282 GLU B CG  
867  C CD  . GLU B 27 ? 0.46091 0.64163 0.63985 -0.15550 0.08845  -0.02995 282 GLU B CD  
868  O OE1 . GLU B 27 ? 0.48359 0.67514 0.64534 -0.14594 0.13212  -0.01807 282 GLU B OE1 
869  O OE2 . GLU B 27 ? 0.48475 0.75034 0.66187 -0.18186 0.09290  -0.03763 282 GLU B OE2 
876  N N   . VAL B 28 ? 0.22830 0.27737 0.39297 0.05353  -0.04824 -0.06448 283 VAL B N   
877  C CA  . VAL B 28 ? 0.21865 0.22490 0.35708 0.06539  -0.03644 -0.03227 283 VAL B CA  
878  C C   . VAL B 28 ? 0.20255 0.23445 0.34260 0.10217  -0.01537 -0.02829 283 VAL B C   
879  O O   . VAL B 28 ? 0.21280 0.32901 0.33538 0.00935  0.00517  0.01000  283 VAL B O   
880  C CB  . VAL B 28 ? 0.21903 0.23583 0.32559 0.06715  -0.00832 -0.00416 283 VAL B CB  
881  C CG1 . VAL B 28 ? 0.21258 0.32060 0.29731 0.05884  -0.00368 -0.01651 283 VAL B CG1 
882  C CG2 . VAL B 28 ? 0.23685 0.24460 0.35242 0.05291  0.00209  0.01007  283 VAL B CG2 
892  N N   . ARG B 29 ? 0.23935 0.23638 0.40516 0.03560  -0.02584 -0.04606 284 ARG B N   
893  C CA  . ARG B 29 ? 0.28677 0.23363 0.41324 0.03676  0.00856  -0.04776 284 ARG B CA  
894  C C   . ARG B 29 ? 0.30528 0.24350 0.41507 0.04286  -0.01095 0.01663  284 ARG B C   
895  O O   . ARG B 29 ? 0.30638 0.22122 0.38936 0.06737  0.00656  0.00106  284 ARG B O   
896  C CB  . ARG B 29 ? 0.34473 0.30084 0.43597 0.03886  0.01502  -0.03976 284 ARG B CB  
897  C CG  . ARG B 29 ? 0.44413 0.26362 0.47020 0.04765  0.02316  -0.05982 284 ARG B CG  
898  C CD  . ARG B 29 ? 0.57172 0.36958 0.48814 0.05283  0.06144  -0.03863 284 ARG B CD  
899  N NE  . ARG B 29 ? 0.62103 0.41134 0.51156 0.09711  0.07110  0.03667  284 ARG B NE  
900  C CZ  . ARG B 29 ? 0.68289 0.39990 0.53351 0.09698  0.08649  0.05652  284 ARG B CZ  
901  N NH1 . ARG B 29 ? 0.69089 0.31267 0.55609 0.05155  0.08340  0.03026  284 ARG B NH1 
902  N NH2 . ARG B 29 ? 0.70748 0.51066 0.53715 0.11880  0.07980  0.09855  284 ARG B NH2 
916  N N   . ARG B 30 ? 0.24218 0.27063 0.44305 0.07304  -0.02659 -0.03827 285 ARG B N   
917  C CA  . ARG B 30 ? 0.27313 0.28796 0.42155 0.08773  -0.03791 -0.02341 285 ARG B CA  
918  C C   . ARG B 30 ? 0.29045 0.34227 0.39436 0.06351  -0.06555 0.03199  285 ARG B C   
919  O O   . ARG B 30 ? 0.32806 0.36174 0.41519 0.08676  -0.06404 0.04793  285 ARG B O   
920  C CB  . ARG B 30 ? 0.27416 0.36341 0.44068 0.05476  -0.05427 -0.01167 285 ARG B CB  
921  C CG  . ARG B 30 ? 0.22044 0.43756 0.48812 0.09009  -0.05909 0.00152  285 ARG B CG  
922  C CD  . ARG B 30 ? 0.23237 0.48200 0.53250 0.06869  -0.05060 -0.00735 285 ARG B CD  
923  N NE  . ARG B 30 ? 0.27855 0.53189 0.58048 0.03617  -0.05483 0.01282  285 ARG B NE  
924  C CZ  . ARG B 30 ? 0.30156 0.51804 0.63805 0.08476  -0.04798 -0.00926 285 ARG B CZ  
925  N NH1 . ARG B 30 ? 0.33016 0.57238 0.66397 0.07202  -0.05691 -0.03908 285 ARG B NH1 
926  N NH2 . ARG B 30 ? 0.33652 0.48440 0.66231 0.04939  -0.04146 0.01343  285 ARG B NH2 
940  N N   . PHE B 31 ? 0.29496 0.27258 0.35434 0.04577  -0.07761 0.01634  286 PHE B N   
941  C CA  . PHE B 31 ? 0.29646 0.28179 0.34453 0.03730  -0.05190 0.02008  286 PHE B CA  
942  C C   . PHE B 31 ? 0.27475 0.22265 0.33950 0.08992  -0.06437 0.00695  286 PHE B C   
943  O O   . PHE B 31 ? 0.31955 0.23125 0.36476 0.07628  -0.06525 0.00798  286 PHE B O   
944  C CB  . PHE B 31 ? 0.31843 0.24654 0.32225 0.05605  -0.02565 0.01497  286 PHE B CB  
945  C CG  . PHE B 31 ? 0.33860 0.24330 0.31742 0.05465  -0.03039 0.05561  286 PHE B CG  
946  C CD1 . PHE B 31 ? 0.35099 0.25666 0.35098 0.05694  -0.03268 0.02361  286 PHE B CD1 
947  C CD2 . PHE B 31 ? 0.31096 0.24758 0.35518 0.12186  -0.05840 0.04539  286 PHE B CD2 
948  C CE1 . PHE B 31 ? 0.37390 0.24376 0.38367 0.09098  -0.02380 0.02048  286 PHE B CE1 
949  C CE2 . PHE B 31 ? 0.35456 0.24830 0.39015 0.11533  -0.05162 0.02353  286 PHE B CE2 
950  C CZ  . PHE B 31 ? 0.38245 0.25279 0.37707 0.08551  -0.01483 0.02621  286 PHE B CZ  
960  N N   . ILE B 32 ? 0.27003 0.22548 0.34141 0.09225  -0.04234 -0.00531 287 ILE B N   
961  C CA  . ILE B 32 ? 0.29179 0.19867 0.38053 0.08888  -0.02923 -0.04153 287 ILE B CA  
962  C C   . ILE B 32 ? 0.28618 0.20760 0.37682 0.11106  -0.02175 -0.02868 287 ILE B C   
963  O O   . ILE B 32 ? 0.27938 0.22506 0.43205 0.05370  -0.02908 0.02663  287 ILE B O   
964  C CB  . ILE B 32 ? 0.32102 0.22322 0.40204 0.12163  -0.02869 -0.05796 287 ILE B CB  
965  C CG1 . ILE B 32 ? 0.35298 0.28752 0.39574 0.15124  -0.05137 -0.03875 287 ILE B CG1 
966  C CG2 . ILE B 32 ? 0.41333 0.24714 0.43379 0.06221  -0.03903 -0.00980 287 ILE B CG2 
967  C CD1 . ILE B 32 ? 0.38971 0.35042 0.34645 0.10651  -0.05621 -0.00408 287 ILE B CD1 
979  N N   . ASP B 33 ? 0.27950 0.21618 0.37268 0.13185  0.00584  0.00140  288 ASP B N   
980  C CA  . ASP B 33 ? 0.29369 0.20599 0.44162 0.11653  0.02625  0.04352  288 ASP B CA  
981  C C   . ASP B 33 ? 0.32068 0.24432 0.43095 0.04237  -0.01738 0.08501  288 ASP B C   
982  O O   . ASP B 33 ? 0.39104 0.31093 0.46555 -0.00519 -0.04405 0.12895  288 ASP B O   
983  C CB  . ASP B 33 ? 0.33698 0.26768 0.50472 0.13299  0.01658  0.05855  288 ASP B CB  
984  C CG  . ASP B 33 ? 0.42122 0.29634 0.53991 0.15795  0.04858  -0.02815 288 ASP B CG  
985  O OD1 . ASP B 33 ? 0.52382 0.34067 0.53667 0.11778  0.06889  -0.01005 288 ASP B OD1 
986  O OD2 . ASP B 33 ? 0.46095 0.33505 0.54790 0.03461  -0.02741 -0.02626 288 ASP B OD2 
991  N N   . ALA B 34 ? 0.19645 0.28227 0.36401 0.03119  -0.01953 0.06746  289 ALA B N   
992  C CA  . ALA B 34 ? 0.18936 0.30577 0.35953 0.03787  -0.01122 0.04394  289 ALA B CA  
993  C C   . ALA B 34 ? 0.18311 0.35797 0.32705 0.02108  -0.01263 0.06209  289 ALA B C   
994  O O   . ALA B 34 ? 0.26576 0.35169 0.30675 -0.03385 0.01521  0.04140  289 ALA B O   
995  C CB  . ALA B 34 ? 0.23047 0.35087 0.34143 -0.00203 -0.01658 0.05406  289 ALA B CB  
1001 N N   . LEU B 35 ? 0.20976 0.44191 0.33709 -0.00686 0.00479  0.08305  290 LEU B N   
1002 C CA  . LEU B 35 ? 0.20564 0.47916 0.34094 -0.02868 0.00165  0.02744  290 LEU B CA  
1003 C C   . LEU B 35 ? 0.13348 0.48517 0.39987 0.04008  -0.02652 0.02749  290 LEU B C   
1004 O O   . LEU B 35 ? 0.17562 0.51548 0.42950 0.05521  0.01630  0.06118  290 LEU B O   
1005 C CB  . LEU B 35 ? 0.26399 0.42959 0.29541 -0.01676 -0.01474 0.06626  290 LEU B CB  
1006 C CG  . LEU B 35 ? 0.30197 0.42477 0.26319 -0.03930 -0.02476 0.08002  290 LEU B CG  
1007 C CD1 . LEU B 35 ? 0.32452 0.39050 0.28872 0.02768  -0.00053 0.03703  290 LEU B CD1 
1008 C CD2 . LEU B 35 ? 0.38647 0.43111 0.29144 -0.11409 -0.04039 0.08196  290 LEU B CD2 
1020 N N   . GLN B 36 ? 0.28500 0.42614 0.41670 0.02810  0.01298  0.00133  291 GLN B N   
1021 C CA  . GLN B 36 ? 0.34115 0.46727 0.48969 0.05017  -0.01514 0.03659  291 GLN B CA  
1022 C C   . GLN B 36 ? 0.39052 0.50054 0.48060 -0.00223 0.04512  0.06390  291 GLN B C   
1023 O O   . GLN B 36 ? 0.35795 0.46680 0.50159 0.07940  0.04494  0.10898  291 GLN B O   
1024 C CB  . GLN B 36 ? 0.44480 0.46307 0.58823 0.06983  -0.04024 0.01437  291 GLN B CB  
1025 C CG  . GLN B 36 ? 0.55691 0.49939 0.67171 0.00224  0.00134  -0.04338 291 GLN B CG  
1026 C CD  . GLN B 36 ? 0.61613 0.53836 0.73748 -0.01098 0.05148  -0.11797 291 GLN B CD  
1027 O OE1 . GLN B 36 ? 0.66707 0.63316 0.76881 -0.06256 0.05350  -0.09905 291 GLN B OE1 
1028 N NE2 . GLN B 36 ? 0.59454 0.43444 0.75030 0.03635  0.08951  -0.21116 291 GLN B NE2 
1029 O OXT . GLN B 36 ? 0.41409 0.50547 0.46970 -0.02426 0.09130  0.02085  291 GLN B OXT 
# 
